data_4X4U
#
_entry.id   4X4U
#
_cell.length_a   114.988
_cell.length_b   84.049
_cell.length_c   135.524
_cell.angle_alpha   90.000
_cell.angle_beta   103.420
_cell.angle_gamma   90.000
#
_symmetry.space_group_name_H-M   'P 1 21 1'
#
loop_
_entity.id
_entity.type
_entity.pdbx_description
1 polymer 'CCA-adding enzyme'
2 polymer 'human MenBeta minihelix'
3 polymer "RNA (5'-D(*GP*G)-3')"
4 non-polymer 'DIPHOSPHOMETHYLPHOSPHONIC ACID ADENOSYL ESTER'
5 non-polymer GLYCEROL
6 non-polymer DI(HYDROXYETHYL)ETHER
7 water water
#
loop_
_entity_poly.entity_id
_entity_poly.type
_entity_poly.pdbx_seq_one_letter_code
_entity_poly.pdbx_strand_id
1 'polypeptide(L)'
;MKVEEILEKALELVIPDEEEVRKGREAEEELRRRLDELGVEYVFVGSYARNTWLKGSLEIDVFLLFPEEFSKEELRERGL
EIGKAVLDSYEIRYAEHPYVHGVVKGVEVDVVPCYKLKEPKNIKSAVDRTPFHHKWLEGRIKGKENEVRLLKGFLKANGI
YGAEYKVRGFSGYLCELLIVFYGSFLETVKNARRWTRRTVIDVAKGEVRKGEEFFVVDPVDEKRNVAANLSLDNLARFVH
LCREFMEAPSLGFFKPKHPLEIEPERLRKIVEERGTAVFAVKFRKPDIVDDNLYPQLERASRKIFEFLERENFMPLRSAF
KASEEFCYLLFECQIKEISRVFRRMGPQFEDERNVKKFLSRNRAFRPFIENGRWWAFEMRKFTTPEEGVRSYASTHWHTL
GKNVGESIREYFEIISGEKLFKEPVTAELCEMMGVKDSNSSSVDKLAAALEHHHHHH
;
A,C,E,F
2 'polyribonucleotide' GGCGCUGCGGGGUUCGAGUCCCCGCAGUGUUGCCACC B,D,G
3 'polyribonucleotide' GG H
#
loop_
_chem_comp.id
_chem_comp.type
_chem_comp.name
_chem_comp.formula
A RNA linking ADENOSINE-5'-MONOPHOSPHATE 'C10 H14 N5 O7 P'
APC non-polymer 'DIPHOSPHOMETHYLPHOSPHONIC ACID ADENOSYL ESTER' 'C11 H18 N5 O12 P3'
C RNA linking CYTIDINE-5'-MONOPHOSPHATE 'C9 H14 N3 O8 P'
G RNA linking GUANOSINE-5'-MONOPHOSPHATE 'C10 H14 N5 O8 P'
GOL non-polymer GLYCEROL 'C3 H8 O3'
PEG non-polymer DI(HYDROXYETHYL)ETHER 'C4 H10 O3'
U RNA linking URIDINE-5'-MONOPHOSPHATE 'C9 H13 N2 O9 P'
#
# COMPACT_ATOMS: atom_id res chain seq x y z
N MET A 1 -4.91 25.07 -48.44
CA MET A 1 -4.23 24.99 -49.76
C MET A 1 -5.12 24.28 -50.77
N LYS A 2 -4.64 24.20 -52.02
CA LYS A 2 -5.36 23.51 -53.07
C LYS A 2 -5.71 22.09 -52.64
N VAL A 3 -7.01 21.82 -52.55
CA VAL A 3 -7.50 20.53 -52.08
C VAL A 3 -6.90 19.41 -52.90
N GLU A 4 -6.71 19.68 -54.19
CA GLU A 4 -6.14 18.70 -55.11
C GLU A 4 -4.73 18.31 -54.71
N GLU A 5 -4.02 19.25 -54.08
CA GLU A 5 -2.64 19.02 -53.67
C GLU A 5 -2.60 18.18 -52.41
N ILE A 6 -3.54 18.42 -51.51
CA ILE A 6 -3.62 17.65 -50.27
C ILE A 6 -3.82 16.18 -50.59
N LEU A 7 -4.68 15.89 -51.57
CA LEU A 7 -5.04 14.53 -51.88
C LEU A 7 -3.90 13.81 -52.61
N GLU A 8 -3.15 14.56 -53.41
CA GLU A 8 -2.00 13.99 -54.10
C GLU A 8 -0.95 13.54 -53.09
N LYS A 9 -0.68 14.39 -52.10
CA LYS A 9 0.28 14.04 -51.05
C LYS A 9 -0.31 12.99 -50.12
N ALA A 10 -1.62 12.83 -50.15
CA ALA A 10 -2.29 11.84 -49.30
C ALA A 10 -2.14 10.45 -49.87
N LEU A 11 -1.93 10.35 -51.18
CA LEU A 11 -1.70 9.06 -51.82
C LEU A 11 -0.46 8.37 -51.28
N GLU A 12 0.50 9.19 -50.83
CA GLU A 12 1.77 8.68 -50.32
C GLU A 12 1.57 7.85 -49.06
N LEU A 13 0.75 8.36 -48.15
CA LEU A 13 0.49 7.69 -46.89
C LEU A 13 -0.47 6.52 -47.07
N VAL A 14 -0.92 6.30 -48.30
CA VAL A 14 -2.09 5.45 -48.54
C VAL A 14 -1.83 4.36 -49.58
N ILE A 15 -1.01 4.63 -50.59
CA ILE A 15 -0.69 3.64 -51.62
C ILE A 15 0.56 2.83 -51.26
N PRO A 16 0.47 1.49 -51.33
CA PRO A 16 1.65 0.68 -51.03
C PRO A 16 2.76 0.81 -52.10
N ASP A 17 4.00 0.99 -51.66
CA ASP A 17 5.12 1.18 -52.57
C ASP A 17 5.48 -0.12 -53.32
N GLU A 18 6.37 0.00 -54.30
CA GLU A 18 6.78 -1.13 -55.14
C GLU A 18 7.31 -2.32 -54.33
N GLU A 19 7.93 -2.02 -53.18
CA GLU A 19 8.53 -3.05 -52.33
C GLU A 19 7.47 -3.95 -51.70
N GLU A 20 6.30 -3.39 -51.44
CA GLU A 20 5.22 -4.14 -50.80
C GLU A 20 4.38 -4.89 -51.84
N VAL A 21 4.33 -4.36 -53.06
CA VAL A 21 3.59 -5.00 -54.15
C VAL A 21 4.27 -6.30 -54.56
N ARG A 22 5.54 -6.22 -54.93
CA ARG A 22 6.28 -7.39 -55.39
C ARG A 22 6.31 -8.46 -54.29
N LYS A 23 6.33 -8.02 -53.04
CA LYS A 23 6.22 -8.94 -51.92
C LYS A 23 4.94 -9.75 -52.07
N GLY A 24 3.86 -9.06 -52.42
CA GLY A 24 2.56 -9.71 -52.58
C GLY A 24 2.41 -10.39 -53.92
N ARG A 25 3.03 -9.81 -54.95
CA ARG A 25 2.95 -10.38 -56.30
C ARG A 25 3.71 -11.70 -56.34
N GLU A 26 4.84 -11.76 -55.66
CA GLU A 26 5.63 -12.98 -55.60
C GLU A 26 4.94 -14.02 -54.71
N ALA A 27 4.02 -13.58 -53.87
CA ALA A 27 3.26 -14.49 -53.02
C ALA A 27 2.03 -14.99 -53.75
N GLU A 28 1.44 -14.10 -54.55
CA GLU A 28 0.26 -14.43 -55.37
C GLU A 28 0.62 -15.50 -56.39
N GLU A 29 1.67 -15.25 -57.15
CA GLU A 29 2.09 -16.15 -58.23
C GLU A 29 2.53 -17.50 -57.66
N GLU A 30 3.20 -17.48 -56.50
CA GLU A 30 3.66 -18.71 -55.88
C GLU A 30 2.54 -19.45 -55.16
N LEU A 31 1.49 -18.73 -54.80
CA LEU A 31 0.34 -19.36 -54.15
C LEU A 31 -0.51 -20.09 -55.19
N ARG A 32 -0.52 -19.57 -56.41
CA ARG A 32 -1.31 -20.16 -57.50
C ARG A 32 -0.66 -21.44 -58.04
N ARG A 33 0.66 -21.41 -58.22
CA ARG A 33 1.38 -22.57 -58.73
C ARG A 33 1.17 -23.78 -57.82
N ARG A 34 0.96 -23.53 -56.53
CA ARG A 34 0.73 -24.60 -55.57
C ARG A 34 -0.72 -25.05 -55.62
N LEU A 35 -1.64 -24.10 -55.78
CA LEU A 35 -3.06 -24.41 -55.84
C LEU A 35 -3.44 -25.17 -57.10
N ASP A 36 -2.64 -25.01 -58.15
CA ASP A 36 -2.91 -25.65 -59.44
C ASP A 36 -2.47 -27.11 -59.46
N GLU A 37 -1.38 -27.42 -58.76
CA GLU A 37 -0.83 -28.77 -58.74
C GLU A 37 -1.76 -29.75 -58.05
N LEU A 38 -2.63 -29.23 -57.18
CA LEU A 38 -3.62 -30.06 -56.49
C LEU A 38 -4.86 -30.27 -57.37
N GLY A 39 -5.18 -29.27 -58.19
CA GLY A 39 -6.29 -29.38 -59.12
C GLY A 39 -7.63 -29.04 -58.50
N VAL A 40 -7.64 -28.02 -57.65
CA VAL A 40 -8.85 -27.57 -56.98
C VAL A 40 -9.33 -26.24 -57.56
N GLU A 41 -10.64 -26.03 -57.57
CA GLU A 41 -11.21 -24.78 -58.04
C GLU A 41 -11.10 -23.70 -56.97
N TYR A 42 -10.51 -22.57 -57.32
CA TYR A 42 -10.32 -21.46 -56.40
C TYR A 42 -10.48 -20.13 -57.13
N VAL A 43 -10.59 -19.05 -56.35
CA VAL A 43 -10.69 -17.71 -56.92
C VAL A 43 -10.07 -16.71 -55.95
N PHE A 44 -9.30 -15.79 -56.51
CA PHE A 44 -8.70 -14.72 -55.72
C PHE A 44 -9.66 -13.55 -55.62
N VAL A 45 -10.27 -13.40 -54.44
CA VAL A 45 -11.16 -12.28 -54.16
C VAL A 45 -10.52 -11.35 -53.14
N GLY A 46 -11.26 -10.30 -52.77
CA GLY A 46 -10.81 -9.38 -51.74
C GLY A 46 -10.19 -8.12 -52.29
N SER A 47 -9.68 -7.30 -51.38
CA SER A 47 -9.08 -6.02 -51.72
C SER A 47 -7.76 -6.16 -52.47
N TYR A 48 -7.08 -7.29 -52.29
CA TYR A 48 -5.85 -7.55 -53.02
C TYR A 48 -6.15 -7.83 -54.50
N ALA A 49 -7.16 -8.66 -54.74
CA ALA A 49 -7.57 -9.03 -56.10
C ALA A 49 -7.96 -7.80 -56.92
N ARG A 50 -8.42 -6.75 -56.26
CA ARG A 50 -8.84 -5.54 -56.94
C ARG A 50 -7.83 -4.42 -56.80
N ASN A 51 -6.72 -4.71 -56.11
CA ASN A 51 -5.65 -3.74 -55.96
C ASN A 51 -6.17 -2.47 -55.30
N THR A 52 -6.84 -2.64 -54.17
CA THR A 52 -7.44 -1.52 -53.43
C THR A 52 -7.06 -1.56 -51.96
N TRP A 53 -6.18 -2.50 -51.60
CA TRP A 53 -5.77 -2.66 -50.21
C TRP A 53 -4.98 -1.44 -49.78
N LEU A 54 -5.20 -1.03 -48.53
CA LEU A 54 -4.53 0.14 -48.00
C LEU A 54 -3.07 -0.17 -47.67
N LYS A 55 -2.22 0.83 -47.76
CA LYS A 55 -0.81 0.67 -47.43
C LYS A 55 -0.67 0.21 -45.99
N GLY A 56 -0.03 -0.94 -45.78
CA GLY A 56 0.19 -1.48 -44.45
C GLY A 56 -0.71 -2.65 -44.11
N SER A 57 -1.92 -2.65 -44.67
CA SER A 57 -2.92 -3.68 -44.38
C SER A 57 -3.04 -4.68 -45.53
N LEU A 58 -1.90 -5.24 -45.94
CA LEU A 58 -1.86 -6.21 -47.04
C LEU A 58 -2.36 -7.58 -46.58
N GLU A 59 -3.22 -8.20 -47.38
CA GLU A 59 -3.77 -9.51 -47.07
C GLU A 59 -4.40 -10.15 -48.29
N ILE A 60 -3.80 -11.24 -48.78
CA ILE A 60 -4.30 -11.93 -49.96
C ILE A 60 -5.31 -13.00 -49.56
N ASP A 61 -6.56 -12.83 -49.99
CA ASP A 61 -7.63 -13.76 -49.67
C ASP A 61 -7.90 -14.67 -50.85
N VAL A 62 -8.05 -15.97 -50.58
CA VAL A 62 -8.40 -16.95 -51.60
C VAL A 62 -9.63 -17.73 -51.16
N PHE A 63 -10.59 -17.88 -52.07
CA PHE A 63 -11.82 -18.62 -51.79
C PHE A 63 -11.88 -19.89 -52.61
N LEU A 64 -12.02 -21.02 -51.92
CA LEU A 64 -12.11 -22.32 -52.56
C LEU A 64 -13.55 -22.60 -52.98
N LEU A 65 -13.79 -22.63 -54.28
CA LEU A 65 -15.11 -22.91 -54.82
C LEU A 65 -15.33 -24.41 -54.92
N PHE A 66 -16.34 -24.91 -54.22
CA PHE A 66 -16.69 -26.33 -54.27
C PHE A 66 -18.09 -26.50 -54.86
N PRO A 67 -18.34 -27.65 -55.52
CA PRO A 67 -19.68 -27.93 -56.02
C PRO A 67 -20.68 -28.15 -54.88
N GLU A 68 -21.95 -27.84 -55.12
CA GLU A 68 -22.97 -27.92 -54.08
C GLU A 68 -23.56 -29.33 -53.94
N GLU A 69 -22.91 -30.31 -54.56
CA GLU A 69 -23.35 -31.70 -54.46
C GLU A 69 -23.05 -32.24 -53.06
N PHE A 70 -21.88 -31.88 -52.52
CA PHE A 70 -21.52 -32.24 -51.16
C PHE A 70 -21.91 -31.10 -50.21
N SER A 71 -23.14 -31.17 -49.71
CA SER A 71 -23.68 -30.12 -48.86
C SER A 71 -23.32 -30.33 -47.38
N LYS A 72 -23.75 -29.39 -46.55
CA LYS A 72 -23.56 -29.47 -45.10
C LYS A 72 -22.08 -29.48 -44.69
N GLU A 73 -21.68 -30.46 -43.88
CA GLU A 73 -20.33 -30.51 -43.34
C GLU A 73 -19.42 -31.37 -44.21
N GLU A 74 -19.90 -31.75 -45.39
CA GLU A 74 -19.17 -32.64 -46.27
C GLU A 74 -18.16 -31.91 -47.16
N LEU A 75 -17.83 -30.67 -46.80
CA LEU A 75 -16.85 -29.89 -47.57
C LEU A 75 -16.07 -28.90 -46.70
N ARG A 76 -16.42 -28.80 -45.42
CA ARG A 76 -15.74 -27.89 -44.52
C ARG A 76 -14.30 -28.33 -44.27
N GLU A 77 -14.14 -29.50 -43.65
CA GLU A 77 -12.83 -30.03 -43.32
C GLU A 77 -12.06 -30.47 -44.57
N ARG A 78 -12.78 -30.64 -45.68
CA ARG A 78 -12.16 -31.01 -46.94
C ARG A 78 -11.35 -29.84 -47.50
N GLY A 79 -11.67 -28.64 -47.05
CA GLY A 79 -10.94 -27.44 -47.43
C GLY A 79 -9.76 -27.16 -46.50
N LEU A 80 -9.89 -27.59 -45.26
CA LEU A 80 -8.81 -27.42 -44.27
C LEU A 80 -7.57 -28.23 -44.66
N GLU A 81 -7.78 -29.33 -45.38
CA GLU A 81 -6.66 -30.16 -45.82
C GLU A 81 -5.84 -29.43 -46.89
N ILE A 82 -6.53 -28.71 -47.76
CA ILE A 82 -5.87 -27.97 -48.84
C ILE A 82 -5.18 -26.73 -48.28
N GLY A 83 -5.76 -26.17 -47.21
CA GLY A 83 -5.23 -24.97 -46.60
C GLY A 83 -3.80 -25.12 -46.12
N LYS A 84 -3.57 -26.07 -45.22
CA LYS A 84 -2.25 -26.28 -44.63
C LYS A 84 -1.22 -26.65 -45.69
N ALA A 85 -1.66 -27.30 -46.76
CA ALA A 85 -0.76 -27.79 -47.80
C ALA A 85 -0.05 -26.64 -48.51
N VAL A 86 -0.82 -25.71 -49.06
CA VAL A 86 -0.26 -24.61 -49.84
C VAL A 86 0.28 -23.49 -48.96
N LEU A 87 0.01 -23.57 -47.65
CA LEU A 87 0.47 -22.57 -46.69
C LEU A 87 1.73 -23.01 -45.98
N ASP A 88 2.50 -22.03 -45.51
CA ASP A 88 3.74 -22.30 -44.80
C ASP A 88 3.50 -22.34 -43.30
N SER A 89 2.44 -21.66 -42.85
CA SER A 89 2.11 -21.59 -41.42
C SER A 89 0.61 -21.74 -41.21
N TYR A 90 0.19 -22.90 -40.70
CA TYR A 90 -1.22 -23.17 -40.48
C TYR A 90 -1.63 -22.72 -39.08
N GLU A 91 -2.82 -22.15 -38.97
CA GLU A 91 -3.39 -21.76 -37.68
C GLU A 91 -4.86 -21.40 -37.82
N ILE A 92 -5.72 -22.40 -37.65
CA ILE A 92 -7.16 -22.24 -37.86
C ILE A 92 -7.72 -21.16 -36.94
N ARG A 93 -8.66 -20.38 -37.48
CA ARG A 93 -9.36 -19.36 -36.72
C ARG A 93 -10.86 -19.51 -36.96
N TYR A 94 -11.67 -18.96 -36.06
CA TYR A 94 -13.11 -19.04 -36.16
C TYR A 94 -13.70 -17.65 -36.42
N HIS A 97 -18.44 -21.31 -38.34
CA HIS A 97 -17.85 -21.32 -39.68
C HIS A 97 -16.32 -21.27 -39.61
N PRO A 98 -15.63 -22.27 -40.21
CA PRO A 98 -14.18 -22.35 -40.11
C PRO A 98 -13.43 -21.71 -41.28
N TYR A 99 -12.14 -21.46 -41.08
CA TYR A 99 -11.25 -21.03 -42.15
C TYR A 99 -9.80 -21.11 -41.68
N VAL A 100 -8.87 -21.15 -42.63
CA VAL A 100 -7.46 -21.31 -42.32
C VAL A 100 -6.67 -20.04 -42.63
N HIS A 101 -6.00 -19.51 -41.61
CA HIS A 101 -5.13 -18.34 -41.77
C HIS A 101 -3.68 -18.79 -41.81
N GLY A 102 -2.86 -18.10 -42.57
CA GLY A 102 -1.45 -18.44 -42.69
C GLY A 102 -0.67 -17.44 -43.51
N VAL A 103 0.56 -17.81 -43.87
CA VAL A 103 1.42 -16.92 -44.66
C VAL A 103 2.02 -17.65 -45.85
N VAL A 104 2.38 -16.89 -46.87
CA VAL A 104 3.08 -17.42 -48.04
C VAL A 104 4.18 -16.44 -48.42
N LYS A 105 5.41 -16.79 -48.07
CA LYS A 105 6.57 -15.92 -48.28
C LYS A 105 6.35 -14.58 -47.58
N GLY A 106 6.00 -14.66 -46.30
CA GLY A 106 5.90 -13.48 -45.45
C GLY A 106 4.58 -12.74 -45.57
N VAL A 107 3.85 -12.98 -46.66
CA VAL A 107 2.59 -12.29 -46.93
C VAL A 107 1.43 -12.98 -46.21
N GLU A 108 0.60 -12.17 -45.56
CA GLU A 108 -0.58 -12.70 -44.85
C GLU A 108 -1.58 -13.26 -45.85
N VAL A 109 -2.21 -14.38 -45.51
CA VAL A 109 -3.14 -15.05 -46.42
C VAL A 109 -4.34 -15.66 -45.70
N ASP A 110 -5.49 -15.66 -46.38
CA ASP A 110 -6.69 -16.35 -45.91
C ASP A 110 -7.17 -17.35 -46.96
N VAL A 111 -7.50 -18.55 -46.49
CA VAL A 111 -8.05 -19.60 -47.35
C VAL A 111 -9.40 -20.00 -46.79
N VAL A 112 -10.45 -19.80 -47.60
CA VAL A 112 -11.82 -19.98 -47.14
C VAL A 112 -12.61 -20.89 -48.09
N PRO A 113 -13.31 -21.89 -47.53
CA PRO A 113 -14.16 -22.74 -48.36
C PRO A 113 -15.59 -22.19 -48.47
N CYS A 114 -16.19 -22.36 -49.64
CA CYS A 114 -17.57 -21.93 -49.87
C CYS A 114 -18.11 -22.59 -51.14
N TYR A 115 -19.42 -22.55 -51.33
CA TYR A 115 -20.05 -23.16 -52.49
C TYR A 115 -19.89 -22.31 -53.74
N LYS A 116 -19.96 -22.95 -54.89
CA LYS A 116 -19.82 -22.25 -56.17
C LYS A 116 -21.10 -21.52 -56.52
N LEU A 117 -22.22 -22.23 -56.46
CA LEU A 117 -23.55 -21.65 -56.67
C LEU A 117 -23.77 -21.07 -58.07
N LYS A 118 -25.03 -20.84 -58.40
CA LYS A 118 -25.41 -20.38 -59.74
C LYS A 118 -25.28 -18.87 -59.83
N GLU A 119 -26.21 -18.17 -59.18
CA GLU A 119 -26.24 -16.71 -59.13
C GLU A 119 -26.65 -16.35 -57.71
N PRO A 120 -26.58 -15.05 -57.34
CA PRO A 120 -26.89 -14.75 -55.94
C PRO A 120 -28.38 -14.84 -55.60
N LYS A 121 -28.98 -16.01 -55.86
CA LYS A 121 -30.34 -16.31 -55.46
C LYS A 121 -30.32 -17.46 -54.45
N ASN A 122 -29.26 -18.26 -54.50
CA ASN A 122 -29.08 -19.39 -53.59
C ASN A 122 -28.36 -18.97 -52.32
N ILE A 123 -28.42 -17.68 -52.00
CA ILE A 123 -27.74 -17.15 -50.83
C ILE A 123 -28.39 -17.65 -49.54
N LYS A 124 -27.82 -18.72 -49.00
CA LYS A 124 -28.20 -19.23 -47.68
C LYS A 124 -27.06 -18.88 -46.72
N SER A 125 -25.91 -19.51 -46.94
CA SER A 125 -24.71 -19.19 -46.16
C SER A 125 -24.25 -17.78 -46.51
N ALA A 126 -23.85 -17.03 -45.49
CA ALA A 126 -23.48 -15.63 -45.68
C ALA A 126 -22.12 -15.49 -46.35
N VAL A 127 -21.26 -16.48 -46.15
CA VAL A 127 -19.93 -16.48 -46.76
C VAL A 127 -20.04 -16.57 -48.28
N ASP A 128 -21.03 -17.32 -48.76
CA ASP A 128 -21.27 -17.45 -50.18
C ASP A 128 -21.89 -16.17 -50.72
N ARG A 129 -21.10 -15.10 -50.68
CA ARG A 129 -21.53 -13.78 -51.15
C ARG A 129 -20.32 -12.97 -51.61
N THR A 130 -19.18 -13.19 -50.98
CA THR A 130 -17.95 -12.51 -51.33
C THR A 130 -17.57 -12.65 -52.81
N PRO A 131 -17.68 -13.87 -53.38
CA PRO A 131 -17.33 -14.00 -54.80
C PRO A 131 -18.24 -13.14 -55.67
N PHE A 132 -19.52 -13.09 -55.32
CA PHE A 132 -20.48 -12.27 -56.06
C PHE A 132 -20.17 -10.80 -55.84
N HIS A 133 -19.75 -10.43 -54.65
CA HIS A 133 -19.36 -9.05 -54.40
C HIS A 133 -18.17 -8.68 -55.26
N HIS A 134 -17.15 -9.55 -55.23
CA HIS A 134 -15.95 -9.35 -56.03
C HIS A 134 -16.32 -9.17 -57.51
N LYS A 135 -17.14 -10.09 -58.01
CA LYS A 135 -17.56 -10.05 -59.41
C LYS A 135 -18.29 -8.75 -59.76
N TRP A 136 -19.05 -8.19 -58.81
CA TRP A 136 -19.79 -6.98 -59.08
C TRP A 136 -18.85 -5.77 -59.15
N LEU A 137 -17.74 -5.84 -58.42
CA LEU A 137 -16.82 -4.72 -58.29
C LEU A 137 -15.63 -4.79 -59.23
N GLU A 138 -15.32 -5.99 -59.70
CA GLU A 138 -14.09 -6.25 -60.46
C GLU A 138 -13.89 -5.28 -61.62
N GLY A 139 -14.97 -5.03 -62.37
CA GLY A 139 -14.90 -4.16 -63.53
C GLY A 139 -15.23 -2.71 -63.25
N ARG A 140 -16.08 -2.47 -62.26
CA ARG A 140 -16.53 -1.11 -61.96
C ARG A 140 -15.47 -0.32 -61.20
N ILE A 141 -14.68 -0.99 -60.37
CA ILE A 141 -13.72 -0.29 -59.54
C ILE A 141 -12.45 0.06 -60.33
N LYS A 142 -12.27 -0.58 -61.49
CA LYS A 142 -11.08 -0.36 -62.31
C LYS A 142 -10.90 1.10 -62.69
N GLY A 143 -9.79 1.68 -62.25
CA GLY A 143 -9.47 3.05 -62.54
C GLY A 143 -9.77 3.97 -61.37
N LYS A 144 -10.25 3.39 -60.27
CA LYS A 144 -10.62 4.17 -59.10
C LYS A 144 -9.98 3.65 -57.81
N GLU A 145 -9.07 2.69 -57.96
CA GLU A 145 -8.38 2.05 -56.86
C GLU A 145 -7.83 3.05 -55.85
N ASN A 146 -7.20 4.12 -56.35
CA ASN A 146 -6.64 5.12 -55.45
C ASN A 146 -7.70 5.93 -54.70
N GLU A 147 -8.87 6.11 -55.31
CA GLU A 147 -9.96 6.80 -54.65
C GLU A 147 -10.44 5.96 -53.47
N VAL A 148 -10.50 4.65 -53.68
CA VAL A 148 -10.84 3.71 -52.61
C VAL A 148 -9.82 3.78 -51.50
N ARG A 149 -8.54 3.79 -51.87
CA ARG A 149 -7.47 3.81 -50.88
C ARG A 149 -7.50 5.11 -50.07
N LEU A 150 -7.83 6.22 -50.72
CA LEU A 150 -7.93 7.51 -50.05
C LEU A 150 -9.05 7.49 -49.02
N LEU A 151 -10.20 6.95 -49.41
CA LEU A 151 -11.33 6.88 -48.49
C LEU A 151 -10.97 6.05 -47.26
N LYS A 152 -10.33 4.90 -47.51
CA LYS A 152 -9.97 3.97 -46.44
C LYS A 152 -9.01 4.60 -45.46
N GLY A 153 -7.96 5.23 -45.96
CA GLY A 153 -6.97 5.85 -45.11
C GLY A 153 -7.58 6.98 -44.30
N PHE A 154 -8.52 7.68 -44.91
CA PHE A 154 -9.22 8.78 -44.26
C PHE A 154 -10.02 8.26 -43.08
N LEU A 155 -10.71 7.14 -43.29
CA LEU A 155 -11.52 6.53 -42.26
C LEU A 155 -10.62 5.86 -41.23
N LYS A 156 -9.54 5.27 -41.72
CA LYS A 156 -8.60 4.56 -40.87
C LYS A 156 -7.97 5.52 -39.87
N ALA A 157 -7.58 6.69 -40.38
CA ALA A 157 -6.90 7.68 -39.55
C ALA A 157 -7.83 8.34 -38.52
N ASN A 158 -9.12 8.01 -38.57
CA ASN A 158 -10.09 8.57 -37.64
C ASN A 158 -10.87 7.47 -36.92
N GLY A 159 -10.28 6.28 -36.90
CA GLY A 159 -10.76 5.17 -36.10
C GLY A 159 -12.14 4.70 -36.46
N ILE A 160 -12.52 4.84 -37.73
CA ILE A 160 -13.83 4.40 -38.18
C ILE A 160 -13.75 3.52 -39.45
N TYR A 161 -12.61 2.87 -39.65
CA TYR A 161 -12.49 1.93 -40.75
C TYR A 161 -12.64 0.49 -40.26
N GLY A 162 -13.49 -0.28 -40.95
CA GLY A 162 -13.73 -1.67 -40.61
C GLY A 162 -15.05 -1.84 -39.91
N ALA A 163 -15.75 -2.91 -40.27
CA ALA A 163 -17.05 -3.22 -39.67
C ALA A 163 -16.91 -4.07 -38.42
N GLU A 164 -15.69 -4.52 -38.10
CA GLU A 164 -15.47 -5.34 -36.90
C GLU A 164 -16.00 -4.61 -35.66
N TYR A 165 -16.55 -5.37 -34.72
CA TYR A 165 -17.22 -4.79 -33.57
C TYR A 165 -16.35 -3.87 -32.70
N LYS A 166 -15.04 -4.08 -32.71
CA LYS A 166 -14.17 -3.17 -31.98
C LYS A 166 -14.26 -1.75 -32.58
N VAL A 167 -14.66 -1.66 -33.84
CA VAL A 167 -14.72 -0.39 -34.55
C VAL A 167 -16.14 0.06 -34.85
N ARG A 168 -16.96 -0.85 -35.36
CA ARG A 168 -18.31 -0.50 -35.84
C ARG A 168 -18.28 0.70 -36.81
N GLY A 169 -17.47 0.57 -37.85
CA GLY A 169 -17.27 1.63 -38.84
C GLY A 169 -17.56 1.12 -40.23
N PHE A 170 -16.90 1.69 -41.24
CA PHE A 170 -17.13 1.37 -42.66
C PHE A 170 -16.28 0.18 -43.12
N SER A 171 -16.94 -0.86 -43.61
CA SER A 171 -16.24 -2.01 -44.18
C SER A 171 -15.60 -1.63 -45.51
N GLY A 172 -14.57 -2.39 -45.88
CA GLY A 172 -13.87 -2.12 -47.12
C GLY A 172 -14.81 -2.13 -48.29
N TYR A 173 -15.70 -3.13 -48.30
CA TYR A 173 -16.66 -3.29 -49.39
C TYR A 173 -17.51 -2.03 -49.49
N LEU A 174 -17.96 -1.52 -48.35
CA LEU A 174 -18.77 -0.32 -48.31
C LEU A 174 -18.04 0.85 -48.95
N CYS A 175 -16.75 0.98 -48.66
CA CYS A 175 -15.95 2.06 -49.19
C CYS A 175 -15.90 2.00 -50.72
N GLU A 176 -15.72 0.79 -51.24
CA GLU A 176 -15.63 0.61 -52.68
C GLU A 176 -16.96 0.98 -53.32
N LEU A 177 -18.07 0.55 -52.72
CA LEU A 177 -19.39 0.89 -53.25
C LEU A 177 -19.60 2.41 -53.24
N LEU A 178 -19.13 3.07 -52.19
CA LEU A 178 -19.30 4.51 -52.07
C LEU A 178 -18.52 5.22 -53.18
N ILE A 179 -17.34 4.70 -53.51
CA ILE A 179 -16.51 5.29 -54.55
C ILE A 179 -17.11 5.03 -55.92
N VAL A 180 -17.67 3.84 -56.13
CA VAL A 180 -18.33 3.52 -57.38
C VAL A 180 -19.58 4.38 -57.54
N PHE A 181 -20.19 4.76 -56.42
CA PHE A 181 -21.43 5.51 -56.48
C PHE A 181 -21.19 6.98 -56.77
N TYR A 182 -20.24 7.59 -56.07
CA TYR A 182 -19.99 9.01 -56.23
C TYR A 182 -18.84 9.25 -57.22
N GLY A 183 -18.10 8.19 -57.55
CA GLY A 183 -17.06 8.28 -58.55
C GLY A 183 -15.67 8.54 -58.00
N SER A 184 -15.57 9.22 -56.86
CA SER A 184 -14.28 9.54 -56.30
C SER A 184 -14.37 9.85 -54.81
N PHE A 185 -13.22 9.88 -54.16
CA PHE A 185 -13.16 10.17 -52.73
C PHE A 185 -13.71 11.55 -52.43
N LEU A 186 -13.32 12.52 -53.25
CA LEU A 186 -13.69 13.90 -53.01
C LEU A 186 -15.21 14.08 -53.13
N GLU A 187 -15.81 13.42 -54.12
CA GLU A 187 -17.25 13.53 -54.30
C GLU A 187 -18.00 12.87 -53.14
N THR A 188 -17.40 11.81 -52.59
CA THR A 188 -18.01 11.10 -51.46
C THR A 188 -18.06 11.99 -50.21
N VAL A 189 -16.98 12.71 -49.96
CA VAL A 189 -16.88 13.61 -48.82
C VAL A 189 -17.86 14.78 -48.96
N LYS A 190 -17.89 15.40 -50.13
CA LYS A 190 -18.79 16.53 -50.38
C LYS A 190 -20.24 16.17 -50.14
N ASN A 191 -20.66 15.02 -50.65
CA ASN A 191 -22.03 14.55 -50.49
C ASN A 191 -22.33 13.99 -49.09
N ALA A 192 -21.34 13.36 -48.46
CA ALA A 192 -21.56 12.78 -47.15
C ALA A 192 -22.06 13.86 -46.20
N ARG A 193 -21.64 15.10 -46.46
CA ARG A 193 -21.98 16.23 -45.60
C ARG A 193 -23.48 16.38 -45.42
N ARG A 194 -24.24 15.86 -46.38
CA ARG A 194 -25.71 15.95 -46.36
C ARG A 194 -26.39 14.61 -46.08
N TRP A 195 -25.62 13.58 -45.73
CA TRP A 195 -26.21 12.33 -45.24
C TRP A 195 -26.99 12.57 -43.95
N THR A 196 -28.04 11.78 -43.74
CA THR A 196 -28.83 11.85 -42.51
C THR A 196 -28.99 10.44 -42.02
N ARG A 197 -29.56 10.29 -40.82
CA ARG A 197 -29.75 8.97 -40.24
C ARG A 197 -30.81 8.18 -41.01
N ARG A 198 -31.41 8.78 -42.03
CA ARG A 198 -32.44 8.12 -42.83
C ARG A 198 -32.08 7.98 -44.31
N THR A 199 -30.84 8.33 -44.66
CA THR A 199 -30.39 8.25 -46.05
C THR A 199 -30.25 6.81 -46.55
N VAL A 200 -30.77 6.56 -47.74
CA VAL A 200 -30.66 5.26 -48.37
C VAL A 200 -29.91 5.39 -49.69
N ILE A 201 -28.72 4.79 -49.75
CA ILE A 201 -27.90 4.82 -50.96
C ILE A 201 -28.09 3.53 -51.75
N ASP A 202 -28.73 3.63 -52.90
CA ASP A 202 -29.01 2.45 -53.73
C ASP A 202 -28.15 2.48 -55.00
N VAL A 203 -26.99 1.83 -54.93
CA VAL A 203 -26.00 1.89 -55.99
C VAL A 203 -26.52 1.30 -57.29
N ALA A 204 -27.06 0.08 -57.22
CA ALA A 204 -27.55 -0.61 -58.40
C ALA A 204 -28.62 0.22 -59.12
N LYS A 205 -29.53 0.82 -58.36
CA LYS A 205 -30.57 1.67 -58.95
C LYS A 205 -30.05 3.07 -59.23
N GLY A 206 -28.84 3.35 -58.70
CA GLY A 206 -28.17 4.62 -58.91
C GLY A 206 -28.86 5.85 -58.35
N GLU A 207 -29.54 5.69 -57.21
CA GLU A 207 -30.32 6.78 -56.64
C GLU A 207 -30.15 6.87 -55.13
N VAL A 208 -30.63 7.97 -54.57
CA VAL A 208 -30.63 8.20 -53.13
C VAL A 208 -32.05 8.49 -52.68
N ARG A 209 -32.52 7.73 -51.70
CA ARG A 209 -33.87 7.91 -51.15
C ARG A 209 -33.81 8.26 -49.67
N LYS A 210 -34.99 8.49 -49.09
CA LYS A 210 -35.15 8.63 -47.65
C LYS A 210 -35.91 7.39 -47.17
N GLY A 211 -35.45 6.82 -46.05
CA GLY A 211 -35.99 5.58 -45.53
C GLY A 211 -36.10 5.61 -44.01
N GLU A 212 -36.02 4.45 -43.39
CA GLU A 212 -36.22 4.32 -41.95
C GLU A 212 -34.91 4.50 -41.19
N GLU A 213 -33.81 4.10 -41.83
CA GLU A 213 -32.50 4.15 -41.20
C GLU A 213 -31.46 4.38 -42.30
N PHE A 214 -30.22 4.60 -41.91
CA PHE A 214 -29.14 4.68 -42.89
C PHE A 214 -28.97 3.30 -43.51
N PHE A 215 -29.00 3.24 -44.84
CA PHE A 215 -29.10 1.97 -45.55
C PHE A 215 -28.40 2.04 -46.89
N VAL A 216 -27.37 1.21 -47.05
CA VAL A 216 -26.65 1.12 -48.33
C VAL A 216 -26.99 -0.22 -48.95
N VAL A 217 -27.82 -0.18 -49.99
CA VAL A 217 -28.33 -1.39 -50.61
C VAL A 217 -27.20 -2.14 -51.29
N ASP A 218 -27.04 -3.42 -50.95
CA ASP A 218 -26.04 -4.27 -51.60
C ASP A 218 -26.49 -4.56 -53.02
N PRO A 219 -25.63 -4.27 -54.03
CA PRO A 219 -26.02 -4.56 -55.42
C PRO A 219 -26.32 -6.03 -55.67
N VAL A 220 -25.84 -6.90 -54.78
CA VAL A 220 -26.02 -8.35 -54.92
C VAL A 220 -27.33 -8.82 -54.28
N ASP A 221 -27.75 -8.11 -53.24
CA ASP A 221 -28.94 -8.47 -52.48
C ASP A 221 -29.62 -7.19 -51.99
N GLU A 222 -30.79 -6.89 -52.54
CA GLU A 222 -31.48 -5.65 -52.22
C GLU A 222 -31.95 -5.58 -50.76
N LYS A 223 -32.07 -6.73 -50.11
CA LYS A 223 -32.64 -6.79 -48.77
C LYS A 223 -31.61 -6.49 -47.68
N ARG A 224 -30.33 -6.45 -48.04
CA ARG A 224 -29.28 -6.31 -47.04
C ARG A 224 -28.59 -4.95 -47.02
N ASN A 225 -28.32 -4.46 -45.81
CA ASN A 225 -27.64 -3.19 -45.60
C ASN A 225 -26.15 -3.42 -45.47
N VAL A 226 -25.39 -2.93 -46.44
CA VAL A 226 -23.94 -3.08 -46.39
C VAL A 226 -23.38 -2.34 -45.18
N ALA A 227 -24.13 -1.36 -44.69
CA ALA A 227 -23.70 -0.56 -43.56
C ALA A 227 -24.37 -1.03 -42.29
N ALA A 228 -24.84 -2.28 -42.31
CA ALA A 228 -25.58 -2.84 -41.19
C ALA A 228 -24.90 -2.57 -39.84
N ASN A 229 -23.58 -2.74 -39.79
CA ASN A 229 -22.85 -2.62 -38.55
C ASN A 229 -22.16 -1.27 -38.36
N LEU A 230 -22.49 -0.31 -39.22
CA LEU A 230 -22.03 1.07 -39.02
C LEU A 230 -22.89 1.75 -37.94
N SER A 231 -22.29 2.04 -36.78
CA SER A 231 -23.07 2.62 -35.69
C SER A 231 -23.58 4.01 -36.05
N LEU A 232 -24.65 4.42 -35.40
CA LEU A 232 -25.20 5.75 -35.64
C LEU A 232 -24.18 6.83 -35.29
N ASP A 233 -23.45 6.66 -34.19
CA ASP A 233 -22.48 7.67 -33.76
C ASP A 233 -21.26 7.80 -34.67
N ASN A 234 -20.84 6.72 -35.32
CA ASN A 234 -19.75 6.81 -36.27
C ASN A 234 -20.20 7.42 -37.60
N LEU A 235 -21.42 7.11 -38.03
CA LEU A 235 -22.00 7.79 -39.18
C LEU A 235 -21.96 9.28 -38.92
N ALA A 236 -22.46 9.70 -37.76
CA ALA A 236 -22.42 11.10 -37.35
C ALA A 236 -21.00 11.67 -37.37
N ARG A 237 -20.04 10.95 -36.78
CA ARG A 237 -18.67 11.41 -36.75
C ARG A 237 -18.14 11.65 -38.17
N PHE A 238 -18.51 10.79 -39.10
CA PHE A 238 -18.04 10.90 -40.47
C PHE A 238 -18.60 12.13 -41.16
N VAL A 239 -19.91 12.35 -41.01
CA VAL A 239 -20.56 13.51 -41.63
C VAL A 239 -19.92 14.79 -41.07
N HIS A 240 -19.69 14.81 -39.77
CA HIS A 240 -19.04 15.95 -39.15
C HIS A 240 -17.61 16.10 -39.65
N LEU A 241 -16.97 14.97 -39.93
CA LEU A 241 -15.58 14.98 -40.42
C LEU A 241 -15.53 15.54 -41.83
N CYS A 242 -16.44 15.10 -42.69
CA CYS A 242 -16.49 15.55 -44.07
C CYS A 242 -16.71 17.05 -44.14
N ARG A 243 -17.59 17.57 -43.29
CA ARG A 243 -17.83 19.00 -43.22
C ARG A 243 -16.55 19.73 -42.86
N GLU A 244 -15.91 19.30 -41.78
CA GLU A 244 -14.66 19.91 -41.32
C GLU A 244 -13.59 19.88 -42.39
N PHE A 245 -13.51 18.78 -43.12
CA PHE A 245 -12.48 18.59 -44.12
C PHE A 245 -12.64 19.63 -45.23
N MET A 246 -13.84 19.71 -45.80
CA MET A 246 -14.12 20.68 -46.87
C MET A 246 -13.99 22.13 -46.40
N GLU A 247 -14.32 22.39 -45.14
CA GLU A 247 -14.23 23.71 -44.55
C GLU A 247 -12.78 24.18 -44.51
N ALA A 248 -11.88 23.27 -44.14
CA ALA A 248 -10.47 23.59 -43.96
C ALA A 248 -9.62 22.35 -44.17
N PRO A 249 -9.41 21.94 -45.43
CA PRO A 249 -8.67 20.73 -45.78
C PRO A 249 -7.31 20.66 -45.10
N SER A 250 -6.80 19.46 -44.89
CA SER A 250 -5.53 19.26 -44.21
C SER A 250 -5.05 17.83 -44.35
N LEU A 251 -3.74 17.67 -44.52
CA LEU A 251 -3.15 16.35 -44.61
C LEU A 251 -3.30 15.61 -43.28
N GLY A 252 -3.57 16.35 -42.21
CA GLY A 252 -3.72 15.77 -40.88
C GLY A 252 -4.87 14.79 -40.76
N PHE A 253 -5.92 15.01 -41.56
CA PHE A 253 -7.09 14.12 -41.56
C PHE A 253 -6.71 12.71 -42.02
N PHE A 254 -5.53 12.56 -42.60
CA PHE A 254 -5.04 11.25 -43.03
C PHE A 254 -3.97 10.70 -42.09
N LYS A 255 -3.70 11.40 -40.99
CA LYS A 255 -2.69 10.95 -40.02
C LYS A 255 -3.35 10.52 -38.71
N PRO A 256 -2.88 9.39 -38.13
CA PRO A 256 -3.44 8.96 -36.85
C PRO A 256 -3.22 9.99 -35.74
N LYS A 257 -4.13 10.03 -34.77
CA LYS A 257 -4.04 10.95 -33.64
C LYS A 257 -3.34 10.24 -32.49
N HIS A 258 -2.31 10.86 -31.94
CA HIS A 258 -1.64 10.31 -30.77
C HIS A 258 -2.53 10.50 -29.54
N PRO A 259 -2.68 9.44 -28.71
CA PRO A 259 -3.55 9.55 -27.54
C PRO A 259 -3.15 10.71 -26.62
N LEU A 260 -4.11 11.20 -25.84
CA LEU A 260 -3.86 12.34 -24.96
C LEU A 260 -3.02 11.92 -23.76
N GLU A 261 -1.77 12.39 -23.74
CA GLU A 261 -0.85 12.14 -22.63
C GLU A 261 -1.08 13.17 -21.53
N ILE A 262 -1.23 12.68 -20.29
CA ILE A 262 -1.67 13.54 -19.19
C ILE A 262 -1.18 13.04 -17.83
N GLU A 263 -0.80 13.98 -16.97
CA GLU A 263 -0.26 13.65 -15.65
C GLU A 263 -1.36 13.22 -14.68
N PRO A 264 -1.13 12.14 -13.92
CA PRO A 264 -2.16 11.67 -12.99
C PRO A 264 -2.65 12.72 -12.00
N GLU A 265 -1.79 13.68 -11.64
CA GLU A 265 -2.21 14.72 -10.71
C GLU A 265 -3.22 15.67 -11.35
N ARG A 266 -2.97 16.07 -12.60
CA ARG A 266 -3.91 16.93 -13.32
C ARG A 266 -5.25 16.21 -13.44
N LEU A 267 -5.18 14.91 -13.69
CA LEU A 267 -6.39 14.13 -13.87
C LEU A 267 -7.20 14.07 -12.58
N ARG A 268 -6.51 13.95 -11.45
CA ARG A 268 -7.18 13.95 -10.15
C ARG A 268 -7.84 15.29 -9.87
N LYS A 269 -7.16 16.37 -10.23
CA LYS A 269 -7.66 17.71 -9.98
C LYS A 269 -8.87 18.00 -10.89
N ILE A 270 -8.85 17.41 -12.08
CA ILE A 270 -9.98 17.51 -13.00
C ILE A 270 -11.20 16.81 -12.42
N VAL A 271 -11.00 15.58 -11.95
CA VAL A 271 -12.08 14.83 -11.32
C VAL A 271 -12.62 15.57 -10.10
N GLU A 272 -11.74 16.22 -9.37
CA GLU A 272 -12.14 17.01 -8.22
C GLU A 272 -13.03 18.17 -8.66
N GLU A 273 -12.66 18.83 -9.75
CA GLU A 273 -13.43 19.98 -10.24
C GLU A 273 -14.79 19.56 -10.80
N ARG A 274 -14.84 18.40 -11.45
CA ARG A 274 -16.10 17.91 -11.98
C ARG A 274 -17.07 17.52 -10.86
N GLY A 275 -16.53 17.04 -9.75
CA GLY A 275 -17.32 16.66 -8.59
C GLY A 275 -17.98 15.31 -8.75
N THR A 276 -17.57 14.56 -9.77
CA THR A 276 -18.22 13.29 -10.10
C THR A 276 -17.58 12.11 -9.39
N ALA A 277 -18.25 10.97 -9.44
CA ALA A 277 -17.70 9.70 -8.99
C ALA A 277 -17.17 8.98 -10.23
N VAL A 278 -15.87 8.70 -10.22
CA VAL A 278 -15.20 8.05 -11.35
C VAL A 278 -14.56 6.76 -10.85
N PHE A 279 -14.93 5.65 -11.44
CA PHE A 279 -14.45 4.35 -10.99
C PHE A 279 -14.49 3.30 -12.09
N ALA A 280 -13.72 2.24 -11.91
CA ALA A 280 -13.61 1.19 -12.91
C ALA A 280 -13.87 -0.20 -12.32
N VAL A 281 -14.40 -1.08 -13.15
CA VAL A 281 -14.47 -2.49 -12.82
C VAL A 281 -13.34 -3.19 -13.57
N LYS A 282 -12.43 -3.81 -12.84
CA LYS A 282 -11.30 -4.50 -13.43
C LYS A 282 -11.41 -6.01 -13.23
N PHE A 283 -11.29 -6.77 -14.32
CA PHE A 283 -11.38 -8.22 -14.24
C PHE A 283 -10.47 -8.83 -15.30
N ARG A 284 -10.17 -10.12 -15.16
CA ARG A 284 -9.28 -10.78 -16.11
C ARG A 284 -9.93 -10.97 -17.50
N LYS A 285 -9.15 -10.70 -18.54
CA LYS A 285 -9.62 -10.77 -19.91
C LYS A 285 -9.87 -12.21 -20.35
N PRO A 286 -11.08 -12.51 -20.86
CA PRO A 286 -11.31 -13.88 -21.32
C PRO A 286 -10.44 -14.21 -22.52
N ASP A 287 -10.13 -15.49 -22.73
CA ASP A 287 -9.32 -15.90 -23.87
C ASP A 287 -10.17 -16.13 -25.13
N ILE A 288 -10.75 -15.04 -25.65
CA ILE A 288 -11.63 -15.10 -26.80
C ILE A 288 -11.28 -14.02 -27.81
N VAL A 289 -11.73 -14.20 -29.06
CA VAL A 289 -11.44 -13.24 -30.13
C VAL A 289 -12.19 -11.92 -29.95
N ASP A 290 -11.67 -10.87 -30.59
CA ASP A 290 -12.21 -9.53 -30.46
C ASP A 290 -13.68 -9.43 -30.87
N ASP A 291 -14.09 -10.24 -31.84
CA ASP A 291 -15.46 -10.19 -32.30
C ASP A 291 -16.44 -10.71 -31.27
N ASN A 292 -15.95 -11.47 -30.30
CA ASN A 292 -16.77 -11.94 -29.20
C ASN A 292 -16.65 -11.01 -27.99
N LEU A 293 -15.44 -10.55 -27.73
CA LEU A 293 -15.12 -9.79 -26.54
C LEU A 293 -15.80 -8.42 -26.49
N TYR A 294 -15.67 -7.63 -27.55
CA TYR A 294 -16.15 -6.25 -27.54
C TYR A 294 -17.65 -6.11 -27.39
N PRO A 295 -18.43 -6.96 -28.09
CA PRO A 295 -19.88 -6.91 -27.87
C PRO A 295 -20.29 -7.28 -26.44
N GLN A 296 -19.51 -8.15 -25.80
CA GLN A 296 -19.75 -8.52 -24.40
C GLN A 296 -19.37 -7.37 -23.49
N LEU A 297 -18.23 -6.75 -23.79
CA LEU A 297 -17.81 -5.56 -23.05
C LEU A 297 -18.85 -4.45 -23.18
N GLU A 298 -19.47 -4.33 -24.34
CA GLU A 298 -20.52 -3.35 -24.52
C GLU A 298 -21.71 -3.73 -23.67
N ARG A 299 -22.02 -5.01 -23.63
CA ARG A 299 -23.18 -5.49 -22.88
C ARG A 299 -23.00 -5.23 -21.38
N ALA A 300 -21.88 -5.70 -20.83
CA ALA A 300 -21.58 -5.53 -19.41
C ALA A 300 -21.63 -4.05 -19.03
N SER A 301 -20.98 -3.24 -19.87
CA SER A 301 -20.98 -1.81 -19.71
C SER A 301 -22.41 -1.29 -19.67
N ARG A 302 -23.25 -1.74 -20.59
CA ARG A 302 -24.59 -1.21 -20.68
C ARG A 302 -25.42 -1.63 -19.47
N LYS A 303 -25.31 -2.89 -19.09
CA LYS A 303 -26.07 -3.39 -17.96
C LYS A 303 -25.77 -2.60 -16.68
N ILE A 304 -24.48 -2.43 -16.38
CA ILE A 304 -24.07 -1.73 -15.19
C ILE A 304 -24.53 -0.28 -15.24
N PHE A 305 -24.42 0.33 -16.42
CA PHE A 305 -24.86 1.72 -16.64
C PHE A 305 -26.35 1.88 -16.36
N GLU A 306 -27.12 0.87 -16.75
CA GLU A 306 -28.57 0.86 -16.51
C GLU A 306 -28.88 0.67 -15.02
N PHE A 307 -28.11 -0.19 -14.36
CA PHE A 307 -28.23 -0.37 -12.92
C PHE A 307 -28.04 0.96 -12.22
N LEU A 308 -26.98 1.68 -12.61
CA LEU A 308 -26.68 2.98 -12.03
C LEU A 308 -27.84 3.96 -12.19
N GLU A 309 -28.51 3.93 -13.35
CA GLU A 309 -29.65 4.80 -13.57
C GLU A 309 -30.78 4.42 -12.63
N ARG A 310 -31.12 3.14 -12.62
CA ARG A 310 -32.17 2.62 -11.75
C ARG A 310 -31.94 3.05 -10.31
N GLU A 311 -30.70 2.94 -9.85
CA GLU A 311 -30.36 3.24 -8.46
C GLU A 311 -30.09 4.72 -8.23
N ASN A 312 -30.42 5.55 -9.22
CA ASN A 312 -30.35 6.99 -9.07
C ASN A 312 -28.96 7.54 -8.75
N PHE A 313 -27.90 6.90 -9.25
CA PHE A 313 -26.55 7.45 -9.15
C PHE A 313 -26.21 8.39 -10.33
N MET A 314 -27.12 8.47 -11.30
CA MET A 314 -27.04 9.43 -12.40
C MET A 314 -25.72 9.37 -13.18
N PRO A 315 -25.47 8.23 -13.85
CA PRO A 315 -24.24 8.11 -14.61
C PRO A 315 -24.24 9.07 -15.80
N LEU A 316 -23.08 9.57 -16.20
CA LEU A 316 -22.97 10.49 -17.35
C LEU A 316 -22.66 9.71 -18.63
N ARG A 317 -21.48 9.10 -18.67
CA ARG A 317 -21.08 8.23 -19.78
C ARG A 317 -20.33 7.03 -19.25
N SER A 318 -20.17 6.01 -20.10
CA SER A 318 -19.34 4.85 -19.76
C SER A 318 -18.31 4.61 -20.87
N ALA A 319 -17.38 3.71 -20.61
CA ALA A 319 -16.35 3.38 -21.58
C ALA A 319 -15.72 2.08 -21.14
N PHE A 320 -14.97 1.45 -22.04
CA PHE A 320 -14.26 0.24 -21.69
C PHE A 320 -12.97 0.10 -22.47
N LYS A 321 -12.00 -0.55 -21.84
CA LYS A 321 -10.72 -0.85 -22.50
C LYS A 321 -10.39 -2.31 -22.25
N ALA A 322 -9.76 -2.93 -23.24
CA ALA A 322 -9.21 -4.26 -23.11
C ALA A 322 -7.70 -4.17 -23.29
N SER A 323 -6.96 -4.63 -22.28
CA SER A 323 -5.51 -4.69 -22.35
C SER A 323 -5.10 -6.12 -22.65
N GLU A 324 -3.88 -6.50 -22.28
CA GLU A 324 -3.38 -7.83 -22.61
C GLU A 324 -3.97 -8.89 -21.69
N GLU A 325 -4.12 -8.56 -20.42
CA GLU A 325 -4.55 -9.52 -19.41
C GLU A 325 -5.87 -9.16 -18.73
N PHE A 326 -6.23 -7.88 -18.75
CA PHE A 326 -7.41 -7.41 -18.04
C PHE A 326 -8.30 -6.54 -18.90
N CYS A 327 -9.56 -6.40 -18.47
CA CYS A 327 -10.52 -5.50 -19.09
C CYS A 327 -11.02 -4.50 -18.05
N TYR A 328 -11.24 -3.27 -18.48
CA TYR A 328 -11.76 -2.22 -17.61
C TYR A 328 -13.11 -1.72 -18.10
N LEU A 329 -14.06 -1.60 -17.18
CA LEU A 329 -15.34 -0.97 -17.46
C LEU A 329 -15.37 0.32 -16.67
N LEU A 330 -15.37 1.45 -17.36
CA LEU A 330 -15.25 2.76 -16.72
C LEU A 330 -16.60 3.45 -16.64
N PHE A 331 -16.82 4.20 -15.54
CA PHE A 331 -18.08 4.91 -15.33
C PHE A 331 -17.84 6.24 -14.65
N GLU A 332 -18.61 7.26 -15.03
CA GLU A 332 -18.60 8.52 -14.33
C GLU A 332 -20.01 8.83 -13.88
N CYS A 333 -20.18 9.21 -12.61
CA CYS A 333 -21.50 9.44 -12.04
C CYS A 333 -21.60 10.76 -11.29
N GLN A 334 -22.77 11.39 -11.37
CA GLN A 334 -22.99 12.68 -10.74
C GLN A 334 -23.25 12.58 -9.22
N ILE A 335 -23.59 11.38 -8.74
CA ILE A 335 -23.84 11.17 -7.32
C ILE A 335 -22.73 10.31 -6.73
N LYS A 336 -21.90 10.91 -5.90
CA LYS A 336 -20.89 10.19 -5.12
C LYS A 336 -21.52 9.46 -3.94
N GLU A 337 -22.62 10.01 -3.42
CA GLU A 337 -23.25 9.48 -2.22
C GLU A 337 -24.75 9.75 -2.19
N ILE A 338 -25.54 8.73 -1.85
CA ILE A 338 -26.98 8.87 -1.68
C ILE A 338 -27.38 8.45 -0.26
N SER A 339 -28.53 8.96 0.18
CA SER A 339 -29.00 8.73 1.53
C SER A 339 -29.35 7.26 1.75
N ARG A 340 -29.29 6.84 3.00
CA ARG A 340 -29.60 5.48 3.35
C ARG A 340 -31.10 5.24 3.17
N VAL A 341 -31.92 6.21 3.59
CA VAL A 341 -33.38 6.07 3.47
C VAL A 341 -33.85 6.30 2.05
N PHE A 342 -34.89 5.58 1.67
CA PHE A 342 -35.60 5.82 0.43
C PHE A 342 -37.08 5.50 0.66
N ARG A 343 -37.90 5.80 -0.34
CA ARG A 343 -39.34 5.55 -0.28
C ARG A 343 -39.70 4.31 -1.07
N ARG A 344 -40.49 3.43 -0.46
CA ARG A 344 -41.07 2.30 -1.20
C ARG A 344 -42.58 2.49 -1.30
N MET A 345 -43.12 2.20 -2.48
CA MET A 345 -44.53 2.41 -2.76
C MET A 345 -45.42 1.27 -2.26
N GLY A 346 -46.33 1.58 -1.34
CA GLY A 346 -47.28 0.61 -0.83
C GLY A 346 -48.56 0.65 -1.64
N PRO A 347 -49.55 -0.17 -1.27
CA PRO A 347 -50.83 -0.25 -2.01
C PRO A 347 -51.77 0.93 -1.75
N GLN A 348 -52.83 1.02 -2.57
CA GLN A 348 -53.89 2.01 -2.37
C GLN A 348 -54.60 1.74 -1.06
N PHE A 349 -55.12 2.80 -0.43
CA PHE A 349 -55.63 2.71 0.94
C PHE A 349 -56.85 1.81 1.08
N GLU A 350 -57.68 1.72 0.04
CA GLU A 350 -58.91 0.92 0.16
C GLU A 350 -58.68 -0.60 0.02
N ASP A 351 -57.45 -1.00 -0.27
CA ASP A 351 -57.10 -2.40 -0.49
C ASP A 351 -56.71 -3.08 0.83
N GLU A 352 -57.70 -3.34 1.68
CA GLU A 352 -57.46 -3.77 3.06
C GLU A 352 -56.48 -4.94 3.21
N ARG A 353 -56.57 -5.92 2.34
CA ARG A 353 -55.75 -7.12 2.48
C ARG A 353 -54.29 -6.77 2.25
N ASN A 354 -53.99 -6.15 1.11
CA ASN A 354 -52.63 -5.78 0.78
C ASN A 354 -52.03 -4.74 1.74
N VAL A 355 -52.86 -3.83 2.23
CA VAL A 355 -52.38 -2.80 3.15
C VAL A 355 -51.86 -3.47 4.41
N LYS A 356 -52.59 -4.47 4.89
CA LYS A 356 -52.22 -5.18 6.10
C LYS A 356 -50.90 -5.90 5.93
N LYS A 357 -50.70 -6.50 4.76
CA LYS A 357 -49.44 -7.19 4.48
C LYS A 357 -48.29 -6.19 4.39
N PHE A 358 -48.55 -5.05 3.74
CA PHE A 358 -47.53 -4.02 3.60
C PHE A 358 -47.13 -3.41 4.94
N LEU A 359 -48.09 -3.23 5.84
CA LEU A 359 -47.82 -2.69 7.16
C LEU A 359 -47.34 -3.73 8.18
N SER A 360 -47.35 -5.01 7.79
CA SER A 360 -46.94 -6.07 8.72
C SER A 360 -45.41 -6.15 8.87
N ARG A 361 -44.69 -5.61 7.88
CA ARG A 361 -43.23 -5.65 7.91
C ARG A 361 -42.70 -4.76 9.03
N ASN A 362 -41.55 -5.10 9.58
CA ASN A 362 -40.94 -4.28 10.62
C ASN A 362 -40.10 -3.21 9.97
N ARG A 363 -40.19 -1.98 10.48
CA ARG A 363 -39.45 -0.86 9.93
C ARG A 363 -39.04 0.08 11.05
N ALA A 364 -37.96 0.82 10.84
CA ALA A 364 -37.52 1.78 11.84
C ALA A 364 -38.53 2.92 11.99
N PHE A 365 -39.05 3.41 10.86
CA PHE A 365 -39.94 4.57 10.86
C PHE A 365 -41.35 4.20 10.43
N ARG A 366 -42.32 5.04 10.78
CA ARG A 366 -43.71 4.74 10.51
C ARG A 366 -44.06 4.94 9.04
N PRO A 367 -44.80 4.00 8.45
CA PRO A 367 -45.37 4.23 7.11
C PRO A 367 -46.29 5.43 7.12
N PHE A 368 -46.61 5.97 5.94
CA PHE A 368 -47.47 7.13 5.86
C PHE A 368 -48.33 7.10 4.60
N ILE A 369 -49.38 7.91 4.58
CA ILE A 369 -50.27 8.01 3.43
C ILE A 369 -50.02 9.28 2.62
N GLU A 370 -49.97 9.14 1.30
CA GLU A 370 -49.76 10.27 0.41
C GLU A 370 -50.53 10.02 -0.89
N ASN A 371 -51.37 10.98 -1.26
CA ASN A 371 -52.22 10.85 -2.45
C ASN A 371 -52.88 9.48 -2.57
N GLY A 372 -53.45 8.99 -1.48
CA GLY A 372 -54.25 7.77 -1.52
C GLY A 372 -53.48 6.49 -1.28
N ARG A 373 -52.17 6.52 -1.48
CA ARG A 373 -51.34 5.32 -1.33
C ARG A 373 -50.61 5.32 -0.02
N TRP A 374 -50.23 4.12 0.41
CA TRP A 374 -49.32 3.96 1.52
C TRP A 374 -47.88 3.98 1.00
N TRP A 375 -46.98 4.54 1.79
CA TRP A 375 -45.56 4.54 1.49
C TRP A 375 -44.86 4.15 2.76
N ALA A 376 -43.63 3.68 2.61
CA ALA A 376 -42.81 3.43 3.78
C ALA A 376 -41.36 3.79 3.48
N PHE A 377 -40.67 4.31 4.50
CA PHE A 377 -39.24 4.51 4.44
C PHE A 377 -38.51 3.18 4.72
N GLU A 378 -37.57 2.85 3.84
CA GLU A 378 -36.71 1.67 4.01
C GLU A 378 -35.26 2.06 3.75
N MET A 379 -34.35 1.12 3.93
CA MET A 379 -32.91 1.39 3.88
C MET A 379 -32.23 0.70 2.71
N ARG A 380 -31.53 1.49 1.88
CA ARG A 380 -30.74 0.98 0.79
C ARG A 380 -29.68 0.04 1.31
N LYS A 381 -29.18 -0.82 0.43
CA LYS A 381 -28.13 -1.74 0.80
C LYS A 381 -26.75 -1.19 0.43
N PHE A 382 -26.72 0.06 -0.05
CA PHE A 382 -25.48 0.73 -0.41
C PHE A 382 -25.76 2.21 -0.63
N THR A 383 -24.76 3.06 -0.40
CA THR A 383 -24.94 4.51 -0.52
C THR A 383 -24.01 5.19 -1.54
N THR A 384 -23.10 4.43 -2.13
CA THR A 384 -22.22 4.95 -3.18
C THR A 384 -22.27 4.02 -4.38
N PRO A 385 -22.08 4.57 -5.59
CA PRO A 385 -22.12 3.77 -6.82
C PRO A 385 -21.08 2.66 -6.86
N GLU A 386 -19.93 2.87 -6.24
CA GLU A 386 -18.91 1.82 -6.18
C GLU A 386 -19.47 0.59 -5.46
N GLU A 387 -20.09 0.81 -4.31
CA GLU A 387 -20.62 -0.30 -3.53
C GLU A 387 -21.85 -0.88 -4.22
N GLY A 388 -22.58 -0.03 -4.92
CA GLY A 388 -23.71 -0.49 -5.70
C GLY A 388 -23.24 -1.45 -6.75
N VAL A 389 -22.26 -1.06 -7.56
CA VAL A 389 -21.80 -1.90 -8.67
C VAL A 389 -21.15 -3.16 -8.14
N ARG A 390 -20.51 -3.07 -6.98
CA ARG A 390 -19.92 -4.26 -6.36
C ARG A 390 -21.00 -5.29 -6.05
N SER A 391 -22.11 -4.82 -5.51
CA SER A 391 -23.26 -5.67 -5.19
C SER A 391 -23.86 -6.30 -6.45
N TYR A 392 -23.96 -5.50 -7.51
CA TYR A 392 -24.58 -5.91 -8.76
C TYR A 392 -23.71 -6.92 -9.52
N ALA A 393 -22.40 -6.67 -9.57
CA ALA A 393 -21.49 -7.53 -10.31
C ALA A 393 -21.33 -8.89 -9.64
N SER A 394 -21.65 -8.96 -8.35
CA SER A 394 -21.53 -10.20 -7.61
C SER A 394 -22.74 -11.09 -7.84
N THR A 395 -23.91 -10.48 -7.91
CA THR A 395 -25.16 -11.22 -8.02
C THR A 395 -25.57 -11.40 -9.47
N HIS A 396 -25.35 -10.39 -10.30
CA HIS A 396 -25.82 -10.42 -11.69
C HIS A 396 -24.70 -10.65 -12.72
N TRP A 397 -23.64 -11.32 -12.29
CA TRP A 397 -22.52 -11.64 -13.17
C TRP A 397 -22.97 -12.37 -14.42
N HIS A 398 -24.00 -13.20 -14.29
CA HIS A 398 -24.40 -14.09 -15.38
C HIS A 398 -24.85 -13.31 -16.60
N THR A 399 -25.41 -12.11 -16.37
CA THR A 399 -26.02 -11.36 -17.45
C THR A 399 -25.03 -10.36 -18.08
N LEU A 400 -23.81 -10.32 -17.57
CA LEU A 400 -22.79 -9.40 -18.11
C LEU A 400 -22.00 -9.99 -19.27
N GLY A 401 -22.66 -10.81 -20.10
CA GLY A 401 -21.99 -11.49 -21.19
C GLY A 401 -21.55 -12.87 -20.76
N LYS A 402 -21.44 -13.78 -21.74
CA LYS A 402 -21.10 -15.16 -21.45
C LYS A 402 -19.71 -15.24 -20.83
N ASN A 403 -18.69 -14.95 -21.61
CA ASN A 403 -17.31 -15.07 -21.15
C ASN A 403 -16.96 -13.99 -20.13
N VAL A 404 -17.28 -12.74 -20.46
CA VAL A 404 -17.07 -11.62 -19.57
C VAL A 404 -17.70 -11.88 -18.19
N GLY A 405 -18.99 -12.20 -18.18
CA GLY A 405 -19.71 -12.43 -16.93
C GLY A 405 -19.11 -13.54 -16.09
N GLU A 406 -18.65 -14.59 -16.75
CA GLU A 406 -18.03 -15.71 -16.07
C GLU A 406 -16.72 -15.31 -15.42
N SER A 407 -15.96 -14.44 -16.10
CA SER A 407 -14.69 -13.96 -15.56
C SER A 407 -14.91 -13.05 -14.35
N ILE A 408 -15.97 -12.27 -14.41
CA ILE A 408 -16.33 -11.38 -13.30
C ILE A 408 -16.76 -12.20 -12.09
N ARG A 409 -17.37 -13.36 -12.34
CA ARG A 409 -17.85 -14.22 -11.26
C ARG A 409 -16.67 -14.80 -10.48
N GLU A 410 -15.58 -15.09 -11.19
CA GLU A 410 -14.39 -15.62 -10.55
C GLU A 410 -13.64 -14.53 -9.79
N TYR A 411 -13.46 -13.39 -10.44
CA TYR A 411 -12.79 -12.27 -9.79
C TYR A 411 -13.05 -10.95 -10.47
N PHE A 412 -13.30 -9.92 -9.66
CA PHE A 412 -13.32 -8.56 -10.13
C PHE A 412 -12.96 -7.65 -8.96
N GLU A 413 -12.70 -6.38 -9.25
CA GLU A 413 -12.46 -5.41 -8.20
C GLU A 413 -12.88 -4.06 -8.70
N ILE A 414 -13.41 -3.24 -7.79
CA ILE A 414 -13.76 -1.85 -8.09
C ILE A 414 -12.59 -0.94 -7.75
N ILE A 415 -12.07 -0.24 -8.75
CA ILE A 415 -10.97 0.70 -8.58
C ILE A 415 -11.46 2.13 -8.84
N SER A 416 -11.19 3.03 -7.90
CA SER A 416 -11.58 4.42 -8.01
C SER A 416 -10.44 5.29 -7.51
N GLY A 417 -10.73 6.55 -7.25
CA GLY A 417 -9.76 7.47 -6.67
C GLY A 417 -8.47 7.56 -7.47
N GLU A 418 -7.37 7.79 -6.75
CA GLU A 418 -6.07 7.98 -7.39
C GLU A 418 -5.47 6.67 -7.86
N LYS A 419 -5.98 5.55 -7.32
CA LYS A 419 -5.50 4.23 -7.72
C LYS A 419 -5.87 3.96 -9.18
N LEU A 420 -6.99 4.52 -9.62
CA LEU A 420 -7.49 4.31 -10.97
C LEU A 420 -6.58 4.96 -12.02
N PHE A 421 -5.94 6.07 -11.64
CA PHE A 421 -5.11 6.83 -12.56
C PHE A 421 -3.77 6.14 -12.83
N LYS A 422 -3.49 5.08 -12.07
CA LYS A 422 -2.29 4.28 -12.30
C LYS A 422 -2.56 3.19 -13.34
N GLU A 423 -3.81 2.73 -13.39
CA GLU A 423 -4.21 1.73 -14.37
C GLU A 423 -4.13 2.32 -15.79
N PRO A 424 -3.94 1.47 -16.80
CA PRO A 424 -3.72 1.93 -18.17
C PRO A 424 -5.01 2.33 -18.91
N VAL A 425 -5.72 3.31 -18.37
CA VAL A 425 -7.01 3.69 -18.90
C VAL A 425 -7.13 5.21 -19.05
N THR A 426 -6.00 5.90 -18.94
CA THR A 426 -6.00 7.36 -18.98
C THR A 426 -6.62 7.86 -20.28
N ALA A 427 -6.27 7.23 -21.40
CA ALA A 427 -6.80 7.66 -22.69
C ALA A 427 -8.33 7.64 -22.71
N GLU A 428 -8.90 6.56 -22.18
CA GLU A 428 -10.34 6.38 -22.17
C GLU A 428 -11.03 7.37 -21.21
N LEU A 429 -10.46 7.53 -20.02
CA LEU A 429 -10.96 8.50 -19.05
C LEU A 429 -10.93 9.90 -19.65
N CYS A 430 -9.87 10.22 -20.37
CA CYS A 430 -9.74 11.54 -20.98
C CYS A 430 -10.85 11.74 -22.02
N GLU A 431 -11.03 10.75 -22.88
CA GLU A 431 -12.06 10.76 -23.89
C GLU A 431 -13.45 10.96 -23.28
N MET A 432 -13.84 10.11 -22.33
CA MET A 432 -15.23 10.16 -21.83
C MET A 432 -15.52 11.46 -21.07
N MET A 433 -14.50 12.04 -20.44
CA MET A 433 -14.69 13.31 -19.75
C MET A 433 -14.52 14.50 -20.69
N GLY A 434 -14.09 14.24 -21.91
CA GLY A 434 -13.88 15.31 -22.88
C GLY A 434 -12.77 16.26 -22.45
N VAL A 435 -11.69 15.71 -21.91
CA VAL A 435 -10.52 16.49 -21.52
C VAL A 435 -9.72 16.91 -22.75
N LYS A 436 -9.17 18.11 -22.71
CA LYS A 436 -8.44 18.65 -23.85
C LYS A 436 -7.14 19.29 -23.42
N ASP A 437 -6.13 19.20 -24.26
CA ASP A 437 -4.89 19.95 -24.09
C ASP A 437 -4.03 19.82 -25.33
CA MET C 1 17.44 -2.40 -41.08
C MET C 1 17.62 -3.78 -40.46
N LYS C 2 18.69 -4.46 -40.86
CA LYS C 2 19.01 -5.81 -40.38
C LYS C 2 20.13 -5.77 -39.35
N VAL C 3 20.19 -6.79 -38.50
CA VAL C 3 21.23 -6.89 -37.48
C VAL C 3 22.59 -7.22 -38.09
N GLU C 4 22.60 -8.18 -39.02
CA GLU C 4 23.84 -8.61 -39.67
C GLU C 4 24.41 -7.50 -40.54
N GLU C 5 23.56 -6.59 -40.98
CA GLU C 5 24.00 -5.43 -41.75
C GLU C 5 24.73 -4.48 -40.81
N ILE C 6 24.12 -4.26 -39.64
CA ILE C 6 24.68 -3.35 -38.65
C ILE C 6 26.07 -3.82 -38.21
N LEU C 7 26.17 -5.09 -37.84
CA LEU C 7 27.43 -5.60 -37.33
C LEU C 7 28.53 -5.50 -38.39
N GLU C 8 28.14 -5.62 -39.65
CA GLU C 8 29.10 -5.55 -40.73
C GLU C 8 29.69 -4.13 -40.78
N LYS C 9 28.81 -3.14 -40.79
CA LYS C 9 29.25 -1.75 -40.86
C LYS C 9 30.01 -1.35 -39.60
N ALA C 10 29.62 -1.96 -38.48
CA ALA C 10 30.22 -1.65 -37.18
C ALA C 10 31.68 -2.07 -37.10
N LEU C 11 32.06 -3.04 -37.93
CA LEU C 11 33.44 -3.52 -37.93
C LEU C 11 34.39 -2.50 -38.54
N GLU C 12 33.85 -1.62 -39.39
CA GLU C 12 34.66 -0.59 -40.06
C GLU C 12 35.18 0.46 -39.07
N LEU C 13 34.31 0.85 -38.13
CA LEU C 13 34.68 1.84 -37.12
C LEU C 13 35.13 1.13 -35.83
N VAL C 14 35.70 -0.07 -35.98
CA VAL C 14 36.13 -0.89 -34.86
C VAL C 14 37.46 -1.60 -35.17
N ILE C 15 37.55 -2.17 -36.37
CA ILE C 15 38.77 -2.86 -36.80
C ILE C 15 39.80 -1.88 -37.35
N PRO C 16 41.07 -2.01 -36.92
CA PRO C 16 42.12 -1.12 -37.43
C PRO C 16 42.32 -1.27 -38.94
N ASP C 17 42.34 -0.15 -39.66
CA ASP C 17 42.54 -0.16 -41.11
C ASP C 17 43.98 -0.53 -41.48
N GLU C 18 44.20 -0.91 -42.73
CA GLU C 18 45.51 -1.36 -43.21
C GLU C 18 46.64 -0.39 -42.87
N GLU C 19 46.31 0.90 -42.82
CA GLU C 19 47.29 1.93 -42.46
C GLU C 19 47.64 1.84 -40.98
N GLU C 20 46.65 1.46 -40.17
CA GLU C 20 46.83 1.34 -38.73
C GLU C 20 47.43 0.00 -38.33
N VAL C 21 47.16 -1.03 -39.14
CA VAL C 21 47.69 -2.36 -38.90
C VAL C 21 49.18 -2.42 -39.25
N ARG C 22 49.54 -1.79 -40.36
CA ARG C 22 50.92 -1.83 -40.84
C ARG C 22 51.87 -1.14 -39.86
N LYS C 23 51.39 -0.07 -39.23
CA LYS C 23 52.17 0.64 -38.22
C LYS C 23 52.51 -0.28 -37.05
N GLY C 24 51.58 -1.19 -36.74
CA GLY C 24 51.71 -2.09 -35.61
C GLY C 24 52.77 -3.17 -35.81
N ARG C 25 52.79 -3.77 -37.00
CA ARG C 25 53.72 -4.85 -37.29
C ARG C 25 55.18 -4.40 -37.16
N GLU C 26 55.43 -3.12 -37.43
CA GLU C 26 56.79 -2.59 -37.53
C GLU C 26 57.38 -2.31 -36.15
N ALA C 27 56.59 -2.46 -35.10
CA ALA C 27 57.05 -2.18 -33.75
C ALA C 27 57.73 -3.41 -33.14
N GLU C 28 57.07 -4.55 -33.25
CA GLU C 28 57.52 -5.79 -32.58
C GLU C 28 58.91 -6.24 -33.04
N GLU C 29 59.24 -5.92 -34.29
CA GLU C 29 60.51 -6.35 -34.86
C GLU C 29 61.68 -5.63 -34.18
N GLU C 30 61.47 -4.36 -33.85
CA GLU C 30 62.49 -3.56 -33.18
C GLU C 30 62.87 -4.14 -31.83
N LEU C 31 61.87 -4.56 -31.07
CA LEU C 31 62.07 -5.01 -29.70
C LEU C 31 62.81 -6.34 -29.61
N ARG C 32 62.49 -7.27 -30.51
CA ARG C 32 63.14 -8.58 -30.52
C ARG C 32 64.59 -8.48 -31.01
N ARG C 33 64.87 -7.45 -31.80
CA ARG C 33 66.25 -7.18 -32.23
C ARG C 33 67.07 -6.60 -31.09
N ARG C 34 66.38 -6.24 -30.00
CA ARG C 34 67.02 -5.62 -28.83
C ARG C 34 66.99 -6.54 -27.61
N LEU C 35 66.02 -7.44 -27.56
CA LEU C 35 65.89 -8.37 -26.44
C LEU C 35 66.76 -9.62 -26.63
N ASP C 36 66.86 -10.09 -27.85
CA ASP C 36 67.71 -11.24 -28.15
C ASP C 36 69.18 -10.82 -28.26
N GLU C 37 69.45 -9.53 -28.09
CA GLU C 37 70.81 -9.01 -28.06
C GLU C 37 71.38 -9.07 -26.64
N LEU C 38 70.48 -9.08 -25.65
CA LEU C 38 70.87 -9.18 -24.25
C LEU C 38 70.63 -10.61 -23.71
N GLY C 39 70.01 -11.45 -24.52
CA GLY C 39 69.77 -12.84 -24.14
C GLY C 39 68.93 -12.98 -22.89
N VAL C 40 67.69 -12.51 -22.96
CA VAL C 40 66.75 -12.58 -21.83
C VAL C 40 65.46 -13.26 -22.27
N GLU C 41 64.89 -14.10 -21.39
CA GLU C 41 63.63 -14.76 -21.67
C GLU C 41 62.49 -13.76 -21.63
N TYR C 42 61.55 -13.88 -22.57
CA TYR C 42 60.45 -12.93 -22.68
C TYR C 42 59.19 -13.59 -23.25
N VAL C 43 58.13 -12.80 -23.38
CA VAL C 43 56.85 -13.28 -23.91
C VAL C 43 55.95 -12.10 -24.25
N PHE C 44 55.29 -12.17 -25.40
CA PHE C 44 54.33 -11.14 -25.79
C PHE C 44 52.91 -11.53 -25.39
N VAL C 45 52.24 -10.64 -24.64
CA VAL C 45 50.88 -10.89 -24.17
C VAL C 45 49.95 -9.73 -24.52
N GLY C 46 48.75 -9.74 -23.94
CA GLY C 46 47.83 -8.63 -24.06
C GLY C 46 46.99 -8.66 -25.31
N SER C 47 46.31 -7.55 -25.57
CA SER C 47 45.42 -7.43 -26.73
C SER C 47 46.19 -7.43 -28.04
N TYR C 48 47.42 -6.92 -28.00
CA TYR C 48 48.24 -6.85 -29.21
C TYR C 48 48.58 -8.25 -29.71
N ALA C 49 49.15 -9.07 -28.83
CA ALA C 49 49.61 -10.40 -29.20
C ALA C 49 48.49 -11.27 -29.79
N ARG C 50 47.26 -11.09 -29.30
CA ARG C 50 46.12 -11.89 -29.74
C ARG C 50 45.31 -11.20 -30.82
N ASN C 51 45.77 -10.02 -31.25
CA ASN C 51 45.14 -9.28 -32.33
C ASN C 51 43.65 -9.01 -32.06
N THR C 52 43.37 -8.24 -31.02
CA THR C 52 41.99 -7.93 -30.63
C THR C 52 41.83 -6.50 -30.14
N TRP C 53 42.76 -5.61 -30.48
CA TRP C 53 42.67 -4.21 -30.07
C TRP C 53 41.71 -3.45 -30.97
N LEU C 54 41.21 -2.31 -30.48
CA LEU C 54 40.25 -1.51 -31.24
C LEU C 54 40.90 -0.47 -32.15
N LYS C 55 40.13 -0.01 -33.13
CA LYS C 55 40.57 1.07 -34.01
C LYS C 55 40.84 2.34 -33.21
N GLY C 56 41.97 2.98 -33.49
CA GLY C 56 42.37 4.17 -32.77
C GLY C 56 43.25 3.86 -31.57
N SER C 57 43.11 2.66 -31.04
CA SER C 57 43.88 2.20 -29.89
C SER C 57 45.03 1.28 -30.32
N LEU C 58 46.04 1.17 -29.47
CA LEU C 58 47.18 0.28 -29.72
C LEU C 58 48.11 0.26 -28.51
N GLU C 59 48.34 -0.93 -27.96
CA GLU C 59 49.13 -1.06 -26.74
C GLU C 59 49.87 -2.40 -26.72
N ILE C 60 51.18 -2.34 -26.91
CA ILE C 60 52.01 -3.55 -26.95
C ILE C 60 52.51 -3.95 -25.57
N ASP C 61 51.92 -5.01 -25.01
CA ASP C 61 52.33 -5.53 -23.71
C ASP C 61 53.44 -6.55 -23.87
N VAL C 62 54.49 -6.43 -23.06
CA VAL C 62 55.63 -7.34 -23.10
C VAL C 62 56.10 -7.65 -21.69
N PHE C 63 56.19 -8.94 -21.37
CA PHE C 63 56.55 -9.38 -20.03
C PHE C 63 57.91 -10.08 -20.04
N LEU C 64 58.69 -9.83 -18.98
CA LEU C 64 59.99 -10.46 -18.81
C LEU C 64 59.94 -11.52 -17.72
N LEU C 65 60.30 -12.75 -18.08
CA LEU C 65 60.25 -13.88 -17.15
C LEU C 65 61.61 -14.13 -16.49
N PHE C 66 61.59 -14.34 -15.17
CA PHE C 66 62.80 -14.68 -14.42
C PHE C 66 62.51 -15.83 -13.47
N PRO C 67 63.55 -16.63 -13.14
CA PRO C 67 63.34 -17.75 -12.21
C PRO C 67 62.97 -17.27 -10.81
N GLU C 68 62.20 -18.07 -10.08
CA GLU C 68 61.72 -17.68 -8.76
C GLU C 68 62.86 -17.56 -7.73
N GLU C 69 64.04 -18.03 -8.07
CA GLU C 69 65.21 -17.86 -7.21
C GLU C 69 65.67 -16.40 -7.24
N PHE C 70 64.76 -15.50 -6.88
CA PHE C 70 64.98 -14.06 -6.97
C PHE C 70 64.19 -13.36 -5.88
N SER C 71 64.68 -12.20 -5.46
CA SER C 71 63.98 -11.40 -4.46
C SER C 71 62.76 -10.73 -5.11
N LYS C 72 61.75 -10.43 -4.30
CA LYS C 72 60.55 -9.77 -4.79
C LYS C 72 60.87 -8.34 -5.23
N GLU C 73 62.03 -7.83 -4.79
CA GLU C 73 62.47 -6.48 -5.12
C GLU C 73 63.64 -6.50 -6.09
N GLU C 74 63.98 -7.68 -6.60
CA GLU C 74 65.06 -7.80 -7.58
C GLU C 74 64.56 -7.61 -9.01
N LEU C 75 63.27 -7.28 -9.14
CA LEU C 75 62.69 -7.00 -10.45
C LEU C 75 63.18 -5.65 -10.99
N ARG C 76 63.73 -4.83 -10.10
CA ARG C 76 64.29 -3.53 -10.48
C ARG C 76 65.81 -3.56 -10.33
N GLU C 77 66.38 -4.76 -10.45
CA GLU C 77 67.83 -4.95 -10.46
C GLU C 77 68.27 -5.30 -11.87
N ARG C 78 67.37 -5.92 -12.63
CA ARG C 78 67.64 -6.28 -14.01
C ARG C 78 66.43 -6.03 -14.89
N GLY C 79 65.24 -6.23 -14.33
CA GLY C 79 64.00 -6.07 -15.08
C GLY C 79 63.83 -4.67 -15.64
N LEU C 80 64.17 -3.67 -14.84
CA LEU C 80 64.05 -2.28 -15.27
C LEU C 80 65.22 -1.86 -16.18
N GLU C 81 66.30 -2.63 -16.14
CA GLU C 81 67.46 -2.34 -16.98
C GLU C 81 67.16 -2.62 -18.45
N ILE C 82 66.34 -3.64 -18.69
CA ILE C 82 65.96 -4.01 -20.06
C ILE C 82 65.02 -2.97 -20.64
N GLY C 83 64.14 -2.44 -19.80
CA GLY C 83 63.11 -1.50 -20.24
C GLY C 83 63.64 -0.27 -20.95
N LYS C 84 64.49 0.48 -20.26
CA LYS C 84 65.07 1.70 -20.83
C LYS C 84 65.94 1.38 -22.05
N ALA C 85 66.49 0.17 -22.08
CA ALA C 85 67.42 -0.24 -23.12
C ALA C 85 66.72 -0.52 -24.44
N VAL C 86 65.46 -0.92 -24.39
CA VAL C 86 64.71 -1.31 -25.59
C VAL C 86 63.71 -0.24 -26.03
N LEU C 87 63.85 0.97 -25.50
CA LEU C 87 62.91 2.06 -25.79
C LEU C 87 63.61 3.29 -26.35
N ASP C 88 62.98 3.91 -27.35
CA ASP C 88 63.48 5.14 -27.95
C ASP C 88 63.17 6.32 -27.04
N SER C 89 62.00 6.27 -26.39
CA SER C 89 61.55 7.32 -25.48
C SER C 89 61.08 6.74 -24.16
N TYR C 90 62.03 6.37 -23.31
CA TYR C 90 61.71 5.75 -22.02
C TYR C 90 61.03 6.74 -21.09
N GLU C 91 60.26 6.23 -20.15
CA GLU C 91 59.63 7.06 -19.12
C GLU C 91 59.19 6.20 -17.94
N ILE C 92 58.66 6.85 -16.91
CA ILE C 92 58.29 6.20 -15.66
C ILE C 92 56.78 6.24 -15.43
N ARG C 93 56.09 5.22 -15.91
CA ARG C 93 54.65 5.11 -15.76
C ARG C 93 54.30 4.22 -14.57
N TYR C 94 53.44 4.72 -13.69
CA TYR C 94 53.08 4.00 -12.46
C TYR C 94 51.60 3.59 -12.41
N ALA C 95 51.28 2.54 -13.16
CA ALA C 95 50.00 1.86 -13.03
C ALA C 95 50.23 0.57 -12.25
N GLU C 96 50.36 0.73 -10.94
CA GLU C 96 50.50 -0.35 -9.94
C GLU C 96 51.98 -0.67 -9.60
N HIS C 97 52.61 -1.57 -10.36
CA HIS C 97 53.95 -2.06 -10.04
C HIS C 97 55.01 -1.37 -10.90
N PRO C 98 56.30 -1.54 -10.56
CA PRO C 98 57.29 -0.81 -11.36
C PRO C 98 57.47 -1.42 -12.75
N TYR C 99 56.97 -0.74 -13.78
CA TYR C 99 57.15 -1.16 -15.15
C TYR C 99 57.46 0.06 -16.03
N VAL C 100 58.26 -0.15 -17.07
CA VAL C 100 58.68 0.94 -17.95
C VAL C 100 57.72 1.09 -19.13
N HIS C 101 57.27 2.32 -19.35
CA HIS C 101 56.45 2.66 -20.51
C HIS C 101 57.32 3.44 -21.49
N GLY C 102 56.86 3.59 -22.72
CA GLY C 102 57.61 4.34 -23.72
C GLY C 102 56.97 4.29 -25.10
N VAL C 103 57.76 4.64 -26.11
CA VAL C 103 57.29 4.64 -27.50
C VAL C 103 58.39 4.13 -28.43
N VAL C 104 58.00 3.28 -29.37
CA VAL C 104 58.91 2.73 -30.38
C VAL C 104 58.28 2.87 -31.75
N LYS C 105 58.84 3.76 -32.57
CA LYS C 105 58.32 4.02 -33.91
C LYS C 105 56.86 4.48 -33.86
N GLY C 106 56.55 5.35 -32.91
CA GLY C 106 55.21 5.91 -32.77
C GLY C 106 54.22 4.95 -32.14
N VAL C 107 54.73 3.85 -31.61
CA VAL C 107 53.89 2.82 -31.00
C VAL C 107 54.26 2.66 -29.53
N GLU C 108 53.25 2.73 -28.66
CA GLU C 108 53.48 2.59 -27.23
C GLU C 108 53.77 1.14 -26.86
N VAL C 109 54.55 0.95 -25.80
CA VAL C 109 54.94 -0.39 -25.35
C VAL C 109 55.01 -0.43 -23.83
N ASP C 110 54.66 -1.58 -23.25
CA ASP C 110 54.77 -1.82 -21.82
C ASP C 110 55.74 -2.97 -21.55
N VAL C 111 56.66 -2.75 -20.61
CA VAL C 111 57.64 -3.77 -20.24
C VAL C 111 57.48 -4.09 -18.76
N VAL C 112 56.86 -5.23 -18.46
CA VAL C 112 56.51 -5.60 -17.09
C VAL C 112 57.34 -6.80 -16.62
N PRO C 113 58.13 -6.63 -15.56
CA PRO C 113 58.84 -7.79 -15.02
C PRO C 113 57.91 -8.70 -14.20
N CYS C 114 58.17 -10.00 -14.25
CA CYS C 114 57.40 -10.95 -13.44
C CYS C 114 58.10 -12.30 -13.39
N TYR C 115 57.58 -13.21 -12.56
CA TYR C 115 58.18 -14.53 -12.39
C TYR C 115 57.82 -15.49 -13.51
N LYS C 116 58.69 -16.46 -13.74
CA LYS C 116 58.38 -17.62 -14.58
C LYS C 116 57.79 -18.71 -13.68
N LEU C 117 56.57 -19.14 -14.00
CA LEU C 117 55.86 -20.10 -13.16
C LEU C 117 55.50 -21.33 -13.95
N LYS C 118 55.45 -22.47 -13.27
CA LYS C 118 55.01 -23.71 -13.90
C LYS C 118 53.50 -23.80 -13.84
N GLU C 119 52.97 -23.94 -12.63
CA GLU C 119 51.53 -24.00 -12.41
C GLU C 119 51.07 -22.69 -11.75
N PRO C 120 49.79 -22.31 -11.95
CA PRO C 120 49.34 -20.99 -11.48
C PRO C 120 49.01 -20.91 -9.98
N LYS C 121 49.60 -21.76 -9.15
CA LYS C 121 49.31 -21.75 -7.72
C LYS C 121 50.27 -20.85 -6.94
N ASN C 122 51.50 -20.71 -7.44
CA ASN C 122 52.50 -19.88 -6.78
C ASN C 122 52.32 -18.39 -7.11
N ILE C 123 51.21 -18.06 -7.76
CA ILE C 123 50.92 -16.67 -8.12
C ILE C 123 50.63 -15.84 -6.88
N LYS C 124 51.53 -14.90 -6.58
CA LYS C 124 51.37 -14.00 -5.44
C LYS C 124 50.99 -12.60 -5.93
N SER C 125 51.58 -12.21 -7.05
CA SER C 125 51.34 -10.89 -7.64
C SER C 125 50.27 -10.94 -8.73
N ALA C 126 49.78 -9.77 -9.13
CA ALA C 126 48.73 -9.68 -10.14
C ALA C 126 49.30 -9.77 -11.54
N VAL C 127 50.57 -9.40 -11.69
CA VAL C 127 51.24 -9.49 -12.99
C VAL C 127 51.76 -10.90 -13.25
N ASP C 128 51.68 -11.75 -12.23
CA ASP C 128 52.04 -13.16 -12.38
C ASP C 128 50.85 -13.98 -12.89
N ARG C 129 49.78 -13.27 -13.24
CA ARG C 129 48.56 -13.90 -13.71
C ARG C 129 48.41 -13.69 -15.22
N THR C 130 48.96 -12.58 -15.70
CA THR C 130 48.77 -12.16 -17.09
C THR C 130 49.25 -13.17 -18.14
N PRO C 131 50.44 -13.77 -17.92
CA PRO C 131 50.89 -14.73 -18.94
C PRO C 131 49.98 -15.95 -19.07
N PHE C 132 49.43 -16.42 -17.95
CA PHE C 132 48.50 -17.53 -17.97
C PHE C 132 47.20 -17.15 -18.66
N HIS C 133 46.76 -15.90 -18.48
CA HIS C 133 45.56 -15.39 -19.14
C HIS C 133 45.77 -15.43 -20.64
N HIS C 134 46.96 -15.04 -21.07
CA HIS C 134 47.31 -15.03 -22.48
C HIS C 134 47.41 -16.45 -23.01
N LYS C 135 48.08 -17.30 -22.24
CA LYS C 135 48.27 -18.68 -22.66
C LYS C 135 46.93 -19.40 -22.77
N TRP C 136 45.99 -19.02 -21.91
CA TRP C 136 44.70 -19.69 -21.86
C TRP C 136 43.83 -19.25 -23.04
N LEU C 137 44.02 -18.00 -23.46
CA LEU C 137 43.19 -17.42 -24.52
C LEU C 137 43.77 -17.57 -25.92
N GLU C 138 45.07 -17.84 -25.99
CA GLU C 138 45.79 -17.79 -27.26
C GLU C 138 45.12 -18.60 -28.37
N GLY C 139 44.71 -19.83 -28.07
CA GLY C 139 44.08 -20.68 -29.05
C GLY C 139 42.56 -20.59 -29.06
N ARG C 140 41.98 -20.31 -27.90
CA ARG C 140 40.54 -20.29 -27.78
C ARG C 140 39.91 -19.10 -28.47
N ILE C 141 40.67 -18.04 -28.68
CA ILE C 141 40.13 -16.82 -29.25
C ILE C 141 40.36 -16.69 -30.76
N LYS C 142 41.21 -17.54 -31.32
CA LYS C 142 41.47 -17.48 -32.75
C LYS C 142 40.20 -17.73 -33.55
N GLY C 143 39.89 -16.79 -34.45
CA GLY C 143 38.68 -16.85 -35.25
C GLY C 143 37.53 -16.05 -34.66
N LYS C 144 37.79 -15.38 -33.54
CA LYS C 144 36.76 -14.63 -32.83
C LYS C 144 37.22 -13.21 -32.54
N GLU C 145 38.32 -12.80 -33.15
CA GLU C 145 38.90 -11.48 -32.90
C GLU C 145 37.90 -10.36 -33.15
N ASN C 146 37.18 -10.43 -34.28
CA ASN C 146 36.20 -9.39 -34.60
C ASN C 146 35.04 -9.38 -33.62
N GLU C 147 34.71 -10.56 -33.07
CA GLU C 147 33.64 -10.65 -32.09
C GLU C 147 34.02 -9.91 -30.81
N VAL C 148 35.26 -10.13 -30.36
CA VAL C 148 35.82 -9.40 -29.23
C VAL C 148 35.83 -7.92 -29.52
N ARG C 149 36.17 -7.56 -30.74
CA ARG C 149 36.28 -6.15 -31.11
C ARG C 149 34.91 -5.49 -31.12
N LEU C 150 33.89 -6.20 -31.55
CA LEU C 150 32.53 -5.66 -31.55
C LEU C 150 32.10 -5.34 -30.12
N LEU C 151 32.36 -6.27 -29.22
CA LEU C 151 31.98 -6.12 -27.82
C LEU C 151 32.73 -4.92 -27.19
N LYS C 152 34.03 -4.83 -27.44
CA LYS C 152 34.83 -3.74 -26.91
C LYS C 152 34.32 -2.39 -27.40
N GLY C 153 34.04 -2.31 -28.69
CA GLY C 153 33.55 -1.08 -29.28
C GLY C 153 32.19 -0.71 -28.74
N PHE C 154 31.34 -1.72 -28.60
CA PHE C 154 30.00 -1.53 -28.06
C PHE C 154 30.07 -0.98 -26.63
N LEU C 155 31.08 -1.40 -25.89
CA LEU C 155 31.22 -0.98 -24.51
C LEU C 155 31.87 0.39 -24.41
N LYS C 156 32.86 0.65 -25.26
CA LYS C 156 33.59 1.92 -25.23
C LYS C 156 32.70 3.08 -25.69
N ALA C 157 31.82 2.81 -26.62
CA ALA C 157 30.90 3.83 -27.11
C ALA C 157 29.92 4.25 -26.02
N ASN C 158 29.69 3.37 -25.06
CA ASN C 158 28.74 3.63 -23.97
C ASN C 158 29.44 3.79 -22.62
N GLY C 159 30.71 4.18 -22.67
CA GLY C 159 31.46 4.56 -21.49
C GLY C 159 31.51 3.53 -20.37
N ILE C 160 31.62 2.26 -20.72
CA ILE C 160 31.70 1.19 -19.71
C ILE C 160 32.72 0.11 -20.09
N TYR C 161 33.67 0.50 -20.94
CA TYR C 161 34.80 -0.35 -21.29
C TYR C 161 36.03 0.09 -20.50
N GLY C 162 36.68 -0.88 -19.86
CA GLY C 162 37.84 -0.61 -19.01
C GLY C 162 37.52 -0.81 -17.54
N ALA C 163 38.44 -1.46 -16.84
CA ALA C 163 38.25 -1.77 -15.43
C ALA C 163 38.95 -0.76 -14.52
N GLU C 164 39.55 0.28 -15.12
CA GLU C 164 40.16 1.32 -14.30
C GLU C 164 39.05 2.09 -13.57
N TYR C 165 39.36 2.60 -12.38
CA TYR C 165 38.35 3.22 -11.52
C TYR C 165 37.57 4.36 -12.16
N LYS C 166 38.15 5.03 -13.15
CA LYS C 166 37.47 6.12 -13.81
C LYS C 166 36.21 5.62 -14.52
N VAL C 167 36.15 4.30 -14.75
CA VAL C 167 35.10 3.70 -15.58
C VAL C 167 34.35 2.63 -14.80
N ARG C 168 35.08 1.81 -14.06
CA ARG C 168 34.51 0.67 -13.34
C ARG C 168 33.67 -0.22 -14.25
N GLY C 169 34.20 -0.52 -15.43
CA GLY C 169 33.49 -1.28 -16.44
C GLY C 169 34.12 -2.63 -16.73
N PHE C 170 34.06 -3.05 -17.99
CA PHE C 170 34.53 -4.37 -18.40
C PHE C 170 35.99 -4.33 -18.81
N SER C 171 36.82 -5.16 -18.20
CA SER C 171 38.21 -5.28 -18.60
C SER C 171 38.25 -5.93 -19.97
N GLY C 172 39.35 -5.74 -20.68
CA GLY C 172 39.55 -6.38 -21.97
C GLY C 172 39.59 -7.90 -21.85
N TYR C 173 40.22 -8.39 -20.78
CA TYR C 173 40.27 -9.81 -20.50
C TYR C 173 38.86 -10.36 -20.25
N LEU C 174 38.01 -9.58 -19.59
CA LEU C 174 36.63 -9.99 -19.35
C LEU C 174 35.89 -10.13 -20.69
N CYS C 175 36.11 -9.17 -21.58
CA CYS C 175 35.43 -9.14 -22.87
C CYS C 175 35.75 -10.38 -23.69
N GLU C 176 37.01 -10.83 -23.61
CA GLU C 176 37.43 -12.01 -24.34
C GLU C 176 36.78 -13.26 -23.76
N LEU C 177 36.79 -13.38 -22.43
CA LEU C 177 36.19 -14.53 -21.77
C LEU C 177 34.72 -14.71 -22.12
N LEU C 178 34.01 -13.59 -22.23
CA LEU C 178 32.58 -13.63 -22.54
C LEU C 178 32.35 -14.17 -23.95
N ILE C 179 33.18 -13.73 -24.89
CA ILE C 179 33.08 -14.19 -26.26
C ILE C 179 33.41 -15.67 -26.37
N VAL C 180 34.43 -16.12 -25.64
CA VAL C 180 34.82 -17.51 -25.63
C VAL C 180 33.69 -18.31 -25.02
N PHE C 181 32.99 -17.69 -24.08
CA PHE C 181 31.90 -18.37 -23.39
C PHE C 181 30.66 -18.47 -24.27
N TYR C 182 30.25 -17.34 -24.85
CA TYR C 182 29.01 -17.29 -25.64
C TYR C 182 29.23 -17.51 -27.14
N GLY C 183 30.48 -17.40 -27.57
CA GLY C 183 30.83 -17.68 -28.96
C GLY C 183 30.89 -16.46 -29.86
N SER C 184 30.00 -15.51 -29.63
CA SER C 184 29.93 -14.32 -30.48
C SER C 184 29.32 -13.15 -29.73
N PHE C 185 29.50 -11.95 -30.28
CA PHE C 185 28.99 -10.73 -29.65
C PHE C 185 27.47 -10.76 -29.55
N LEU C 186 26.80 -11.17 -30.62
CA LEU C 186 25.35 -11.16 -30.63
C LEU C 186 24.78 -12.09 -29.55
N GLU C 187 25.41 -13.24 -29.35
CA GLU C 187 24.95 -14.21 -28.36
C GLU C 187 25.26 -13.74 -26.94
N THR C 188 26.26 -12.88 -26.79
CA THR C 188 26.59 -12.31 -25.50
C THR C 188 25.53 -11.28 -25.12
N VAL C 189 25.14 -10.47 -26.09
CA VAL C 189 24.10 -9.48 -25.88
C VAL C 189 22.77 -10.18 -25.54
N LYS C 190 22.45 -11.22 -26.30
CA LYS C 190 21.20 -11.93 -26.12
C LYS C 190 21.06 -12.49 -24.70
N ASN C 191 22.12 -13.17 -24.24
CA ASN C 191 22.10 -13.79 -22.92
C ASN C 191 22.25 -12.79 -21.77
N ALA C 192 23.06 -11.75 -21.98
CA ALA C 192 23.30 -10.76 -20.94
C ALA C 192 22.01 -10.11 -20.47
N ARG C 193 20.99 -10.11 -21.34
CA ARG C 193 19.71 -9.53 -20.99
C ARG C 193 19.09 -10.19 -19.76
N ARG C 194 19.52 -11.41 -19.47
CA ARG C 194 19.01 -12.16 -18.33
C ARG C 194 20.02 -12.27 -17.18
N TRP C 195 21.10 -11.52 -17.24
CA TRP C 195 22.04 -11.46 -16.12
C TRP C 195 21.39 -10.78 -14.93
N THR C 196 21.80 -11.16 -13.73
CA THR C 196 21.37 -10.51 -12.49
C THR C 196 22.56 -10.25 -11.59
N ARG C 197 22.35 -9.48 -10.52
CA ARG C 197 23.43 -9.16 -9.61
C ARG C 197 23.97 -10.38 -8.85
N ARG C 198 23.47 -11.57 -9.17
CA ARG C 198 23.93 -12.79 -8.50
C ARG C 198 24.30 -13.88 -9.49
N THR C 199 24.39 -13.53 -10.77
CA THR C 199 24.75 -14.49 -11.79
C THR C 199 26.24 -14.82 -11.67
N VAL C 200 26.56 -16.10 -11.81
CA VAL C 200 27.94 -16.55 -11.83
C VAL C 200 28.21 -17.22 -13.17
N ILE C 201 29.18 -16.71 -13.90
CA ILE C 201 29.61 -17.28 -15.17
C ILE C 201 30.94 -18.00 -15.00
N ASP C 202 30.90 -19.33 -14.96
CA ASP C 202 32.10 -20.15 -14.80
C ASP C 202 32.53 -20.69 -16.17
N VAL C 203 33.42 -19.95 -16.83
CA VAL C 203 33.82 -20.26 -18.20
C VAL C 203 34.43 -21.66 -18.34
N ALA C 204 35.41 -21.97 -17.48
CA ALA C 204 36.15 -23.22 -17.57
C ALA C 204 35.21 -24.40 -17.46
N LYS C 205 34.21 -24.30 -16.58
CA LYS C 205 33.24 -25.38 -16.41
C LYS C 205 32.07 -25.24 -17.39
N GLY C 206 32.02 -24.13 -18.11
CA GLY C 206 31.03 -23.91 -19.16
C GLY C 206 29.59 -23.88 -18.67
N GLU C 207 29.38 -23.34 -17.47
CA GLU C 207 28.05 -23.29 -16.89
C GLU C 207 27.78 -21.92 -16.29
N VAL C 208 26.50 -21.58 -16.21
CA VAL C 208 26.04 -20.38 -15.54
C VAL C 208 25.25 -20.81 -14.32
N ARG C 209 25.46 -20.13 -13.20
CA ARG C 209 24.75 -20.48 -11.99
C ARG C 209 24.53 -19.26 -11.10
N LYS C 210 23.87 -19.46 -9.96
CA LYS C 210 23.56 -18.38 -9.04
C LYS C 210 24.61 -18.33 -7.92
N GLY C 211 24.90 -17.13 -7.45
CA GLY C 211 25.90 -16.94 -6.40
C GLY C 211 25.51 -15.84 -5.42
N GLU C 212 26.51 -15.14 -4.91
CA GLU C 212 26.31 -14.07 -3.92
C GLU C 212 26.43 -12.70 -4.60
N GLU C 213 27.16 -12.67 -5.70
CA GLU C 213 27.40 -11.44 -6.44
C GLU C 213 27.69 -11.79 -7.90
N PHE C 214 27.63 -10.80 -8.78
CA PHE C 214 27.97 -11.02 -10.18
C PHE C 214 29.43 -11.42 -10.23
N PHE C 215 29.70 -12.64 -10.69
CA PHE C 215 31.02 -13.23 -10.55
C PHE C 215 31.39 -14.01 -11.80
N VAL C 216 32.43 -13.57 -12.49
CA VAL C 216 32.95 -14.29 -13.65
C VAL C 216 34.23 -15.00 -13.24
N VAL C 217 34.17 -16.33 -13.08
CA VAL C 217 35.31 -17.11 -12.61
C VAL C 217 36.47 -17.14 -13.62
N ASP C 218 37.67 -16.81 -13.13
CA ASP C 218 38.88 -16.83 -13.96
C ASP C 218 39.26 -18.28 -14.29
N PRO C 219 39.49 -18.58 -15.58
CA PRO C 219 39.88 -19.96 -15.90
C PRO C 219 41.19 -20.37 -15.24
N VAL C 220 42.04 -19.39 -14.93
CA VAL C 220 43.35 -19.67 -14.35
C VAL C 220 43.25 -19.87 -12.85
N ASP C 221 42.44 -19.05 -12.18
CA ASP C 221 42.28 -19.12 -10.73
C ASP C 221 40.80 -19.13 -10.35
N GLU C 222 40.36 -20.23 -9.76
CA GLU C 222 38.96 -20.43 -9.41
C GLU C 222 38.43 -19.35 -8.47
N LYS C 223 39.29 -18.84 -7.59
CA LYS C 223 38.85 -17.94 -6.51
C LYS C 223 38.80 -16.48 -6.94
N ARG C 224 39.31 -16.17 -8.14
CA ARG C 224 39.34 -14.79 -8.62
C ARG C 224 38.12 -14.43 -9.49
N ASN C 225 37.56 -13.24 -9.23
CA ASN C 225 36.48 -12.70 -10.02
C ASN C 225 37.03 -11.75 -11.08
N VAL C 226 36.85 -12.10 -12.34
CA VAL C 226 37.34 -11.28 -13.44
C VAL C 226 36.55 -9.97 -13.54
N ALA C 227 35.36 -9.96 -12.97
CA ALA C 227 34.47 -8.80 -13.03
C ALA C 227 34.43 -8.06 -11.70
N ALA C 228 35.47 -8.26 -10.90
CA ALA C 228 35.53 -7.70 -9.56
C ALA C 228 35.28 -6.19 -9.53
N ASN C 229 35.90 -5.46 -10.45
CA ASN C 229 35.80 -4.00 -10.47
C ASN C 229 34.75 -3.48 -11.44
N LEU C 230 33.85 -4.36 -11.89
CA LEU C 230 32.68 -3.91 -12.62
C LEU C 230 31.61 -3.51 -11.61
N SER C 231 31.26 -2.23 -11.57
CA SER C 231 30.29 -1.74 -10.57
C SER C 231 28.91 -2.32 -10.86
N LEU C 232 28.07 -2.34 -9.83
CA LEU C 232 26.70 -2.80 -9.97
C LEU C 232 25.93 -1.99 -11.00
N ASP C 233 26.07 -0.66 -10.97
CA ASP C 233 25.32 0.21 -11.87
C ASP C 233 25.73 0.08 -13.33
N ASN C 234 26.98 -0.30 -13.58
CA ASN C 234 27.41 -0.52 -14.94
C ASN C 234 26.92 -1.88 -15.46
N LEU C 235 26.90 -2.86 -14.58
CA LEU C 235 26.30 -4.15 -14.90
C LEU C 235 24.88 -3.87 -15.34
N ALA C 236 24.15 -3.16 -14.47
CA ALA C 236 22.79 -2.74 -14.75
C ALA C 236 22.70 -2.04 -16.11
N ARG C 237 23.56 -1.05 -16.36
CA ARG C 237 23.50 -0.28 -17.60
C ARG C 237 23.75 -1.13 -18.82
N PHE C 238 24.56 -2.17 -18.68
CA PHE C 238 24.85 -3.08 -19.80
C PHE C 238 23.67 -4.00 -20.09
N VAL C 239 23.04 -4.51 -19.04
CA VAL C 239 21.86 -5.35 -19.22
C VAL C 239 20.80 -4.55 -19.95
N HIS C 240 20.53 -3.34 -19.47
CA HIS C 240 19.56 -2.47 -20.12
C HIS C 240 19.93 -2.17 -21.57
N LEU C 241 21.21 -1.91 -21.85
CA LEU C 241 21.66 -1.66 -23.21
C LEU C 241 21.36 -2.83 -24.11
N CYS C 242 21.78 -4.02 -23.68
CA CYS C 242 21.59 -5.22 -24.47
C CYS C 242 20.14 -5.43 -24.79
N ARG C 243 19.26 -5.12 -23.84
CA ARG C 243 17.84 -5.28 -24.06
C ARG C 243 17.37 -4.35 -25.17
N GLU C 244 17.71 -3.08 -25.05
CA GLU C 244 17.29 -2.08 -26.03
C GLU C 244 17.88 -2.35 -27.41
N PHE C 245 19.09 -2.91 -27.44
CA PHE C 245 19.76 -3.19 -28.70
C PHE C 245 19.02 -4.26 -29.50
N MET C 246 18.56 -5.30 -28.82
CA MET C 246 17.82 -6.38 -29.48
C MET C 246 16.44 -5.88 -29.90
N GLU C 247 15.87 -4.99 -29.10
CA GLU C 247 14.55 -4.44 -29.39
C GLU C 247 14.57 -3.69 -30.72
N ALA C 248 15.51 -2.75 -30.85
CA ALA C 248 15.62 -1.90 -32.02
C ALA C 248 17.09 -1.62 -32.28
N PRO C 249 17.77 -2.58 -32.90
CA PRO C 249 19.21 -2.42 -33.17
C PRO C 249 19.49 -1.28 -34.13
N SER C 250 20.64 -0.64 -33.99
CA SER C 250 21.05 0.45 -34.85
C SER C 250 22.53 0.72 -34.65
N LEU C 251 23.20 1.22 -35.69
CA LEU C 251 24.63 1.44 -35.67
C LEU C 251 25.03 2.49 -34.64
N GLY C 252 24.05 3.25 -34.14
CA GLY C 252 24.30 4.30 -33.18
C GLY C 252 24.90 3.80 -31.88
N PHE C 253 24.62 2.55 -31.53
CA PHE C 253 25.12 1.95 -30.29
C PHE C 253 26.64 1.85 -30.25
N PHE C 254 27.28 1.95 -31.42
CA PHE C 254 28.73 1.81 -31.51
C PHE C 254 29.44 3.14 -31.72
N LYS C 255 28.64 4.21 -31.85
CA LYS C 255 29.19 5.55 -32.02
C LYS C 255 29.08 6.31 -30.70
N PRO C 256 30.18 6.97 -30.27
CA PRO C 256 30.10 7.76 -29.04
C PRO C 256 29.10 8.91 -29.14
N LYS C 257 28.59 9.36 -28.00
CA LYS C 257 27.58 10.42 -27.96
C LYS C 257 28.22 11.77 -27.64
N HIS C 258 27.63 12.84 -28.14
CA HIS C 258 28.12 14.19 -27.88
C HIS C 258 27.90 14.59 -26.43
N PRO C 259 28.74 15.49 -25.89
CA PRO C 259 28.64 15.88 -24.48
C PRO C 259 27.40 16.72 -24.17
N LEU C 260 26.58 17.00 -25.17
CA LEU C 260 25.35 17.78 -25.00
C LEU C 260 25.64 19.15 -24.39
N GLU C 261 26.16 20.05 -25.22
CA GLU C 261 26.44 21.42 -24.79
C GLU C 261 25.13 22.16 -24.61
N ILE C 262 25.11 23.14 -23.70
CA ILE C 262 23.89 23.84 -23.34
C ILE C 262 24.23 25.26 -22.87
N GLU C 263 23.33 26.20 -23.16
CA GLU C 263 23.52 27.59 -22.75
C GLU C 263 23.31 27.73 -21.25
N PRO C 264 24.14 28.56 -20.59
CA PRO C 264 23.97 28.76 -19.14
C PRO C 264 22.59 29.32 -18.76
N GLU C 265 21.91 29.98 -19.68
CA GLU C 265 20.62 30.56 -19.39
C GLU C 265 19.51 29.51 -19.33
N ARG C 266 19.59 28.52 -20.21
CA ARG C 266 18.62 27.43 -20.17
C ARG C 266 18.87 26.59 -18.94
N LEU C 267 20.14 26.40 -18.60
CA LEU C 267 20.50 25.59 -17.45
C LEU C 267 20.04 26.26 -16.17
N ARG C 268 20.14 27.59 -16.14
CA ARG C 268 19.65 28.39 -15.01
C ARG C 268 18.14 28.22 -14.87
N LYS C 269 17.44 28.28 -15.98
CA LYS C 269 15.99 28.16 -15.98
C LYS C 269 15.51 26.78 -15.52
N ILE C 270 16.33 25.75 -15.73
CA ILE C 270 15.98 24.40 -15.31
C ILE C 270 16.12 24.24 -13.80
N VAL C 271 17.25 24.69 -13.26
CA VAL C 271 17.49 24.60 -11.82
C VAL C 271 16.39 25.34 -11.08
N GLU C 272 15.94 26.47 -11.61
CA GLU C 272 14.83 27.21 -11.03
C GLU C 272 13.56 26.36 -11.00
N GLU C 273 13.24 25.74 -12.14
CA GLU C 273 12.06 24.90 -12.24
C GLU C 273 12.09 23.71 -11.28
N ARG C 274 13.30 23.22 -10.98
CA ARG C 274 13.47 22.12 -10.04
C ARG C 274 13.30 22.58 -8.59
N GLY C 275 13.75 23.80 -8.30
CA GLY C 275 13.61 24.38 -6.98
C GLY C 275 14.65 23.87 -6.00
N THR C 276 15.68 23.23 -6.55
CA THR C 276 16.76 22.67 -5.76
C THR C 276 17.90 23.67 -5.55
N ALA C 277 18.83 23.28 -4.68
CA ALA C 277 20.08 24.00 -4.52
C ALA C 277 21.17 23.23 -5.26
N VAL C 278 21.81 23.86 -6.24
CA VAL C 278 22.87 23.24 -7.02
C VAL C 278 24.17 23.97 -6.80
N PHE C 279 25.18 23.27 -6.32
CA PHE C 279 26.48 23.89 -6.07
C PHE C 279 27.59 22.90 -6.28
N ALA C 280 28.81 23.41 -6.29
CA ALA C 280 29.98 22.57 -6.46
C ALA C 280 31.09 22.99 -5.52
N VAL C 281 31.92 22.02 -5.15
CA VAL C 281 33.16 22.27 -4.45
C VAL C 281 34.30 22.18 -5.47
N LYS C 282 35.01 23.30 -5.67
CA LYS C 282 36.12 23.34 -6.63
C LYS C 282 37.44 23.41 -5.88
N PHE C 283 38.36 22.51 -6.23
CA PHE C 283 39.70 22.50 -5.64
C PHE C 283 40.73 22.01 -6.64
N ARG C 284 42.01 22.21 -6.34
CA ARG C 284 43.08 21.87 -7.27
C ARG C 284 43.36 20.37 -7.28
N LYS C 285 43.49 19.81 -8.48
CA LYS C 285 43.71 18.38 -8.68
C LYS C 285 45.06 17.95 -8.15
N PRO C 286 45.08 16.92 -7.28
CA PRO C 286 46.36 16.34 -6.87
C PRO C 286 47.07 15.67 -8.05
N ASP C 287 48.39 15.74 -8.08
CA ASP C 287 49.16 15.15 -9.16
C ASP C 287 49.36 13.65 -8.90
N ILE C 288 48.27 12.91 -9.01
CA ILE C 288 48.29 11.47 -8.82
C ILE C 288 47.59 10.75 -9.97
N VAL C 289 47.87 9.46 -10.10
CA VAL C 289 47.24 8.65 -11.14
C VAL C 289 45.73 8.48 -10.91
N ASP C 290 44.98 8.35 -12.01
CA ASP C 290 43.52 8.30 -11.94
C ASP C 290 43.02 7.20 -11.00
N ASP C 291 43.77 6.11 -10.89
CA ASP C 291 43.31 5.00 -10.07
C ASP C 291 43.47 5.30 -8.58
N ASN C 292 44.23 6.33 -8.27
CA ASN C 292 44.31 6.85 -6.92
C ASN C 292 43.32 8.00 -6.75
N LEU C 293 43.24 8.83 -7.78
CA LEU C 293 42.39 10.02 -7.75
C LEU C 293 40.90 9.71 -7.61
N TYR C 294 40.36 8.94 -8.55
CA TYR C 294 38.91 8.78 -8.65
C TYR C 294 38.29 8.09 -7.43
N PRO C 295 38.95 7.08 -6.88
CA PRO C 295 38.43 6.51 -5.63
C PRO C 295 38.32 7.55 -4.51
N GLN C 296 39.24 8.52 -4.49
CA GLN C 296 39.23 9.56 -3.47
C GLN C 296 38.13 10.60 -3.73
N LEU C 297 37.89 10.88 -5.01
CA LEU C 297 36.79 11.75 -5.40
C LEU C 297 35.45 11.10 -5.09
N GLU C 298 35.41 9.78 -5.15
CA GLU C 298 34.20 9.05 -4.78
C GLU C 298 33.99 9.17 -3.26
N ARG C 299 35.08 9.05 -2.52
CA ARG C 299 35.04 9.12 -1.06
C ARG C 299 34.67 10.51 -0.57
N ALA C 300 35.26 11.53 -1.19
CA ALA C 300 34.97 12.91 -0.82
C ALA C 300 33.51 13.22 -1.09
N SER C 301 33.09 12.91 -2.31
CA SER C 301 31.72 13.11 -2.73
C SER C 301 30.74 12.38 -1.81
N ARG C 302 31.10 11.19 -1.35
CA ARG C 302 30.18 10.42 -0.52
C ARG C 302 30.08 11.04 0.86
N LYS C 303 31.25 11.41 1.39
CA LYS C 303 31.35 11.90 2.77
C LYS C 303 30.60 13.21 2.91
N ILE C 304 30.64 14.05 1.89
CA ILE C 304 29.87 15.28 1.86
C ILE C 304 28.36 15.00 1.69
N PHE C 305 28.03 14.02 0.85
CA PHE C 305 26.65 13.61 0.64
C PHE C 305 26.04 13.17 1.97
N GLU C 306 26.79 12.37 2.74
CA GLU C 306 26.28 11.86 4.00
C GLU C 306 26.12 12.99 5.01
N PHE C 307 26.95 14.01 4.88
CA PHE C 307 26.88 15.17 5.76
C PHE C 307 25.61 15.94 5.45
N LEU C 308 25.28 16.05 4.18
CA LEU C 308 24.08 16.75 3.76
C LEU C 308 22.81 16.05 4.24
N GLU C 309 22.78 14.71 4.16
CA GLU C 309 21.66 13.95 4.68
C GLU C 309 21.52 14.16 6.19
N ARG C 310 22.64 14.04 6.89
CA ARG C 310 22.68 14.14 8.35
C ARG C 310 22.21 15.50 8.82
N GLU C 311 22.49 16.54 8.03
CA GLU C 311 22.09 17.90 8.35
C GLU C 311 20.75 18.29 7.69
N ASN C 312 20.02 17.29 7.23
CA ASN C 312 18.66 17.47 6.72
C ASN C 312 18.50 18.40 5.52
N PHE C 313 19.53 18.49 4.70
CA PHE C 313 19.41 19.24 3.47
C PHE C 313 18.89 18.36 2.32
N MET C 314 18.78 17.06 2.58
CA MET C 314 18.14 16.12 1.65
C MET C 314 18.75 16.21 0.28
N PRO C 315 19.99 15.74 0.14
CA PRO C 315 20.62 15.70 -1.18
C PRO C 315 19.94 14.71 -2.09
N LEU C 316 19.88 15.03 -3.38
CA LEU C 316 19.31 14.16 -4.40
C LEU C 316 20.39 13.27 -5.01
N ARG C 317 21.37 13.89 -5.65
CA ARG C 317 22.45 13.16 -6.28
C ARG C 317 23.73 13.93 -6.14
N SER C 318 24.83 13.26 -6.46
CA SER C 318 26.12 13.93 -6.52
C SER C 318 26.85 13.44 -7.76
N ALA C 319 27.94 14.11 -8.09
CA ALA C 319 28.79 13.72 -9.20
C ALA C 319 30.15 14.38 -8.99
N PHE C 320 31.09 14.09 -9.89
CA PHE C 320 32.39 14.74 -9.83
C PHE C 320 33.08 14.75 -11.18
N LYS C 321 33.80 15.83 -11.46
CA LYS C 321 34.61 15.94 -12.65
C LYS C 321 36.04 16.27 -12.24
N ALA C 322 36.99 15.89 -13.10
CA ALA C 322 38.39 16.14 -12.85
C ALA C 322 39.05 16.56 -14.15
N SER C 323 39.35 17.86 -14.27
CA SER C 323 40.06 18.38 -15.43
C SER C 323 41.56 18.32 -15.16
N GLU C 324 42.35 19.03 -15.96
CA GLU C 324 43.80 19.01 -15.83
C GLU C 324 44.27 19.73 -14.58
N GLU C 325 43.65 20.89 -14.30
CA GLU C 325 44.06 21.72 -13.16
C GLU C 325 43.17 21.52 -11.92
N PHE C 326 41.86 21.47 -12.13
CA PHE C 326 40.91 21.46 -11.01
C PHE C 326 40.01 20.24 -10.97
N CYS C 327 39.47 19.95 -9.77
CA CYS C 327 38.45 18.93 -9.60
C CYS C 327 37.17 19.57 -9.07
N TYR C 328 36.03 18.97 -9.39
CA TYR C 328 34.74 19.48 -8.94
C TYR C 328 33.94 18.38 -8.26
N LEU C 329 33.30 18.71 -7.15
CA LEU C 329 32.33 17.82 -6.52
C LEU C 329 30.95 18.46 -6.60
N LEU C 330 30.04 17.82 -7.35
CA LEU C 330 28.74 18.41 -7.68
C LEU C 330 27.65 17.86 -6.80
N PHE C 331 26.73 18.73 -6.38
CA PHE C 331 25.65 18.36 -5.47
C PHE C 331 24.33 19.06 -5.82
N GLU C 332 23.23 18.34 -5.61
CA GLU C 332 21.90 18.92 -5.73
C GLU C 332 21.04 18.52 -4.53
N CYS C 333 20.58 19.52 -3.78
CA CYS C 333 19.80 19.30 -2.57
C CYS C 333 18.39 19.84 -2.72
N GLN C 334 17.45 19.17 -2.08
CA GLN C 334 16.04 19.55 -2.12
C GLN C 334 15.74 20.74 -1.20
N ILE C 335 16.63 21.02 -0.25
CA ILE C 335 16.47 22.11 0.71
C ILE C 335 17.47 23.24 0.44
N LYS C 336 16.97 24.38 -0.03
CA LYS C 336 17.79 25.56 -0.24
C LYS C 336 18.06 26.29 1.08
N GLU C 337 17.11 26.19 2.01
CA GLU C 337 17.22 26.88 3.29
C GLU C 337 16.46 26.15 4.40
N ILE C 338 17.10 26.02 5.56
CA ILE C 338 16.51 25.36 6.72
C ILE C 338 16.51 26.36 7.88
N SER C 339 15.58 26.18 8.82
CA SER C 339 15.34 27.20 9.83
C SER C 339 16.56 27.31 10.73
N ARG C 340 16.67 28.42 11.43
CA ARG C 340 17.80 28.58 12.32
C ARG C 340 17.64 27.70 13.56
N VAL C 341 16.42 27.64 14.08
CA VAL C 341 16.17 26.91 15.30
C VAL C 341 16.09 25.41 15.01
N PHE C 342 16.53 24.60 15.97
CA PHE C 342 16.42 23.14 15.85
C PHE C 342 16.26 22.49 17.24
N ARG C 343 15.97 21.19 17.29
CA ARG C 343 15.72 20.49 18.54
C ARG C 343 16.90 19.64 18.97
N ARG C 344 17.33 19.81 20.22
CA ARG C 344 18.41 19.01 20.78
C ARG C 344 17.88 18.14 21.92
N MET C 345 18.12 16.84 21.83
CA MET C 345 17.57 15.90 22.78
C MET C 345 18.34 15.99 24.07
N GLY C 346 17.62 16.06 25.18
CA GLY C 346 18.20 16.10 26.51
C GLY C 346 17.90 14.78 27.21
N PRO C 347 18.25 14.67 28.49
CA PRO C 347 18.03 13.43 29.26
C PRO C 347 16.57 13.19 29.66
N GLN C 348 16.30 12.01 30.19
CA GLN C 348 14.99 11.67 30.71
C GLN C 348 14.81 12.33 32.08
N PHE C 349 13.57 12.67 32.40
CA PHE C 349 13.28 13.52 33.55
C PHE C 349 13.73 12.94 34.89
N GLU C 350 13.83 11.63 34.99
CA GLU C 350 14.28 11.00 36.24
C GLU C 350 15.74 11.30 36.58
N ASP C 351 16.54 11.59 35.56
CA ASP C 351 17.98 11.75 35.72
C ASP C 351 18.35 13.14 36.23
N GLU C 352 18.16 13.37 37.52
CA GLU C 352 18.31 14.71 38.10
C GLU C 352 19.69 15.32 37.83
N ARG C 353 20.71 14.49 37.90
CA ARG C 353 22.08 14.98 37.69
C ARG C 353 22.22 15.56 36.29
N ASN C 354 21.93 14.74 35.28
CA ASN C 354 22.05 15.16 33.91
C ASN C 354 21.03 16.23 33.48
N VAL C 355 19.86 16.25 34.11
CA VAL C 355 18.88 17.29 33.78
C VAL C 355 19.42 18.65 34.21
N LYS C 356 20.03 18.68 35.40
CA LYS C 356 20.60 19.92 35.91
C LYS C 356 21.60 20.49 34.92
N LYS C 357 22.45 19.61 34.40
CA LYS C 357 23.47 20.01 33.44
C LYS C 357 22.83 20.50 32.15
N PHE C 358 21.82 19.78 31.68
CA PHE C 358 21.18 20.13 30.42
C PHE C 358 20.47 21.47 30.50
N LEU C 359 19.92 21.78 31.68
CA LEU C 359 19.19 23.03 31.87
C LEU C 359 20.09 24.21 32.23
N SER C 360 21.35 23.94 32.55
CA SER C 360 22.24 24.98 33.05
C SER C 360 22.66 25.95 31.96
N ARG C 361 22.87 25.43 30.75
CA ARG C 361 23.35 26.24 29.64
C ARG C 361 22.33 27.29 29.22
N ASN C 362 22.81 28.50 28.91
CA ASN C 362 21.95 29.59 28.49
C ASN C 362 21.47 29.40 27.07
N ARG C 363 20.21 29.78 26.83
CA ARG C 363 19.58 29.63 25.52
C ARG C 363 18.56 30.75 25.35
N ALA C 364 18.23 31.07 24.10
CA ALA C 364 17.27 32.14 23.81
C ALA C 364 15.83 31.73 24.14
N PHE C 365 15.55 30.43 24.14
CA PHE C 365 14.19 29.92 24.37
C PHE C 365 14.15 28.85 25.46
N ARG C 366 13.00 28.72 26.12
CA ARG C 366 12.82 27.79 27.22
C ARG C 366 12.80 26.34 26.76
N PRO C 367 13.63 25.48 27.37
CA PRO C 367 13.53 24.04 27.08
C PRO C 367 12.16 23.51 27.46
N PHE C 368 11.86 22.27 27.08
CA PHE C 368 10.54 21.71 27.32
C PHE C 368 10.60 20.19 27.49
N ILE C 369 9.54 19.63 28.07
CA ILE C 369 9.42 18.18 28.27
C ILE C 369 8.57 17.61 27.14
N GLU C 370 8.97 16.46 26.62
CA GLU C 370 8.19 15.76 25.62
C GLU C 370 8.47 14.26 25.71
N ASN C 371 7.40 13.48 25.90
CA ASN C 371 7.48 12.03 26.07
C ASN C 371 8.51 11.60 27.12
N GLY C 372 8.56 12.35 28.22
CA GLY C 372 9.37 11.99 29.36
C GLY C 372 10.81 12.46 29.29
N ARG C 373 11.18 13.13 28.19
CA ARG C 373 12.54 13.61 28.02
C ARG C 373 12.56 15.12 27.93
N TRP C 374 13.68 15.72 28.33
CA TRP C 374 13.88 17.14 28.10
C TRP C 374 14.38 17.36 26.67
N TRP C 375 14.04 18.52 26.11
CA TRP C 375 14.47 18.92 24.78
C TRP C 375 14.76 20.40 24.85
N ALA C 376 15.63 20.88 23.97
CA ALA C 376 15.98 22.31 23.95
C ALA C 376 16.01 22.83 22.53
N PHE C 377 15.49 24.03 22.36
CA PHE C 377 15.61 24.73 21.10
C PHE C 377 16.99 25.35 21.08
N GLU C 378 17.76 25.07 20.04
CA GLU C 378 19.07 25.66 19.87
C GLU C 378 19.18 26.18 18.45
N MET C 379 20.32 26.81 18.15
CA MET C 379 20.50 27.50 16.88
C MET C 379 21.59 26.84 16.04
N ARG C 380 21.33 26.75 14.74
CA ARG C 380 22.26 26.22 13.76
C ARG C 380 23.31 27.27 13.37
N LYS C 381 24.51 26.82 13.04
CA LYS C 381 25.58 27.72 12.59
C LYS C 381 25.45 28.11 11.12
N PHE C 382 24.83 27.23 10.33
CA PHE C 382 24.55 27.49 8.92
C PHE C 382 23.10 27.12 8.64
N THR C 383 22.52 27.71 7.59
CA THR C 383 21.13 27.44 7.23
C THR C 383 20.95 27.07 5.77
N THR C 384 22.06 27.00 5.02
CA THR C 384 22.01 26.55 3.63
C THR C 384 23.01 25.44 3.40
N PRO C 385 22.76 24.58 2.39
CA PRO C 385 23.70 23.52 2.05
C PRO C 385 25.09 24.10 1.81
N GLU C 386 25.16 25.22 1.10
CA GLU C 386 26.43 25.80 0.72
C GLU C 386 27.28 26.18 1.95
N GLU C 387 26.63 26.78 2.94
CA GLU C 387 27.34 27.22 4.15
C GLU C 387 27.69 26.04 5.03
N GLY C 388 26.91 24.97 4.95
CA GLY C 388 27.22 23.74 5.66
C GLY C 388 28.47 23.05 5.13
N VAL C 389 28.60 22.97 3.81
CA VAL C 389 29.76 22.29 3.24
C VAL C 389 31.00 23.17 3.42
N ARG C 390 30.80 24.48 3.45
CA ARG C 390 31.90 25.39 3.74
C ARG C 390 32.48 25.06 5.10
N SER C 391 31.59 24.76 6.04
CA SER C 391 32.03 24.38 7.38
C SER C 391 32.62 22.97 7.40
N TYR C 392 32.00 22.05 6.69
CA TYR C 392 32.42 20.65 6.72
C TYR C 392 33.76 20.46 6.05
N ALA C 393 33.89 20.97 4.83
CA ALA C 393 35.14 20.88 4.10
C ALA C 393 36.26 21.62 4.82
N SER C 394 35.92 22.54 5.71
CA SER C 394 36.94 23.31 6.40
C SER C 394 37.50 22.58 7.62
N THR C 395 36.65 21.82 8.32
CA THR C 395 37.06 21.14 9.54
C THR C 395 37.20 19.62 9.37
N HIS C 396 36.70 19.09 8.26
CA HIS C 396 36.78 17.64 8.00
C HIS C 396 37.52 17.32 6.71
N TRP C 397 38.44 18.17 6.31
CA TRP C 397 39.17 17.98 5.06
C TRP C 397 39.91 16.65 5.03
N HIS C 398 40.34 16.16 6.20
CA HIS C 398 41.21 15.00 6.25
C HIS C 398 40.51 13.70 5.90
N THR C 399 39.20 13.64 6.13
CA THR C 399 38.44 12.44 5.85
C THR C 399 38.05 12.36 4.38
N LEU C 400 38.32 13.42 3.62
CA LEU C 400 37.93 13.45 2.22
C LEU C 400 38.97 12.80 1.29
N GLY C 401 39.75 11.87 1.83
CA GLY C 401 40.81 11.21 1.07
C GLY C 401 42.19 11.72 1.47
N LYS C 402 43.21 10.97 1.10
CA LYS C 402 44.59 11.33 1.45
C LYS C 402 45.03 12.58 0.71
N ASN C 403 44.98 12.54 -0.61
CA ASN C 403 45.46 13.63 -1.43
C ASN C 403 44.39 14.64 -1.77
N VAL C 404 43.18 14.16 -1.99
CA VAL C 404 42.03 15.03 -2.22
C VAL C 404 41.76 15.85 -0.96
N GLY C 405 41.84 15.21 0.20
CA GLY C 405 41.65 15.89 1.46
C GLY C 405 42.71 16.94 1.73
N GLU C 406 43.95 16.66 1.35
CA GLU C 406 45.07 17.57 1.58
C GLU C 406 44.93 18.79 0.69
N SER C 407 44.46 18.57 -0.54
CA SER C 407 44.28 19.67 -1.46
C SER C 407 43.21 20.61 -0.94
N ILE C 408 42.08 20.05 -0.55
CA ILE C 408 40.96 20.82 -0.03
C ILE C 408 41.40 21.68 1.16
N ARG C 409 42.39 21.19 1.91
CA ARG C 409 42.90 21.90 3.07
C ARG C 409 43.66 23.16 2.67
N GLU C 410 44.33 23.09 1.52
CA GLU C 410 45.12 24.22 1.04
C GLU C 410 44.24 25.26 0.36
N TYR C 411 43.15 24.81 -0.25
CA TYR C 411 42.25 25.70 -0.96
C TYR C 411 41.00 24.97 -1.43
N PHE C 412 39.87 25.65 -1.36
CA PHE C 412 38.66 25.20 -2.03
C PHE C 412 37.68 26.37 -2.02
N GLU C 413 36.66 26.27 -2.86
CA GLU C 413 35.56 27.23 -2.82
C GLU C 413 34.24 26.56 -3.17
N ILE C 414 33.16 27.09 -2.59
CA ILE C 414 31.82 26.65 -2.95
C ILE C 414 31.35 27.59 -4.06
N ILE C 415 30.92 27.03 -5.18
CA ILE C 415 30.42 27.83 -6.31
C ILE C 415 28.99 27.42 -6.61
N SER C 416 28.10 28.39 -6.64
CA SER C 416 26.67 28.15 -6.80
C SER C 416 26.08 29.12 -7.81
N GLY C 417 24.77 29.02 -8.03
CA GLY C 417 24.05 29.97 -8.85
C GLY C 417 24.54 29.99 -10.29
N GLU C 418 24.51 31.17 -10.89
CA GLU C 418 24.84 31.32 -12.30
C GLU C 418 26.33 31.15 -12.56
N LYS C 419 27.16 31.44 -11.56
CA LYS C 419 28.60 31.35 -11.73
C LYS C 419 29.07 29.90 -11.89
N LEU C 420 28.29 28.96 -11.38
CA LEU C 420 28.62 27.55 -11.53
C LEU C 420 28.51 27.14 -12.98
N PHE C 421 27.53 27.69 -13.68
CA PHE C 421 27.25 27.31 -15.06
C PHE C 421 28.34 27.81 -16.01
N LYS C 422 29.19 28.71 -15.54
CA LYS C 422 30.31 29.20 -16.33
C LYS C 422 31.52 28.29 -16.18
N GLU C 423 31.50 27.44 -15.16
CA GLU C 423 32.55 26.45 -14.95
C GLU C 423 32.36 25.29 -15.92
N PRO C 424 33.43 24.56 -16.24
CA PRO C 424 33.34 23.49 -17.25
C PRO C 424 32.77 22.19 -16.69
N VAL C 425 31.56 22.26 -16.14
CA VAL C 425 30.93 21.13 -15.48
C VAL C 425 29.49 20.92 -15.97
N THR C 426 29.14 21.56 -17.08
CA THR C 426 27.80 21.48 -17.62
C THR C 426 27.37 20.05 -17.96
N ALA C 427 28.28 19.29 -18.57
CA ALA C 427 27.96 17.94 -18.98
C ALA C 427 27.53 17.11 -17.78
N GLU C 428 28.26 17.24 -16.68
CA GLU C 428 27.99 16.41 -15.51
C GLU C 428 26.72 16.88 -14.81
N LEU C 429 26.47 18.19 -14.81
CA LEU C 429 25.25 18.73 -14.22
C LEU C 429 24.03 18.25 -14.99
N CYS C 430 24.14 18.25 -16.32
CA CYS C 430 23.06 17.78 -17.17
C CYS C 430 22.78 16.30 -16.92
N GLU C 431 23.86 15.51 -16.85
CA GLU C 431 23.72 14.09 -16.55
C GLU C 431 23.14 13.89 -15.15
N MET C 432 23.63 14.66 -14.18
CA MET C 432 23.21 14.53 -12.79
C MET C 432 21.71 14.80 -12.64
N MET C 433 21.25 15.89 -13.25
CA MET C 433 19.84 16.29 -13.15
C MET C 433 18.96 15.61 -14.18
N GLY C 434 19.54 14.72 -14.97
CA GLY C 434 18.79 13.96 -15.97
C GLY C 434 18.17 14.85 -17.04
N VAL C 435 18.88 15.89 -17.43
CA VAL C 435 18.44 16.77 -18.51
C VAL C 435 18.43 16.02 -19.83
N LYS C 436 17.32 16.11 -20.55
CA LYS C 436 17.20 15.47 -21.86
C LYS C 436 17.46 16.45 -22.99
N ASP C 437 17.68 15.92 -24.20
CA ASP C 437 17.94 16.75 -25.37
C ASP C 437 16.69 17.53 -25.78
N MET E 1 -3.39 -50.16 18.25
CA MET E 1 -3.26 -50.68 19.65
C MET E 1 -2.27 -49.83 20.45
N LYS E 2 -2.66 -49.47 21.67
CA LYS E 2 -1.83 -48.64 22.55
C LYS E 2 -1.56 -47.27 21.95
N VAL E 3 -0.91 -46.42 22.73
CA VAL E 3 -0.70 -45.03 22.33
C VAL E 3 0.46 -44.95 21.34
N GLU E 4 0.93 -46.09 20.86
CA GLU E 4 2.12 -46.14 20.03
C GLU E 4 1.75 -46.49 18.59
N GLU E 5 0.87 -47.47 18.43
CA GLU E 5 0.52 -47.95 17.10
C GLU E 5 -0.54 -47.04 16.51
N ILE E 6 -1.36 -46.46 17.37
CA ILE E 6 -2.38 -45.52 16.89
C ILE E 6 -1.70 -44.31 16.27
N LEU E 7 -0.60 -43.86 16.87
CA LEU E 7 0.17 -42.77 16.31
C LEU E 7 0.79 -43.15 14.96
N GLU E 8 1.23 -44.40 14.85
CA GLU E 8 1.79 -44.91 13.59
C GLU E 8 0.75 -44.86 12.47
N LYS E 9 -0.49 -45.21 12.82
CA LYS E 9 -1.57 -45.23 11.84
C LYS E 9 -2.15 -43.84 11.63
N ALA E 10 -1.89 -42.95 12.57
CA ALA E 10 -2.36 -41.57 12.47
C ALA E 10 -1.49 -40.77 11.52
N LEU E 11 -0.22 -41.17 11.37
CA LEU E 11 0.68 -40.46 10.48
C LEU E 11 0.17 -40.46 9.05
N GLU E 12 -0.48 -41.56 8.65
CA GLU E 12 -0.96 -41.69 7.28
C GLU E 12 -2.00 -40.63 6.95
N LEU E 13 -2.76 -40.21 7.97
CA LEU E 13 -3.81 -39.22 7.78
C LEU E 13 -3.30 -37.80 7.92
N VAL E 14 -1.98 -37.64 7.97
CA VAL E 14 -1.40 -36.39 8.45
C VAL E 14 -0.11 -36.03 7.68
N ILE E 15 0.68 -37.05 7.32
CA ILE E 15 1.85 -36.83 6.49
C ILE E 15 1.40 -36.71 5.03
N PRO E 16 1.94 -35.72 4.30
CA PRO E 16 1.56 -35.57 2.88
C PRO E 16 2.10 -36.69 1.98
N ASP E 17 1.27 -37.13 1.04
CA ASP E 17 1.68 -38.15 0.06
C ASP E 17 2.72 -37.59 -0.92
N GLU E 18 3.41 -38.49 -1.61
CA GLU E 18 4.53 -38.11 -2.47
C GLU E 18 4.09 -37.22 -3.63
N GLU E 19 2.84 -37.34 -4.06
CA GLU E 19 2.37 -36.53 -5.18
C GLU E 19 2.23 -35.08 -4.76
N GLU E 20 1.76 -34.85 -3.54
CA GLU E 20 1.57 -33.50 -3.04
C GLU E 20 2.94 -32.88 -2.74
N VAL E 21 3.82 -33.66 -2.14
CA VAL E 21 5.19 -33.21 -1.88
C VAL E 21 5.88 -32.85 -3.20
N ARG E 22 5.67 -33.67 -4.22
CA ARG E 22 6.26 -33.42 -5.53
C ARG E 22 5.62 -32.20 -6.17
N LYS E 23 4.30 -32.08 -6.03
CA LYS E 23 3.59 -30.93 -6.56
C LYS E 23 4.10 -29.62 -5.90
N GLY E 24 4.41 -29.72 -4.61
CA GLY E 24 4.94 -28.60 -3.84
C GLY E 24 6.32 -28.20 -4.30
N ARG E 25 7.17 -29.20 -4.54
CA ARG E 25 8.55 -28.95 -4.97
C ARG E 25 8.60 -28.23 -6.33
N GLU E 26 7.83 -28.72 -7.30
CA GLU E 26 7.83 -28.14 -8.64
C GLU E 26 7.39 -26.68 -8.61
N ALA E 27 6.38 -26.39 -7.80
CA ALA E 27 5.89 -25.02 -7.62
C ALA E 27 6.98 -24.16 -6.99
N GLU E 28 7.64 -24.69 -5.95
CA GLU E 28 8.74 -24.00 -5.31
C GLU E 28 9.84 -23.66 -6.31
N GLU E 29 10.26 -24.65 -7.10
CA GLU E 29 11.31 -24.43 -8.08
C GLU E 29 10.92 -23.32 -9.04
N GLU E 30 9.73 -23.45 -9.63
CA GLU E 30 9.28 -22.44 -10.60
C GLU E 30 9.17 -21.06 -9.95
N LEU E 31 8.75 -21.04 -8.69
CA LEU E 31 8.60 -19.80 -7.97
C LEU E 31 9.95 -19.18 -7.69
N ARG E 32 10.95 -20.01 -7.42
CA ARG E 32 12.30 -19.50 -7.19
C ARG E 32 12.87 -18.97 -8.49
N ARG E 33 12.58 -19.66 -9.59
CA ARG E 33 13.07 -19.26 -10.89
C ARG E 33 12.53 -17.88 -11.24
N ARG E 34 11.26 -17.64 -10.93
CA ARG E 34 10.63 -16.36 -11.21
C ARG E 34 11.21 -15.26 -10.34
N LEU E 35 11.38 -15.54 -9.06
CA LEU E 35 11.92 -14.55 -8.13
C LEU E 35 13.37 -14.21 -8.45
N ASP E 36 14.18 -15.24 -8.75
CA ASP E 36 15.57 -15.01 -9.10
C ASP E 36 15.71 -14.11 -10.34
N GLU E 37 14.85 -14.28 -11.33
CA GLU E 37 14.87 -13.45 -12.54
C GLU E 37 14.69 -11.96 -12.22
N LEU E 38 14.00 -11.67 -11.12
CA LEU E 38 13.68 -10.30 -10.75
C LEU E 38 14.70 -9.71 -9.79
N GLY E 39 15.66 -10.53 -9.38
CA GLY E 39 16.78 -10.10 -8.56
C GLY E 39 16.39 -9.65 -7.16
N VAL E 40 15.19 -9.99 -6.70
CA VAL E 40 14.73 -9.56 -5.37
C VAL E 40 15.24 -10.50 -4.27
N GLU E 41 15.41 -9.95 -3.06
CA GLU E 41 15.70 -10.77 -1.88
C GLU E 41 14.42 -11.30 -1.24
N TYR E 42 14.39 -12.61 -1.00
CA TYR E 42 13.22 -13.27 -0.44
C TYR E 42 13.62 -14.41 0.48
N VAL E 43 12.63 -14.95 1.18
CA VAL E 43 12.85 -16.13 2.02
C VAL E 43 11.55 -16.91 2.11
N PHE E 44 11.64 -18.21 1.88
CA PHE E 44 10.50 -19.11 2.08
C PHE E 44 10.37 -19.37 3.57
N VAL E 45 9.14 -19.23 4.07
CA VAL E 45 8.87 -19.39 5.50
C VAL E 45 7.59 -20.19 5.72
N GLY E 46 7.24 -20.40 6.99
CA GLY E 46 6.01 -21.09 7.33
C GLY E 46 6.14 -22.60 7.32
N SER E 47 4.99 -23.27 7.37
CA SER E 47 4.97 -24.73 7.49
C SER E 47 5.63 -25.38 6.29
N TYR E 48 5.41 -24.83 5.10
CA TYR E 48 5.99 -25.46 3.91
C TYR E 48 7.52 -25.45 3.97
N ALA E 49 8.10 -24.31 4.30
CA ALA E 49 9.55 -24.19 4.35
C ALA E 49 10.16 -25.16 5.37
N ARG E 50 9.42 -25.50 6.42
CA ARG E 50 9.92 -26.36 7.48
C ARG E 50 9.43 -27.79 7.36
N ASN E 51 8.66 -28.07 6.32
CA ASN E 51 8.17 -29.42 6.06
C ASN E 51 7.34 -29.92 7.25
N THR E 52 6.37 -29.11 7.66
CA THR E 52 5.45 -29.47 8.73
C THR E 52 4.01 -29.13 8.36
N TRP E 53 3.75 -28.99 7.05
CA TRP E 53 2.40 -28.70 6.60
C TRP E 53 1.55 -29.96 6.65
N LEU E 54 0.31 -29.81 7.07
CA LEU E 54 -0.59 -30.92 7.26
C LEU E 54 -1.07 -31.46 5.90
N LYS E 55 -1.22 -32.78 5.78
CA LYS E 55 -1.66 -33.40 4.54
C LYS E 55 -2.94 -32.78 3.97
N GLY E 56 -2.87 -32.32 2.72
CA GLY E 56 -4.03 -31.76 2.04
C GLY E 56 -4.11 -30.24 2.13
N SER E 57 -3.22 -29.64 2.90
CA SER E 57 -3.17 -28.19 3.10
C SER E 57 -1.85 -27.59 2.60
N LEU E 58 -1.50 -27.88 1.36
CA LEU E 58 -0.28 -27.36 0.75
C LEU E 58 -0.39 -25.90 0.38
N GLU E 59 0.39 -25.06 1.05
CA GLU E 59 0.44 -23.64 0.75
C GLU E 59 1.84 -23.10 0.99
N ILE E 60 2.31 -22.28 0.05
CA ILE E 60 3.65 -21.73 0.09
C ILE E 60 3.61 -20.24 0.45
N ASP E 61 4.38 -19.87 1.45
CA ASP E 61 4.47 -18.49 1.87
C ASP E 61 5.87 -17.97 1.52
N VAL E 62 5.91 -16.84 0.81
CA VAL E 62 7.18 -16.23 0.43
C VAL E 62 7.20 -14.78 0.88
N PHE E 63 8.25 -14.41 1.60
CA PHE E 63 8.42 -13.07 2.10
C PHE E 63 9.51 -12.36 1.35
N LEU E 64 9.20 -11.15 0.89
CA LEU E 64 10.14 -10.30 0.21
C LEU E 64 10.85 -9.43 1.25
N LEU E 65 12.18 -9.49 1.27
CA LEU E 65 12.97 -8.76 2.26
C LEU E 65 13.46 -7.42 1.70
N PHE E 66 12.76 -6.34 2.03
CA PHE E 66 13.16 -5.00 1.60
C PHE E 66 13.94 -4.29 2.71
N PRO E 67 14.84 -3.37 2.34
CA PRO E 67 15.65 -2.70 3.37
C PRO E 67 14.85 -1.71 4.22
N GLU E 68 15.30 -1.45 5.45
CA GLU E 68 14.58 -0.59 6.38
C GLU E 68 14.38 0.82 5.81
N GLU E 69 15.32 1.25 4.99
CA GLU E 69 15.30 2.60 4.41
C GLU E 69 14.02 2.88 3.64
N PHE E 70 13.39 1.82 3.12
CA PHE E 70 12.18 1.97 2.33
C PHE E 70 11.03 2.49 3.18
N SER E 71 10.29 3.46 2.63
CA SER E 71 9.09 3.97 3.27
C SER E 71 8.02 2.91 3.17
N LYS E 72 6.97 3.07 3.96
CA LYS E 72 5.87 2.11 3.96
C LYS E 72 5.28 2.03 2.55
N GLU E 73 5.11 3.19 1.93
CA GLU E 73 4.56 3.29 0.58
C GLU E 73 5.41 2.51 -0.43
N GLU E 74 6.72 2.77 -0.43
CA GLU E 74 7.65 2.08 -1.30
C GLU E 74 7.60 0.56 -1.09
N LEU E 75 7.57 0.15 0.18
CA LEU E 75 7.50 -1.25 0.55
C LEU E 75 6.32 -1.91 -0.13
N ARG E 76 5.17 -1.26 -0.07
CA ARG E 76 3.94 -1.81 -0.62
C ARG E 76 3.99 -1.81 -2.13
N GLU E 77 4.53 -0.74 -2.70
CA GLU E 77 4.57 -0.59 -4.14
C GLU E 77 5.49 -1.64 -4.77
N ARG E 78 6.68 -1.81 -4.20
CA ARG E 78 7.62 -2.80 -4.71
C ARG E 78 7.11 -4.23 -4.53
N GLY E 79 6.43 -4.49 -3.42
CA GLY E 79 5.98 -5.83 -3.09
C GLY E 79 4.87 -6.32 -4.00
N LEU E 80 3.86 -5.49 -4.20
CA LEU E 80 2.77 -5.85 -5.10
C LEU E 80 3.29 -6.07 -6.51
N GLU E 81 4.23 -5.22 -6.93
CA GLU E 81 4.74 -5.27 -8.28
C GLU E 81 5.40 -6.61 -8.53
N ILE E 82 6.07 -7.14 -7.50
CA ILE E 82 6.77 -8.40 -7.61
C ILE E 82 5.78 -9.57 -7.48
N GLY E 83 4.81 -9.41 -6.58
CA GLY E 83 3.81 -10.43 -6.34
C GLY E 83 2.98 -10.74 -7.58
N LYS E 84 2.49 -9.69 -8.24
CA LYS E 84 1.72 -9.84 -9.47
C LYS E 84 2.53 -10.49 -10.58
N ALA E 85 3.84 -10.24 -10.57
CA ALA E 85 4.71 -10.66 -11.66
C ALA E 85 5.11 -12.12 -11.58
N VAL E 86 5.05 -12.70 -10.39
CA VAL E 86 5.54 -14.07 -10.19
C VAL E 86 4.41 -15.06 -9.98
N LEU E 87 3.21 -14.55 -9.74
CA LEU E 87 2.04 -15.39 -9.54
C LEU E 87 1.10 -15.39 -10.74
N ASP E 88 0.42 -16.51 -10.94
CA ASP E 88 -0.65 -16.60 -11.93
C ASP E 88 -1.97 -16.39 -11.21
N SER E 89 -2.94 -15.85 -11.95
CA SER E 89 -4.28 -15.64 -11.43
C SER E 89 -4.25 -15.08 -10.01
N TYR E 90 -3.48 -14.00 -9.84
CA TYR E 90 -3.30 -13.39 -8.53
C TYR E 90 -4.53 -12.62 -8.07
N GLU E 91 -4.62 -12.42 -6.75
CA GLU E 91 -5.63 -11.56 -6.17
C GLU E 91 -5.00 -10.83 -4.98
N ILE E 92 -5.35 -9.56 -4.83
CA ILE E 92 -4.78 -8.74 -3.76
C ILE E 92 -5.60 -8.90 -2.49
N ARG E 93 -4.92 -9.23 -1.40
CA ARG E 93 -5.56 -9.36 -0.09
C ARG E 93 -5.02 -8.29 0.87
N TYR E 94 -5.61 -8.21 2.06
CA TYR E 94 -5.30 -7.11 3.01
C TYR E 94 -5.21 -7.60 4.45
N ALA E 95 -4.04 -7.47 5.04
CA ALA E 95 -3.84 -7.79 6.45
C ALA E 95 -2.61 -7.05 6.95
N GLU E 96 -2.85 -5.84 7.46
CA GLU E 96 -1.79 -4.87 7.77
C GLU E 96 -1.24 -4.20 6.50
N HIS E 97 -0.37 -4.90 5.78
CA HIS E 97 0.02 -4.49 4.43
C HIS E 97 -0.81 -5.28 3.44
N PRO E 98 -1.13 -4.69 2.28
CA PRO E 98 -1.70 -5.50 1.21
C PRO E 98 -0.64 -6.45 0.66
N TYR E 99 -1.01 -7.72 0.48
CA TYR E 99 -0.11 -8.71 -0.10
C TYR E 99 -0.80 -9.38 -1.29
N VAL E 100 -0.04 -10.19 -2.04
CA VAL E 100 -0.58 -10.81 -3.24
C VAL E 100 -0.71 -12.30 -3.02
N HIS E 101 -1.93 -12.79 -3.15
CA HIS E 101 -2.21 -14.23 -3.14
C HIS E 101 -2.42 -14.69 -4.57
N GLY E 102 -2.03 -15.94 -4.87
CA GLY E 102 -2.18 -16.45 -6.22
C GLY E 102 -1.81 -17.91 -6.32
N VAL E 103 -1.39 -18.31 -7.53
CA VAL E 103 -1.16 -19.71 -7.83
C VAL E 103 0.13 -19.87 -8.65
N VAL E 104 0.88 -20.94 -8.37
CA VAL E 104 1.99 -21.34 -9.21
C VAL E 104 1.93 -22.84 -9.39
N LYS E 105 1.68 -23.27 -10.63
CA LYS E 105 1.57 -24.69 -10.96
C LYS E 105 0.61 -25.43 -10.03
N GLY E 106 -0.60 -24.88 -9.89
CA GLY E 106 -1.65 -25.53 -9.13
C GLY E 106 -1.51 -25.45 -7.62
N VAL E 107 -0.50 -24.71 -7.16
CA VAL E 107 -0.23 -24.58 -5.74
C VAL E 107 -0.49 -23.15 -5.30
N GLU E 108 -1.23 -22.99 -4.20
CA GLU E 108 -1.55 -21.65 -3.70
C GLU E 108 -0.35 -21.01 -3.01
N VAL E 109 -0.16 -19.72 -3.26
CA VAL E 109 0.99 -18.99 -2.74
C VAL E 109 0.64 -17.59 -2.23
N ASP E 110 1.28 -17.21 -1.12
CA ASP E 110 1.22 -15.85 -0.61
C ASP E 110 2.58 -15.23 -0.83
N VAL E 111 2.60 -14.01 -1.36
CA VAL E 111 3.83 -13.22 -1.46
C VAL E 111 3.66 -11.98 -0.60
N VAL E 112 4.39 -11.93 0.51
CA VAL E 112 4.22 -10.86 1.48
C VAL E 112 5.46 -9.97 1.56
N PRO E 113 5.29 -8.66 1.40
CA PRO E 113 6.46 -7.81 1.57
C PRO E 113 6.71 -7.49 3.05
N CYS E 114 7.97 -7.29 3.41
CA CYS E 114 8.32 -6.95 4.79
C CYS E 114 9.73 -6.41 4.85
N TYR E 115 10.13 -5.96 6.04
CA TYR E 115 11.44 -5.34 6.23
C TYR E 115 12.48 -6.38 6.65
N LYS E 116 13.66 -6.29 6.04
CA LYS E 116 14.80 -7.09 6.43
C LYS E 116 15.43 -6.45 7.66
N LEU E 117 15.03 -6.91 8.84
CA LEU E 117 15.53 -6.35 10.10
C LEU E 117 16.74 -7.13 10.62
N LYS E 118 17.63 -6.42 11.30
CA LYS E 118 18.82 -7.03 11.88
C LYS E 118 18.45 -7.73 13.19
N GLU E 119 17.82 -6.99 14.08
CA GLU E 119 17.46 -7.49 15.40
C GLU E 119 15.95 -7.45 15.61
N PRO E 120 15.40 -8.39 16.40
CA PRO E 120 13.96 -8.47 16.59
C PRO E 120 13.37 -7.37 17.48
N LYS E 121 14.19 -6.42 17.92
CA LYS E 121 13.67 -5.29 18.70
C LYS E 121 12.99 -4.28 17.79
N ASN E 122 13.39 -4.24 16.53
CA ASN E 122 12.77 -3.36 15.53
C ASN E 122 11.39 -3.85 15.09
N ILE E 123 10.99 -5.01 15.61
CA ILE E 123 9.71 -5.61 15.23
C ILE E 123 8.55 -4.85 15.85
N LYS E 124 7.85 -4.08 15.02
CA LYS E 124 6.62 -3.41 15.41
C LYS E 124 5.45 -4.00 14.62
N SER E 125 5.77 -4.51 13.43
CA SER E 125 4.79 -5.10 12.53
C SER E 125 4.80 -6.62 12.67
N ALA E 126 3.65 -7.25 12.42
CA ALA E 126 3.51 -8.70 12.59
C ALA E 126 4.18 -9.51 11.48
N VAL E 127 4.19 -8.99 10.26
CA VAL E 127 4.86 -9.67 9.15
C VAL E 127 6.37 -9.60 9.32
N ASP E 128 6.86 -8.56 10.00
CA ASP E 128 8.29 -8.45 10.26
C ASP E 128 8.73 -9.51 11.27
N ARG E 129 7.76 -10.08 11.99
CA ARG E 129 8.05 -11.05 13.03
C ARG E 129 8.19 -12.46 12.47
N THR E 130 7.61 -12.68 11.29
CA THR E 130 7.55 -14.02 10.70
C THR E 130 8.92 -14.59 10.31
N PRO E 131 9.78 -13.78 9.68
CA PRO E 131 11.13 -14.28 9.36
C PRO E 131 11.94 -14.69 10.59
N PHE E 132 11.62 -14.10 11.74
CA PHE E 132 12.32 -14.46 12.97
C PHE E 132 11.77 -15.74 13.56
N HIS E 133 10.45 -15.92 13.47
CA HIS E 133 9.84 -17.18 13.88
C HIS E 133 10.46 -18.33 13.12
N HIS E 134 10.57 -18.18 11.80
CA HIS E 134 11.16 -19.20 10.95
C HIS E 134 12.62 -19.48 11.34
N LYS E 135 13.40 -18.42 11.50
CA LYS E 135 14.80 -18.57 11.88
C LYS E 135 14.94 -19.30 13.20
N TRP E 136 14.01 -19.04 14.12
CA TRP E 136 14.08 -19.62 15.44
C TRP E 136 13.76 -21.11 15.41
N LEU E 137 12.80 -21.49 14.57
CA LEU E 137 12.36 -22.87 14.49
C LEU E 137 13.16 -23.71 13.50
N GLU E 138 13.94 -23.07 12.64
CA GLU E 138 14.52 -23.75 11.48
C GLU E 138 15.34 -24.96 11.88
N GLY E 139 16.26 -24.77 12.82
CA GLY E 139 17.11 -25.85 13.28
C GLY E 139 16.51 -26.64 14.44
N ARG E 140 15.69 -25.98 15.25
CA ARG E 140 15.14 -26.61 16.44
C ARG E 140 14.04 -27.62 16.13
N ILE E 141 13.39 -27.46 14.98
CA ILE E 141 12.25 -28.32 14.65
C ILE E 141 12.64 -29.56 13.85
N LYS E 142 13.83 -29.53 13.23
CA LYS E 142 14.31 -30.68 12.45
C LYS E 142 14.24 -31.96 13.26
N GLY E 143 13.69 -33.00 12.66
CA GLY E 143 13.54 -34.30 13.31
C GLY E 143 12.29 -34.38 14.18
N LYS E 144 11.40 -33.39 14.04
CA LYS E 144 10.16 -33.37 14.81
C LYS E 144 8.97 -32.97 13.94
N GLU E 145 9.17 -32.99 12.64
CA GLU E 145 8.15 -32.54 11.70
C GLU E 145 6.89 -33.39 11.80
N ASN E 146 7.05 -34.70 11.99
CA ASN E 146 5.89 -35.57 12.11
C ASN E 146 5.14 -35.35 13.43
N GLU E 147 5.87 -35.00 14.48
CA GLU E 147 5.24 -34.66 15.76
C GLU E 147 4.36 -33.42 15.64
N VAL E 148 4.90 -32.36 15.03
CA VAL E 148 4.12 -31.17 14.73
C VAL E 148 2.91 -31.55 13.90
N ARG E 149 3.10 -32.47 12.96
CA ARG E 149 2.05 -32.84 12.04
C ARG E 149 0.97 -33.62 12.78
N LEU E 150 1.38 -34.45 13.73
CA LEU E 150 0.42 -35.15 14.57
C LEU E 150 -0.43 -34.19 15.40
N LEU E 151 0.20 -33.19 16.02
CA LEU E 151 -0.52 -32.26 16.90
C LEU E 151 -1.50 -31.40 16.11
N LYS E 152 -1.13 -31.06 14.88
CA LYS E 152 -2.01 -30.29 13.99
C LYS E 152 -3.23 -31.11 13.59
N GLY E 153 -3.00 -32.38 13.27
CA GLY E 153 -4.07 -33.26 12.86
C GLY E 153 -5.07 -33.47 13.98
N PHE E 154 -4.54 -33.66 15.19
CA PHE E 154 -5.34 -33.88 16.39
C PHE E 154 -6.24 -32.66 16.61
N LEU E 155 -5.67 -31.47 16.52
CA LEU E 155 -6.43 -30.24 16.76
C LEU E 155 -7.44 -29.98 15.63
N LYS E 156 -7.00 -30.20 14.40
CA LYS E 156 -7.82 -29.93 13.23
C LYS E 156 -9.05 -30.84 13.20
N ALA E 157 -8.82 -32.11 13.56
CA ALA E 157 -9.91 -33.10 13.60
C ALA E 157 -10.98 -32.73 14.63
N ASN E 158 -10.58 -32.04 15.68
CA ASN E 158 -11.52 -31.60 16.71
C ASN E 158 -11.87 -30.13 16.64
N GLY E 159 -11.57 -29.53 15.49
CA GLY E 159 -12.02 -28.19 15.17
C GLY E 159 -11.49 -27.08 16.06
N ILE E 160 -10.20 -27.14 16.40
CA ILE E 160 -9.55 -26.05 17.11
C ILE E 160 -8.13 -25.73 16.61
N TYR E 161 -7.87 -26.03 15.34
CA TYR E 161 -6.63 -25.61 14.68
C TYR E 161 -6.85 -24.32 13.92
N GLY E 162 -5.95 -23.37 14.14
CA GLY E 162 -6.05 -22.06 13.51
C GLY E 162 -6.39 -21.00 14.53
N ALA E 163 -5.67 -19.88 14.48
CA ALA E 163 -5.88 -18.78 15.43
C ALA E 163 -6.81 -17.72 14.87
N GLU E 164 -7.30 -17.89 13.65
CA GLU E 164 -8.29 -16.95 13.09
C GLU E 164 -9.56 -16.91 13.95
N TYR E 165 -10.34 -15.83 13.84
CA TYR E 165 -11.48 -15.62 14.73
C TYR E 165 -12.59 -16.64 14.59
N LYS E 166 -12.68 -17.27 13.42
CA LYS E 166 -13.70 -18.30 13.21
C LYS E 166 -13.46 -19.51 14.13
N VAL E 167 -12.21 -19.72 14.53
CA VAL E 167 -11.83 -20.90 15.30
C VAL E 167 -11.42 -20.53 16.72
N ARG E 168 -10.66 -19.45 16.86
CA ARG E 168 -10.13 -19.04 18.16
C ARG E 168 -9.37 -20.20 18.82
N GLY E 169 -8.57 -20.89 18.02
CA GLY E 169 -7.81 -22.05 18.48
C GLY E 169 -6.30 -21.88 18.41
N PHE E 170 -5.60 -22.99 18.16
CA PHE E 170 -4.14 -23.04 18.16
C PHE E 170 -3.53 -22.69 16.80
N SER E 171 -2.58 -21.76 16.76
CA SER E 171 -1.91 -21.42 15.51
C SER E 171 -0.85 -22.47 15.18
N GLY E 172 -0.37 -22.45 13.95
CA GLY E 172 0.62 -23.42 13.51
C GLY E 172 1.95 -23.18 14.20
N TYR E 173 2.27 -21.91 14.40
CA TYR E 173 3.46 -21.53 15.14
C TYR E 173 3.34 -22.07 16.56
N LEU E 174 2.17 -21.95 17.15
CA LEU E 174 1.95 -22.40 18.52
C LEU E 174 2.14 -23.91 18.61
N CYS E 175 1.71 -24.63 17.58
CA CYS E 175 1.89 -26.07 17.57
C CYS E 175 3.38 -26.40 17.52
N GLU E 176 4.10 -25.74 16.63
CA GLU E 176 5.53 -26.03 16.47
C GLU E 176 6.31 -25.72 17.74
N LEU E 177 5.94 -24.64 18.43
CA LEU E 177 6.55 -24.29 19.70
C LEU E 177 6.26 -25.33 20.79
N LEU E 178 5.00 -25.76 20.89
CA LEU E 178 4.64 -26.76 21.90
C LEU E 178 5.45 -28.06 21.73
N ILE E 179 5.69 -28.44 20.48
CA ILE E 179 6.50 -29.63 20.19
C ILE E 179 7.97 -29.40 20.58
N VAL E 180 8.51 -28.24 20.25
CA VAL E 180 9.87 -27.92 20.68
C VAL E 180 9.95 -27.96 22.20
N PHE E 181 8.90 -27.49 22.87
CA PHE E 181 8.90 -27.43 24.32
C PHE E 181 8.87 -28.83 24.94
N TYR E 182 7.93 -29.66 24.51
CA TYR E 182 7.73 -30.97 25.12
C TYR E 182 8.45 -32.09 24.38
N GLY E 183 8.91 -31.81 23.16
CA GLY E 183 9.67 -32.77 22.38
C GLY E 183 8.86 -33.67 21.46
N SER E 184 7.59 -33.86 21.76
CA SER E 184 6.77 -34.75 20.94
C SER E 184 5.28 -34.54 21.20
N PHE E 185 4.47 -35.02 20.27
CA PHE E 185 3.03 -34.94 20.38
C PHE E 185 2.51 -35.69 21.59
N LEU E 186 3.14 -36.81 21.93
CA LEU E 186 2.65 -37.61 23.06
C LEU E 186 2.96 -36.91 24.38
N GLU E 187 4.12 -36.28 24.46
CA GLU E 187 4.49 -35.56 25.67
C GLU E 187 3.63 -34.32 25.85
N THR E 188 3.31 -33.66 24.74
CA THR E 188 2.48 -32.48 24.77
C THR E 188 1.09 -32.82 25.29
N VAL E 189 0.48 -33.86 24.74
CA VAL E 189 -0.83 -34.30 25.17
C VAL E 189 -0.82 -34.69 26.64
N LYS E 190 0.23 -35.41 27.03
CA LYS E 190 0.37 -35.90 28.39
C LYS E 190 0.39 -34.75 29.39
N ASN E 191 1.18 -33.73 29.11
CA ASN E 191 1.31 -32.60 30.02
C ASN E 191 0.14 -31.62 29.98
N ALA E 192 -0.52 -31.54 28.84
CA ALA E 192 -1.60 -30.59 28.65
C ALA E 192 -2.74 -30.86 29.60
N ARG E 193 -2.88 -32.12 30.01
CA ARG E 193 -3.93 -32.50 30.96
C ARG E 193 -3.88 -31.69 32.24
N ARG E 194 -2.68 -31.22 32.60
CA ARG E 194 -2.48 -30.48 33.85
C ARG E 194 -2.41 -28.95 33.65
N TRP E 195 -2.68 -28.49 32.44
CA TRP E 195 -2.75 -27.07 32.13
C TRP E 195 -3.92 -26.40 32.85
N THR E 196 -3.88 -25.08 32.94
CA THR E 196 -4.91 -24.28 33.59
C THR E 196 -5.01 -22.94 32.87
N ARG E 197 -6.01 -22.14 33.25
CA ARG E 197 -6.22 -20.87 32.60
C ARG E 197 -5.21 -19.85 33.09
N ARG E 198 -4.31 -20.28 33.97
CA ARG E 198 -3.27 -19.39 34.47
C ARG E 198 -1.88 -19.90 34.11
N THR E 199 -1.82 -20.94 33.29
CA THR E 199 -0.56 -21.57 32.93
C THR E 199 0.24 -20.72 31.95
N VAL E 200 1.54 -20.62 32.20
CA VAL E 200 2.45 -19.85 31.37
C VAL E 200 3.58 -20.76 30.92
N ILE E 201 3.79 -20.86 29.62
CA ILE E 201 4.84 -21.71 29.08
C ILE E 201 5.90 -20.85 28.40
N ASP E 202 7.10 -20.83 28.99
CA ASP E 202 8.21 -20.02 28.48
C ASP E 202 9.16 -20.92 27.68
N VAL E 203 9.07 -20.83 26.36
CA VAL E 203 9.77 -21.76 25.48
C VAL E 203 11.28 -21.59 25.52
N ALA E 204 11.74 -20.34 25.41
CA ALA E 204 13.17 -20.04 25.40
C ALA E 204 13.83 -20.47 26.71
N LYS E 205 13.17 -20.21 27.83
CA LYS E 205 13.69 -20.59 29.14
C LYS E 205 13.45 -22.07 29.44
N GLY E 206 12.42 -22.63 28.83
CA GLY E 206 12.08 -24.03 29.03
C GLY E 206 11.49 -24.29 30.40
N GLU E 207 10.64 -23.38 30.87
CA GLU E 207 10.00 -23.52 32.17
C GLU E 207 8.52 -23.20 32.11
N VAL E 208 7.77 -23.77 33.06
CA VAL E 208 6.35 -23.53 33.19
C VAL E 208 6.10 -22.86 34.53
N ARG E 209 5.41 -21.72 34.50
CA ARG E 209 5.09 -20.99 35.72
C ARG E 209 3.62 -20.57 35.71
N LYS E 210 3.19 -19.90 36.78
CA LYS E 210 1.80 -19.49 36.94
C LYS E 210 1.72 -17.98 36.77
N GLY E 211 0.74 -17.54 35.98
CA GLY E 211 0.53 -16.14 35.68
C GLY E 211 -0.93 -15.75 35.78
N GLU E 212 -1.31 -14.69 35.09
CA GLU E 212 -2.67 -14.16 35.18
C GLU E 212 -3.59 -14.83 34.16
N GLU E 213 -3.04 -15.17 33.00
CA GLU E 213 -3.82 -15.72 31.90
C GLU E 213 -3.00 -16.79 31.18
N PHE E 214 -3.65 -17.60 30.35
CA PHE E 214 -2.91 -18.60 29.59
C PHE E 214 -1.98 -17.90 28.61
N PHE E 215 -0.68 -18.14 28.75
CA PHE E 215 0.33 -17.35 28.07
C PHE E 215 1.46 -18.23 27.58
N VAL E 216 1.64 -18.28 26.27
CA VAL E 216 2.77 -18.98 25.67
C VAL E 216 3.73 -17.94 25.12
N VAL E 217 4.88 -17.81 25.76
CA VAL E 217 5.82 -16.74 25.45
C VAL E 217 6.49 -16.95 24.09
N ASP E 218 6.42 -15.95 23.22
CA ASP E 218 7.13 -15.99 21.95
C ASP E 218 8.63 -15.85 22.22
N PRO E 219 9.44 -16.87 21.84
CA PRO E 219 10.88 -16.74 22.09
C PRO E 219 11.57 -15.62 21.29
N VAL E 220 10.82 -14.95 20.43
CA VAL E 220 11.36 -13.84 19.65
C VAL E 220 10.94 -12.51 20.29
N ASP E 221 9.89 -12.54 21.11
CA ASP E 221 9.41 -11.34 21.77
C ASP E 221 8.65 -11.70 23.05
N GLU E 222 9.32 -11.57 24.18
CA GLU E 222 8.76 -12.05 25.44
C GLU E 222 7.49 -11.31 25.86
N LYS E 223 7.17 -10.22 25.18
CA LYS E 223 6.02 -9.41 25.57
C LYS E 223 4.72 -9.91 24.93
N ARG E 224 4.82 -10.74 23.91
CA ARG E 224 3.63 -11.20 23.20
C ARG E 224 3.25 -12.64 23.54
N ASN E 225 1.95 -12.89 23.50
CA ASN E 225 1.38 -14.21 23.77
C ASN E 225 1.03 -14.95 22.48
N VAL E 226 1.76 -16.01 22.17
CA VAL E 226 1.53 -16.76 20.93
C VAL E 226 0.12 -17.36 20.92
N ALA E 227 -0.47 -17.53 22.11
CA ALA E 227 -1.81 -18.09 22.24
C ALA E 227 -2.80 -17.00 22.65
N ALA E 228 -2.51 -15.78 22.22
CA ALA E 228 -3.36 -14.63 22.52
C ALA E 228 -4.82 -14.82 22.07
N ASN E 229 -5.06 -15.54 20.98
CA ASN E 229 -6.42 -15.68 20.45
C ASN E 229 -7.01 -17.06 20.66
N LEU E 230 -6.29 -17.92 21.37
CA LEU E 230 -6.85 -19.20 21.82
C LEU E 230 -7.87 -18.93 22.92
N SER E 231 -9.15 -19.14 22.62
CA SER E 231 -10.21 -18.80 23.58
C SER E 231 -10.16 -19.66 24.84
N LEU E 232 -10.77 -19.17 25.91
CA LEU E 232 -10.80 -19.92 27.16
C LEU E 232 -11.46 -21.29 26.95
N ASP E 233 -12.60 -21.30 26.28
CA ASP E 233 -13.33 -22.56 26.08
C ASP E 233 -12.56 -23.56 25.20
N ASN E 234 -11.84 -23.08 24.17
CA ASN E 234 -11.07 -23.98 23.33
C ASN E 234 -9.86 -24.56 24.06
N LEU E 235 -9.26 -23.76 24.95
CA LEU E 235 -8.21 -24.25 25.82
C LEU E 235 -8.77 -25.42 26.63
N ALA E 236 -9.91 -25.19 27.26
CA ALA E 236 -10.58 -26.22 28.07
C ALA E 236 -10.85 -27.47 27.24
N ARG E 237 -11.36 -27.29 26.04
CA ARG E 237 -11.67 -28.42 25.17
C ARG E 237 -10.43 -29.27 24.86
N PHE E 238 -9.30 -28.62 24.64
CA PHE E 238 -8.05 -29.33 24.37
C PHE E 238 -7.58 -30.10 25.60
N VAL E 239 -7.65 -29.48 26.77
CA VAL E 239 -7.24 -30.17 27.99
C VAL E 239 -8.10 -31.41 28.19
N HIS E 240 -9.42 -31.22 28.09
CA HIS E 240 -10.35 -32.31 28.20
C HIS E 240 -10.05 -33.43 27.21
N LEU E 241 -9.81 -33.09 25.95
CA LEU E 241 -9.47 -34.05 24.90
C LEU E 241 -8.20 -34.79 25.22
N CYS E 242 -7.22 -34.08 25.78
CA CYS E 242 -5.97 -34.72 26.18
C CYS E 242 -6.22 -35.79 27.24
N ARG E 243 -7.01 -35.44 28.25
CA ARG E 243 -7.36 -36.37 29.31
C ARG E 243 -8.12 -37.57 28.75
N GLU E 244 -8.94 -37.31 27.74
CA GLU E 244 -9.76 -38.38 27.17
C GLU E 244 -8.91 -39.32 26.32
N PHE E 245 -7.91 -38.76 25.64
CA PHE E 245 -7.05 -39.54 24.77
C PHE E 245 -6.16 -40.50 25.54
N MET E 246 -5.54 -40.02 26.62
CA MET E 246 -4.68 -40.87 27.43
C MET E 246 -5.47 -41.99 28.10
N GLU E 247 -6.71 -41.69 28.47
CA GLU E 247 -7.54 -42.67 29.16
C GLU E 247 -7.90 -43.81 28.21
N ALA E 248 -8.38 -43.45 27.03
CA ALA E 248 -8.78 -44.43 26.02
C ALA E 248 -8.36 -43.97 24.64
N PRO E 249 -7.07 -44.15 24.29
CA PRO E 249 -6.52 -43.76 23.00
C PRO E 249 -7.29 -44.34 21.82
N SER E 250 -7.34 -43.60 20.72
CA SER E 250 -8.13 -44.01 19.57
C SER E 250 -7.74 -43.19 18.33
N LEU E 251 -7.85 -43.83 17.17
CA LEU E 251 -7.55 -43.16 15.92
C LEU E 251 -8.63 -42.16 15.59
N GLY E 252 -9.79 -42.31 16.21
CA GLY E 252 -10.91 -41.40 15.98
C GLY E 252 -10.59 -39.95 16.32
N PHE E 253 -9.80 -39.74 17.37
CA PHE E 253 -9.36 -38.41 17.75
C PHE E 253 -8.68 -37.65 16.61
N PHE E 254 -8.23 -38.38 15.58
CA PHE E 254 -7.52 -37.78 14.46
C PHE E 254 -8.40 -37.63 13.22
N LYS E 255 -9.61 -38.17 13.29
CA LYS E 255 -10.50 -38.18 12.12
C LYS E 255 -11.61 -37.14 12.27
N PRO E 256 -11.84 -36.32 11.23
CA PRO E 256 -12.91 -35.32 11.30
C PRO E 256 -14.26 -35.91 11.65
N LYS E 257 -15.09 -35.13 12.32
CA LYS E 257 -16.43 -35.57 12.70
C LYS E 257 -17.42 -35.29 11.57
N HIS E 258 -18.33 -36.24 11.35
CA HIS E 258 -19.37 -36.08 10.33
C HIS E 258 -20.43 -35.07 10.77
N PRO E 259 -20.87 -34.20 9.86
CA PRO E 259 -21.92 -33.23 10.23
C PRO E 259 -23.15 -33.93 10.76
N LEU E 260 -23.55 -33.60 11.98
CA LEU E 260 -24.71 -34.23 12.60
C LEU E 260 -25.96 -33.82 11.84
N GLU E 261 -26.33 -34.65 10.86
CA GLU E 261 -27.48 -34.37 10.00
C GLU E 261 -28.69 -35.21 10.42
N ILE E 262 -29.82 -34.54 10.61
CA ILE E 262 -31.08 -35.21 10.96
C ILE E 262 -32.24 -34.60 10.19
N GLU E 263 -33.33 -35.36 10.09
CA GLU E 263 -34.51 -34.91 9.37
C GLU E 263 -35.14 -33.75 10.13
N PRO E 264 -35.76 -32.80 9.41
CA PRO E 264 -36.45 -31.70 10.10
C PRO E 264 -37.56 -32.18 11.02
N GLU E 265 -38.12 -33.35 10.74
CA GLU E 265 -39.19 -33.91 11.56
C GLU E 265 -38.72 -34.28 12.96
N ARG E 266 -37.57 -34.94 13.05
CA ARG E 266 -37.07 -35.34 14.35
C ARG E 266 -36.62 -34.12 15.14
N LEU E 267 -35.98 -33.17 14.44
CA LEU E 267 -35.53 -31.95 15.07
C LEU E 267 -36.70 -31.18 15.67
N ARG E 268 -37.83 -31.17 14.96
CA ARG E 268 -39.04 -30.54 15.45
C ARG E 268 -39.51 -31.21 16.74
N LYS E 269 -39.45 -32.54 16.79
CA LYS E 269 -39.93 -33.29 17.95
C LYS E 269 -39.04 -33.07 19.17
N ILE E 270 -37.73 -33.00 18.97
CA ILE E 270 -36.81 -32.72 20.05
C ILE E 270 -37.12 -31.36 20.70
N VAL E 271 -37.34 -30.34 19.87
CA VAL E 271 -37.64 -29.01 20.39
C VAL E 271 -38.97 -29.01 21.12
N GLU E 272 -39.94 -29.77 20.61
CA GLU E 272 -41.23 -29.89 21.28
C GLU E 272 -41.01 -30.48 22.68
N GLU E 273 -40.29 -31.59 22.74
CA GLU E 273 -40.03 -32.28 24.00
C GLU E 273 -39.30 -31.39 25.00
N ARG E 274 -38.26 -30.71 24.55
CA ARG E 274 -37.50 -29.83 25.44
C ARG E 274 -38.37 -28.66 25.93
N GLY E 275 -39.36 -28.27 25.14
CA GLY E 275 -40.36 -27.30 25.55
C GLY E 275 -39.89 -25.86 25.54
N THR E 276 -38.88 -25.59 24.73
CA THR E 276 -38.28 -24.28 24.66
C THR E 276 -38.76 -23.50 23.44
N ALA E 277 -38.57 -22.19 23.50
CA ALA E 277 -38.70 -21.34 22.33
C ALA E 277 -37.38 -21.37 21.56
N VAL E 278 -37.42 -21.75 20.29
CA VAL E 278 -36.24 -21.86 19.45
C VAL E 278 -36.47 -21.10 18.17
N PHE E 279 -35.71 -20.02 17.98
CA PHE E 279 -35.89 -19.16 16.82
C PHE E 279 -34.56 -18.62 16.33
N ALA E 280 -34.60 -17.95 15.19
CA ALA E 280 -33.41 -17.42 14.58
C ALA E 280 -33.70 -16.06 14.00
N VAL E 281 -32.70 -15.19 14.08
CA VAL E 281 -32.69 -13.93 13.33
C VAL E 281 -31.90 -14.19 12.05
N LYS E 282 -32.59 -14.04 10.92
CA LYS E 282 -31.98 -14.23 9.60
C LYS E 282 -31.78 -12.87 8.94
N PHE E 283 -30.62 -12.68 8.30
CA PHE E 283 -30.31 -11.44 7.57
C PHE E 283 -29.21 -11.70 6.54
N ARG E 284 -28.98 -10.76 5.62
CA ARG E 284 -27.96 -10.93 4.58
C ARG E 284 -26.53 -10.79 5.09
N LYS E 285 -25.65 -11.69 4.65
CA LYS E 285 -24.26 -11.66 5.09
C LYS E 285 -23.53 -10.44 4.51
N PRO E 286 -22.99 -9.59 5.39
CA PRO E 286 -22.21 -8.48 4.84
C PRO E 286 -20.98 -8.98 4.10
N ASP E 287 -20.59 -8.26 3.06
CA ASP E 287 -19.46 -8.64 2.22
C ASP E 287 -18.14 -8.23 2.87
N ILE E 288 -17.86 -8.86 4.00
CA ILE E 288 -16.63 -8.62 4.74
C ILE E 288 -15.91 -9.95 4.95
N VAL E 289 -14.69 -9.89 5.46
CA VAL E 289 -13.90 -11.08 5.74
C VAL E 289 -14.33 -11.73 7.05
N ASP E 290 -14.04 -13.02 7.20
CA ASP E 290 -14.46 -13.77 8.37
C ASP E 290 -13.91 -13.16 9.64
N ASP E 291 -12.72 -12.56 9.54
CA ASP E 291 -12.05 -12.03 10.72
C ASP E 291 -12.80 -10.84 11.25
N ASN E 292 -13.61 -10.24 10.40
CA ASN E 292 -14.50 -9.16 10.81
C ASN E 292 -15.91 -9.66 11.07
N LEU E 293 -16.33 -10.67 10.33
CA LEU E 293 -17.70 -11.14 10.45
C LEU E 293 -18.00 -11.89 11.76
N TYR E 294 -17.09 -12.78 12.15
CA TYR E 294 -17.34 -13.64 13.31
C TYR E 294 -17.31 -12.92 14.67
N PRO E 295 -16.33 -12.03 14.89
CA PRO E 295 -16.42 -11.28 16.15
C PRO E 295 -17.70 -10.44 16.24
N GLN E 296 -18.20 -9.99 15.10
CA GLN E 296 -19.47 -9.24 15.07
C GLN E 296 -20.68 -10.16 15.32
N LEU E 297 -20.66 -11.35 14.72
CA LEU E 297 -21.71 -12.32 15.01
C LEU E 297 -21.72 -12.69 16.49
N GLU E 298 -20.55 -12.72 17.11
CA GLU E 298 -20.47 -12.99 18.53
C GLU E 298 -21.07 -11.83 19.34
N ARG E 299 -20.77 -10.60 18.97
CA ARG E 299 -21.32 -9.46 19.67
C ARG E 299 -22.85 -9.43 19.55
N ALA E 300 -23.35 -9.50 18.32
CA ALA E 300 -24.78 -9.45 18.08
C ALA E 300 -25.47 -10.53 18.88
N SER E 301 -24.88 -11.71 18.85
CA SER E 301 -25.47 -12.85 19.52
C SER E 301 -25.57 -12.60 21.03
N ARG E 302 -24.49 -12.10 21.59
CA ARG E 302 -24.36 -11.86 23.01
C ARG E 302 -25.32 -10.76 23.44
N LYS E 303 -25.36 -9.69 22.65
CA LYS E 303 -26.24 -8.56 22.91
C LYS E 303 -27.72 -8.97 22.92
N ILE E 304 -28.11 -9.83 22.00
CA ILE E 304 -29.49 -10.29 21.96
C ILE E 304 -29.72 -11.21 23.16
N PHE E 305 -28.74 -12.06 23.44
CA PHE E 305 -28.80 -12.93 24.63
C PHE E 305 -29.05 -12.13 25.91
N GLU E 306 -28.24 -11.09 26.14
CA GLU E 306 -28.41 -10.22 27.30
C GLU E 306 -29.77 -9.53 27.36
N PHE E 307 -30.30 -9.13 26.21
CA PHE E 307 -31.64 -8.54 26.15
C PHE E 307 -32.71 -9.57 26.58
N LEU E 308 -32.53 -10.81 26.14
CA LEU E 308 -33.50 -11.85 26.49
C LEU E 308 -33.47 -12.14 27.98
N GLU E 309 -32.28 -12.01 28.59
CA GLU E 309 -32.12 -12.29 30.01
C GLU E 309 -32.83 -11.18 30.79
N ARG E 310 -32.57 -9.96 30.36
CA ARG E 310 -33.11 -8.77 30.99
C ARG E 310 -34.64 -8.76 30.88
N GLU E 311 -35.17 -9.35 29.82
CA GLU E 311 -36.61 -9.36 29.62
C GLU E 311 -37.25 -10.65 30.15
N ASN E 312 -36.53 -11.39 30.97
CA ASN E 312 -37.09 -12.56 31.66
C ASN E 312 -37.56 -13.70 30.78
N PHE E 313 -36.93 -13.87 29.63
CA PHE E 313 -37.24 -14.97 28.74
C PHE E 313 -36.28 -16.13 28.98
N MET E 314 -35.26 -15.89 29.80
CA MET E 314 -34.37 -16.93 30.29
C MET E 314 -33.76 -17.78 29.19
N PRO E 315 -32.89 -17.18 28.37
CA PRO E 315 -32.21 -17.94 27.33
C PRO E 315 -31.32 -19.05 27.89
N LEU E 316 -31.14 -20.14 27.12
CA LEU E 316 -30.26 -21.24 27.50
C LEU E 316 -28.90 -21.10 26.84
N ARG E 317 -28.89 -21.03 25.51
CA ARG E 317 -27.68 -20.80 24.76
C ARG E 317 -28.01 -19.96 23.55
N SER E 318 -26.98 -19.59 22.82
CA SER E 318 -27.15 -19.00 21.51
C SER E 318 -26.11 -19.63 20.60
N ALA E 319 -26.30 -19.47 19.30
CA ALA E 319 -25.29 -19.87 18.35
C ALA E 319 -25.45 -19.02 17.10
N PHE E 320 -24.59 -19.21 16.12
CA PHE E 320 -24.70 -18.49 14.85
C PHE E 320 -24.13 -19.32 13.73
N LYS E 321 -24.45 -18.93 12.51
CA LYS E 321 -23.92 -19.57 11.31
C LYS E 321 -23.88 -18.56 10.19
N ALA E 322 -22.75 -18.49 9.49
CA ALA E 322 -22.67 -17.72 8.25
C ALA E 322 -22.66 -18.68 7.06
N SER E 323 -23.72 -18.63 6.27
CA SER E 323 -23.78 -19.33 5.00
C SER E 323 -23.21 -18.39 3.95
N GLU E 324 -23.52 -18.60 2.69
CA GLU E 324 -22.94 -17.79 1.63
C GLU E 324 -23.72 -16.49 1.46
N GLU E 325 -25.04 -16.61 1.46
CA GLU E 325 -25.92 -15.47 1.21
C GLU E 325 -26.47 -14.89 2.52
N PHE E 326 -26.68 -15.74 3.52
CA PHE E 326 -27.33 -15.30 4.76
C PHE E 326 -26.54 -15.65 6.00
N CYS E 327 -26.80 -14.89 7.06
CA CYS E 327 -26.32 -15.19 8.40
C CYS E 327 -27.51 -15.49 9.31
N TYR E 328 -27.27 -16.28 10.35
CA TYR E 328 -28.31 -16.67 11.29
C TYR E 328 -27.79 -16.56 12.72
N LEU E 329 -28.54 -15.87 13.57
CA LEU E 329 -28.23 -15.84 15.01
C LEU E 329 -29.29 -16.70 15.67
N LEU E 330 -28.87 -17.77 16.33
CA LEU E 330 -29.79 -18.78 16.84
C LEU E 330 -29.92 -18.66 18.34
N PHE E 331 -31.14 -18.83 18.85
CA PHE E 331 -31.40 -18.69 20.28
C PHE E 331 -32.42 -19.71 20.73
N GLU E 332 -32.24 -20.21 21.96
CA GLU E 332 -33.19 -21.11 22.60
C GLU E 332 -33.54 -20.56 23.98
N CYS E 333 -34.82 -20.40 24.28
CA CYS E 333 -35.26 -19.79 25.53
C CYS E 333 -36.18 -20.69 26.31
N GLN E 334 -36.14 -20.57 27.63
CA GLN E 334 -36.94 -21.44 28.49
C GLN E 334 -38.38 -20.95 28.60
N ILE E 335 -38.61 -19.68 28.25
CA ILE E 335 -39.94 -19.07 28.30
C ILE E 335 -40.49 -18.79 26.90
N LYS E 336 -41.51 -19.52 26.50
CA LYS E 336 -42.19 -19.25 25.23
C LYS E 336 -43.07 -18.02 25.34
N GLU E 337 -43.67 -17.83 26.51
CA GLU E 337 -44.62 -16.74 26.70
C GLU E 337 -44.66 -16.28 28.14
N ILE E 338 -44.59 -14.97 28.33
CA ILE E 338 -44.66 -14.36 29.65
C ILE E 338 -45.94 -13.55 29.69
N SER E 339 -46.48 -13.33 30.88
CA SER E 339 -47.74 -12.63 31.03
C SER E 339 -47.64 -11.20 30.53
N ARG E 340 -48.77 -10.63 30.15
CA ARG E 340 -48.82 -9.27 29.68
C ARG E 340 -48.58 -8.28 30.83
N VAL E 341 -49.14 -8.58 32.00
CA VAL E 341 -48.97 -7.71 33.19
C VAL E 341 -47.62 -7.91 33.86
N PHE E 342 -47.05 -6.82 34.35
CA PHE E 342 -45.80 -6.85 35.12
C PHE E 342 -45.85 -5.75 36.15
N ARG E 343 -44.92 -5.79 37.10
CA ARG E 343 -44.83 -4.78 38.15
C ARG E 343 -43.93 -3.67 37.72
N ARG E 344 -44.40 -2.44 37.88
CA ARG E 344 -43.67 -1.24 37.57
C ARG E 344 -43.38 -0.56 38.89
N MET E 345 -42.13 -0.17 39.10
CA MET E 345 -41.72 0.40 40.39
C MET E 345 -42.09 1.87 40.52
N GLY E 346 -42.63 2.23 41.68
CA GLY E 346 -42.97 3.62 41.96
C GLY E 346 -42.05 4.14 43.05
N PRO E 347 -42.35 5.33 43.57
CA PRO E 347 -41.56 5.95 44.64
C PRO E 347 -41.89 5.38 46.02
N GLN E 348 -41.09 5.76 47.01
CA GLN E 348 -41.38 5.43 48.39
C GLN E 348 -42.56 6.24 48.92
N PHE E 349 -43.21 5.76 49.97
CA PHE E 349 -44.46 6.35 50.43
C PHE E 349 -44.26 7.76 51.00
N GLU E 350 -43.03 8.09 51.39
CA GLU E 350 -42.73 9.40 51.94
C GLU E 350 -42.80 10.51 50.89
N ASP E 351 -42.41 10.21 49.65
CA ASP E 351 -42.28 11.22 48.60
C ASP E 351 -43.64 11.70 48.10
N GLU E 352 -44.24 12.66 48.80
CA GLU E 352 -45.60 13.11 48.50
C GLU E 352 -45.76 13.55 47.06
N ARG E 353 -44.78 14.28 46.53
CA ARG E 353 -44.93 14.85 45.19
C ARG E 353 -44.94 13.80 44.10
N ASN E 354 -43.91 12.96 44.08
CA ASN E 354 -43.77 11.95 43.03
C ASN E 354 -44.78 10.82 43.13
N VAL E 355 -45.30 10.59 44.34
CA VAL E 355 -46.39 9.63 44.53
C VAL E 355 -47.63 10.11 43.78
N LYS E 356 -47.99 11.37 44.02
CA LYS E 356 -49.15 11.97 43.35
C LYS E 356 -49.00 11.83 41.84
N LYS E 357 -47.80 12.10 41.34
CA LYS E 357 -47.52 11.98 39.92
C LYS E 357 -47.68 10.52 39.49
N PHE E 358 -47.15 9.61 40.29
CA PHE E 358 -47.24 8.18 40.01
C PHE E 358 -48.69 7.70 40.02
N LEU E 359 -49.50 8.21 40.94
CA LEU E 359 -50.89 7.78 41.05
C LEU E 359 -51.81 8.47 40.07
N SER E 360 -51.32 9.48 39.36
CA SER E 360 -52.14 10.25 38.43
C SER E 360 -52.25 9.56 37.07
N ARG E 361 -51.23 8.80 36.69
CA ARG E 361 -51.25 8.10 35.40
C ARG E 361 -52.43 7.13 35.32
N ASN E 362 -53.10 7.11 34.18
CA ASN E 362 -54.23 6.22 33.98
C ASN E 362 -53.76 4.79 33.78
N ARG E 363 -54.38 3.85 34.49
CA ARG E 363 -54.06 2.44 34.32
C ARG E 363 -55.33 1.58 34.41
N ALA E 364 -55.21 0.32 34.03
CA ALA E 364 -56.34 -0.61 34.10
C ALA E 364 -56.58 -1.05 35.53
N PHE E 365 -55.48 -1.15 36.30
CA PHE E 365 -55.54 -1.67 37.66
C PHE E 365 -54.96 -0.65 38.63
N ARG E 366 -55.36 -0.76 39.89
CA ARG E 366 -54.90 0.15 40.94
C ARG E 366 -53.47 -0.15 41.35
N PRO E 367 -52.67 0.89 41.61
CA PRO E 367 -51.35 0.69 42.22
C PRO E 367 -51.49 0.22 43.65
N PHE E 368 -50.43 -0.32 44.23
CA PHE E 368 -50.48 -0.81 45.60
C PHE E 368 -49.15 -0.53 46.30
N ILE E 369 -49.14 -0.73 47.61
CA ILE E 369 -47.94 -0.49 48.42
C ILE E 369 -47.36 -1.81 48.90
N GLU E 370 -46.03 -1.93 48.83
CA GLU E 370 -45.34 -3.14 49.28
C GLU E 370 -43.94 -2.78 49.78
N ASN E 371 -43.68 -3.05 51.05
CA ASN E 371 -42.45 -2.60 51.70
C ASN E 371 -42.21 -1.11 51.52
N GLY E 372 -43.22 -0.32 51.91
CA GLY E 372 -43.11 1.13 51.93
C GLY E 372 -42.85 1.78 50.58
N ARG E 373 -43.04 1.02 49.50
CA ARG E 373 -42.86 1.54 48.16
C ARG E 373 -44.13 1.29 47.36
N TRP E 374 -44.48 2.23 46.49
CA TRP E 374 -45.62 2.08 45.61
C TRP E 374 -45.22 1.29 44.38
N TRP E 375 -46.11 0.40 43.94
CA TRP E 375 -45.95 -0.34 42.70
C TRP E 375 -47.23 -0.23 41.90
N ALA E 376 -47.14 -0.51 40.60
CA ALA E 376 -48.31 -0.52 39.75
C ALA E 376 -48.20 -1.63 38.71
N PHE E 377 -49.34 -2.23 38.38
CA PHE E 377 -49.41 -3.18 37.28
C PHE E 377 -49.53 -2.41 35.97
N GLU E 378 -48.67 -2.73 35.02
CA GLU E 378 -48.73 -2.15 33.69
C GLU E 378 -48.60 -3.27 32.68
N MET E 379 -48.59 -2.92 31.40
CA MET E 379 -48.62 -3.92 30.33
C MET E 379 -47.34 -3.94 29.50
N ARG E 380 -46.86 -5.15 29.23
CA ARG E 380 -45.70 -5.35 28.36
C ARG E 380 -46.03 -4.97 26.93
N LYS E 381 -45.01 -4.64 26.15
CA LYS E 381 -45.21 -4.37 24.73
C LYS E 381 -45.18 -5.66 23.93
N PHE E 382 -44.52 -6.68 24.46
CA PHE E 382 -44.40 -7.98 23.82
C PHE E 382 -44.39 -9.06 24.89
N THR E 383 -44.92 -10.22 24.55
CA THR E 383 -45.04 -11.32 25.49
C THR E 383 -44.39 -12.60 24.98
N THR E 384 -43.58 -12.51 23.93
CA THR E 384 -42.81 -13.66 23.47
C THR E 384 -41.39 -13.23 23.13
N PRO E 385 -40.43 -14.15 23.25
CA PRO E 385 -39.06 -13.77 22.90
C PRO E 385 -38.90 -13.41 21.43
N GLU E 386 -39.63 -14.07 20.53
CA GLU E 386 -39.53 -13.76 19.12
C GLU E 386 -39.91 -12.30 18.89
N GLU E 387 -40.95 -11.84 19.58
CA GLU E 387 -41.43 -10.48 19.36
C GLU E 387 -40.59 -9.45 20.10
N GLY E 388 -40.02 -9.84 21.23
CA GLY E 388 -39.06 -9.01 21.92
C GLY E 388 -37.84 -8.81 21.03
N VAL E 389 -37.30 -9.90 20.50
CA VAL E 389 -36.12 -9.79 19.66
C VAL E 389 -36.44 -9.04 18.38
N ARG E 390 -37.65 -9.19 17.88
CA ARG E 390 -38.08 -8.42 16.72
C ARG E 390 -38.02 -6.94 17.07
N SER E 391 -38.46 -6.59 18.27
CA SER E 391 -38.44 -5.22 18.73
C SER E 391 -37.01 -4.72 18.91
N TYR E 392 -36.21 -5.51 19.61
CA TYR E 392 -34.83 -5.14 19.95
C TYR E 392 -33.92 -4.99 18.74
N ALA E 393 -34.00 -5.91 17.79
CA ALA E 393 -33.14 -5.86 16.62
C ALA E 393 -33.48 -4.67 15.73
N SER E 394 -34.70 -4.17 15.91
CA SER E 394 -35.21 -3.10 15.07
C SER E 394 -34.84 -1.71 15.60
N THR E 395 -34.61 -1.59 16.91
CA THR E 395 -34.25 -0.30 17.52
C THR E 395 -32.80 -0.25 17.96
N HIS E 396 -32.18 -1.42 18.19
CA HIS E 396 -30.79 -1.46 18.64
C HIS E 396 -29.84 -2.11 17.64
N TRP E 397 -30.16 -2.00 16.36
CA TRP E 397 -29.30 -2.54 15.32
C TRP E 397 -27.89 -1.96 15.40
N HIS E 398 -27.74 -0.76 15.92
CA HIS E 398 -26.43 -0.10 15.91
CA HIS E 398 -26.45 -0.06 15.93
C HIS E 398 -25.45 -0.74 16.86
N THR E 399 -25.99 -1.49 17.83
CA THR E 399 -25.16 -2.10 18.85
C THR E 399 -24.84 -3.58 18.54
N LEU E 400 -25.25 -4.04 17.37
CA LEU E 400 -25.05 -5.44 16.98
C LEU E 400 -23.86 -5.66 16.05
N GLY E 401 -22.88 -4.76 16.08
CA GLY E 401 -21.74 -4.82 15.18
C GLY E 401 -21.95 -3.87 14.00
N LYS E 402 -20.88 -3.22 13.55
CA LYS E 402 -20.99 -2.20 12.51
C LYS E 402 -21.58 -2.78 11.23
N ASN E 403 -20.96 -3.83 10.72
CA ASN E 403 -21.41 -4.44 9.47
C ASN E 403 -22.67 -5.28 9.67
N VAL E 404 -22.66 -6.18 10.65
CA VAL E 404 -23.82 -7.01 10.95
C VAL E 404 -25.05 -6.15 11.31
N GLY E 405 -24.85 -5.13 12.14
CA GLY E 405 -25.93 -4.24 12.51
C GLY E 405 -26.49 -3.46 11.34
N GLU E 406 -25.62 -3.03 10.43
CA GLU E 406 -26.08 -2.31 9.25
C GLU E 406 -26.95 -3.23 8.39
N SER E 407 -26.65 -4.52 8.40
CA SER E 407 -27.40 -5.47 7.59
C SER E 407 -28.77 -5.73 8.20
N ILE E 408 -28.78 -6.00 9.51
CA ILE E 408 -30.05 -6.19 10.22
C ILE E 408 -30.92 -4.95 10.08
N ARG E 409 -30.30 -3.79 10.00
CA ARG E 409 -31.04 -2.56 9.85
C ARG E 409 -31.78 -2.50 8.52
N GLU E 410 -31.15 -3.06 7.49
CA GLU E 410 -31.71 -3.07 6.13
C GLU E 410 -32.76 -4.17 6.00
N TYR E 411 -32.43 -5.35 6.49
CA TYR E 411 -33.34 -6.48 6.41
C TYR E 411 -33.04 -7.55 7.47
N PHE E 412 -34.07 -7.99 8.18
CA PHE E 412 -34.01 -9.20 8.96
C PHE E 412 -35.38 -9.85 9.07
N GLU E 413 -35.41 -11.14 9.40
CA GLU E 413 -36.67 -11.76 9.78
C GLU E 413 -36.46 -12.80 10.87
N ILE E 414 -37.36 -12.80 11.84
CA ILE E 414 -37.37 -13.79 12.90
C ILE E 414 -37.98 -15.07 12.35
N ILE E 415 -37.19 -16.14 12.28
CA ILE E 415 -37.69 -17.43 11.85
C ILE E 415 -37.80 -18.38 13.03
N SER E 416 -38.97 -18.98 13.21
CA SER E 416 -39.16 -19.99 14.24
C SER E 416 -40.03 -21.12 13.67
N GLY E 417 -40.59 -21.93 14.56
CA GLY E 417 -41.46 -23.03 14.17
C GLY E 417 -40.84 -23.94 13.13
N GLU E 418 -41.67 -24.44 12.23
CA GLU E 418 -41.20 -25.42 11.25
C GLU E 418 -40.44 -24.77 10.11
N LYS E 419 -40.56 -23.45 9.98
CA LYS E 419 -39.86 -22.73 8.93
C LYS E 419 -38.35 -22.70 9.19
N LEU E 420 -37.97 -22.68 10.46
CA LEU E 420 -36.56 -22.61 10.84
C LEU E 420 -35.83 -23.88 10.43
N PHE E 421 -36.46 -25.02 10.67
CA PHE E 421 -35.83 -26.32 10.41
C PHE E 421 -35.57 -26.54 8.93
N LYS E 422 -36.17 -25.70 8.09
CA LYS E 422 -35.97 -25.77 6.65
C LYS E 422 -34.76 -24.95 6.23
N GLU E 423 -34.29 -24.10 7.13
CA GLU E 423 -33.10 -23.29 6.87
C GLU E 423 -31.87 -24.15 7.14
N PRO E 424 -30.74 -23.81 6.51
CA PRO E 424 -29.53 -24.63 6.68
C PRO E 424 -28.82 -24.34 8.00
N VAL E 425 -29.46 -24.73 9.10
CA VAL E 425 -28.90 -24.48 10.43
C VAL E 425 -29.04 -25.71 11.33
N THR E 426 -29.30 -26.85 10.72
CA THR E 426 -29.61 -28.07 11.46
C THR E 426 -28.44 -28.47 12.34
N ALA E 427 -27.24 -28.46 11.78
CA ALA E 427 -26.04 -28.82 12.51
C ALA E 427 -25.81 -27.91 13.72
N GLU E 428 -25.91 -26.60 13.52
CA GLU E 428 -25.65 -25.67 14.61
C GLU E 428 -26.71 -25.78 15.71
N LEU E 429 -27.97 -26.00 15.33
CA LEU E 429 -29.04 -26.21 16.31
C LEU E 429 -28.78 -27.47 17.15
N CYS E 430 -28.46 -28.57 16.48
CA CYS E 430 -28.18 -29.82 17.17
C CYS E 430 -27.04 -29.63 18.18
N GLU E 431 -25.95 -29.05 17.70
CA GLU E 431 -24.77 -28.81 18.51
C GLU E 431 -25.14 -27.94 19.69
N MET E 432 -25.96 -26.94 19.42
CA MET E 432 -26.37 -25.99 20.45
C MET E 432 -27.13 -26.74 21.53
N MET E 433 -28.10 -27.55 21.13
CA MET E 433 -28.95 -28.25 22.07
C MET E 433 -28.31 -29.50 22.66
N GLY E 434 -27.11 -29.81 22.20
CA GLY E 434 -26.38 -30.96 22.73
C GLY E 434 -26.99 -32.28 22.29
N VAL E 435 -27.53 -32.32 21.08
CA VAL E 435 -28.16 -33.52 20.55
C VAL E 435 -27.11 -34.59 20.28
N LYS E 436 -27.35 -35.80 20.77
CA LYS E 436 -26.46 -36.95 20.52
C LYS E 436 -26.75 -37.59 19.17
N ASP E 437 -25.83 -38.45 18.72
CA ASP E 437 -26.02 -39.18 17.46
C ASP E 437 -26.91 -40.41 17.65
N LYS F 2 11.86 30.89 54.06
CA LYS F 2 11.47 29.90 55.07
C LYS F 2 10.25 29.09 54.63
N VAL F 3 10.43 27.77 54.55
CA VAL F 3 9.40 26.88 54.00
C VAL F 3 8.11 26.99 54.78
N GLU F 4 8.22 26.84 56.10
CA GLU F 4 7.05 26.81 56.96
C GLU F 4 6.28 28.13 56.84
N GLU F 5 6.99 29.23 56.63
CA GLU F 5 6.34 30.51 56.49
C GLU F 5 5.52 30.53 55.21
N ILE F 6 6.14 30.06 54.12
CA ILE F 6 5.51 30.05 52.82
C ILE F 6 4.22 29.23 52.84
N LEU F 7 4.30 28.03 53.41
CA LEU F 7 3.13 27.16 53.48
C LEU F 7 2.00 27.79 54.28
N GLU F 8 2.32 28.72 55.17
CA GLU F 8 1.29 29.38 55.96
C GLU F 8 0.52 30.40 55.13
N LYS F 9 1.24 31.17 54.33
CA LYS F 9 0.60 32.19 53.50
C LYS F 9 -0.14 31.55 52.32
N ALA F 10 0.26 30.34 51.95
CA ALA F 10 -0.33 29.63 50.82
C ALA F 10 -1.73 29.09 51.16
N LEU F 11 -1.95 28.78 52.44
CA LEU F 11 -3.26 28.36 52.89
C LEU F 11 -4.30 29.45 52.69
N GLU F 12 -3.89 30.71 52.81
CA GLU F 12 -4.81 31.83 52.66
C GLU F 12 -5.43 31.83 51.26
N LEU F 13 -4.62 31.50 50.27
CA LEU F 13 -5.06 31.47 48.88
C LEU F 13 -5.87 30.22 48.55
N VAL F 14 -6.02 29.34 49.54
CA VAL F 14 -6.50 27.99 49.31
C VAL F 14 -7.67 27.63 50.24
N ILE F 15 -7.54 27.94 51.52
CA ILE F 15 -8.57 27.60 52.48
C ILE F 15 -9.81 28.44 52.22
N PRO F 16 -11.00 27.82 52.26
CA PRO F 16 -12.21 28.61 52.10
C PRO F 16 -12.44 29.58 53.27
N ASP F 17 -12.93 30.78 52.96
CA ASP F 17 -13.26 31.77 53.97
C ASP F 17 -14.53 31.38 54.73
N GLU F 18 -14.76 31.99 55.87
CA GLU F 18 -15.88 31.66 56.74
C GLU F 18 -17.24 31.80 56.04
N GLU F 19 -17.34 32.77 55.15
CA GLU F 19 -18.58 33.02 54.42
C GLU F 19 -18.89 31.86 53.49
N GLU F 20 -17.87 31.35 52.81
CA GLU F 20 -18.06 30.28 51.85
C GLU F 20 -18.44 28.98 52.56
N VAL F 21 -17.78 28.71 53.69
CA VAL F 21 -18.10 27.57 54.52
C VAL F 21 -19.54 27.66 55.00
N ARG F 22 -19.98 28.87 55.35
CA ARG F 22 -21.34 29.08 55.87
C ARG F 22 -22.38 28.88 54.77
N LYS F 23 -22.06 29.37 53.58
CA LYS F 23 -22.91 29.20 52.41
C LYS F 23 -23.11 27.71 52.13
N GLY F 24 -22.08 26.93 52.44
CA GLY F 24 -22.13 25.49 52.23
C GLY F 24 -22.84 24.78 53.36
N ARG F 25 -22.56 25.17 54.59
CA ARG F 25 -23.18 24.56 55.76
C ARG F 25 -24.70 24.73 55.70
N GLU F 26 -25.14 25.92 55.29
CA GLU F 26 -26.57 26.19 55.15
C GLU F 26 -27.16 25.33 54.03
N ALA F 27 -26.45 25.20 52.92
CA ALA F 27 -26.93 24.39 51.81
C ALA F 27 -27.03 22.91 52.19
N GLU F 28 -26.05 22.43 52.94
CA GLU F 28 -26.02 21.05 53.39
C GLU F 28 -27.21 20.71 54.31
N GLU F 29 -27.50 21.58 55.27
CA GLU F 29 -28.55 21.31 56.24
C GLU F 29 -29.91 21.26 55.56
N GLU F 30 -30.11 22.19 54.63
CA GLU F 30 -31.34 22.24 53.87
C GLU F 30 -31.45 21.00 52.99
N LEU F 31 -30.33 20.63 52.37
CA LEU F 31 -30.27 19.49 51.48
C LEU F 31 -30.67 18.21 52.23
N ARG F 32 -30.19 18.05 53.47
CA ARG F 32 -30.53 16.87 54.26
C ARG F 32 -32.01 16.89 54.64
N ARG F 33 -32.52 18.06 54.98
CA ARG F 33 -33.91 18.20 55.39
C ARG F 33 -34.83 17.74 54.27
N ARG F 34 -34.51 18.17 53.06
CA ARG F 34 -35.29 17.81 51.88
C ARG F 34 -35.17 16.32 51.54
N LEU F 35 -34.02 15.73 51.85
CA LEU F 35 -33.82 14.32 51.57
C LEU F 35 -34.53 13.45 52.59
N ASP F 36 -34.45 13.83 53.86
CA ASP F 36 -35.01 13.03 54.94
C ASP F 36 -36.53 12.91 54.85
N GLU F 37 -37.19 13.91 54.24
CA GLU F 37 -38.64 13.87 54.14
C GLU F 37 -39.10 12.98 53.00
N LEU F 38 -38.14 12.45 52.25
CA LEU F 38 -38.43 11.56 51.13
C LEU F 38 -38.07 10.11 51.47
N GLY F 39 -37.40 9.91 52.59
CA GLY F 39 -37.11 8.58 53.10
C GLY F 39 -36.01 7.85 52.37
N VAL F 40 -35.28 8.53 51.49
CA VAL F 40 -34.25 7.88 50.67
C VAL F 40 -32.89 7.71 51.38
N GLU F 41 -32.24 6.59 51.16
CA GLU F 41 -30.89 6.40 51.69
C GLU F 41 -29.85 7.16 50.87
N TYR F 42 -29.06 7.98 51.54
CA TYR F 42 -28.05 8.78 50.86
C TYR F 42 -26.80 8.87 51.71
N VAL F 43 -25.72 9.34 51.10
CA VAL F 43 -24.50 9.65 51.81
C VAL F 43 -23.84 10.83 51.11
N PHE F 44 -23.37 11.80 51.89
CA PHE F 44 -22.56 12.91 51.37
C PHE F 44 -21.12 12.49 51.15
N VAL F 45 -20.62 12.66 49.93
CA VAL F 45 -19.25 12.30 49.56
C VAL F 45 -18.52 13.51 48.98
N GLY F 46 -17.25 13.32 48.63
CA GLY F 46 -16.51 14.37 47.94
C GLY F 46 -15.71 15.29 48.83
N SER F 47 -15.00 16.21 48.17
CA SER F 47 -14.23 17.25 48.85
C SER F 47 -15.07 17.90 49.94
N TYR F 48 -16.36 18.13 49.64
CA TYR F 48 -17.16 18.85 50.59
C TYR F 48 -17.38 18.05 51.87
N ALA F 49 -17.76 16.79 51.71
CA ALA F 49 -18.00 15.92 52.87
C ALA F 49 -16.78 15.82 53.78
N ARG F 50 -15.60 15.80 53.16
CA ARG F 50 -14.36 15.59 53.90
C ARG F 50 -13.65 16.90 54.25
N ASN F 51 -14.21 18.00 53.79
CA ASN F 51 -13.64 19.32 54.04
C ASN F 51 -12.23 19.48 53.44
N THR F 52 -12.09 19.21 52.15
CA THR F 52 -10.81 19.31 51.46
C THR F 52 -10.92 20.10 50.16
N TRP F 53 -12.06 20.75 49.95
CA TRP F 53 -12.29 21.55 48.76
C TRP F 53 -11.55 22.89 48.79
N LEU F 54 -11.16 23.37 47.61
CA LEU F 54 -10.43 24.62 47.48
C LEU F 54 -11.35 25.82 47.55
N LYS F 55 -10.82 26.93 48.06
CA LYS F 55 -11.51 28.21 48.04
C LYS F 55 -11.99 28.50 46.63
N GLY F 56 -13.27 28.82 46.50
CA GLY F 56 -13.84 29.18 45.21
C GLY F 56 -14.47 28.02 44.46
N SER F 57 -14.24 26.78 44.91
CA SER F 57 -14.77 25.60 44.21
C SER F 57 -15.74 24.79 45.06
N LEU F 58 -16.82 25.44 45.50
CA LEU F 58 -17.78 24.78 46.37
C LEU F 58 -18.79 23.96 45.58
N GLU F 59 -18.74 22.64 45.76
CA GLU F 59 -19.71 21.75 45.14
C GLU F 59 -20.01 20.58 46.07
N ILE F 60 -21.29 20.39 46.37
CA ILE F 60 -21.75 19.30 47.22
C ILE F 60 -22.10 18.10 46.35
N ASP F 61 -21.60 16.94 46.73
CA ASP F 61 -21.89 15.70 46.03
C ASP F 61 -22.75 14.82 46.94
N VAL F 62 -23.90 14.40 46.42
CA VAL F 62 -24.81 13.54 47.17
C VAL F 62 -25.05 12.27 46.38
N PHE F 63 -24.72 11.13 46.97
CA PHE F 63 -24.96 9.84 46.34
C PHE F 63 -26.18 9.17 46.96
N LEU F 64 -27.12 8.77 46.11
CA LEU F 64 -28.33 8.09 46.53
C LEU F 64 -28.06 6.60 46.45
N LEU F 65 -28.29 5.92 47.58
CA LEU F 65 -27.96 4.51 47.72
C LEU F 65 -29.20 3.66 47.52
N PHE F 66 -29.21 2.87 46.45
CA PHE F 66 -30.34 2.01 46.13
C PHE F 66 -29.99 0.54 46.29
N PRO F 67 -31.00 -0.29 46.61
CA PRO F 67 -30.79 -1.73 46.75
C PRO F 67 -30.22 -2.38 45.48
N GLU F 68 -29.35 -3.36 45.64
CA GLU F 68 -28.70 -3.97 44.49
C GLU F 68 -29.67 -4.81 43.66
N GLU F 69 -30.87 -5.01 44.18
CA GLU F 69 -31.93 -5.71 43.45
C GLU F 69 -32.45 -4.88 42.29
N PHE F 70 -32.26 -3.56 42.37
CA PHE F 70 -32.81 -2.66 41.37
C PHE F 70 -32.10 -2.82 40.05
N SER F 71 -32.82 -2.51 38.97
CA SER F 71 -32.26 -2.53 37.64
C SER F 71 -31.67 -1.17 37.35
N LYS F 72 -30.86 -1.09 36.30
CA LYS F 72 -30.32 0.20 35.87
C LYS F 72 -31.46 1.14 35.52
N GLU F 73 -32.50 0.60 34.91
CA GLU F 73 -33.67 1.38 34.55
C GLU F 73 -34.32 1.98 35.81
N GLU F 74 -34.57 1.15 36.81
CA GLU F 74 -35.23 1.60 38.03
C GLU F 74 -34.34 2.57 38.81
N LEU F 75 -33.07 2.21 38.91
CA LEU F 75 -32.12 3.04 39.64
C LEU F 75 -32.06 4.44 39.05
N ARG F 76 -31.98 4.53 37.73
CA ARG F 76 -31.91 5.82 37.06
C ARG F 76 -33.23 6.59 37.17
N GLU F 77 -34.35 5.88 37.08
CA GLU F 77 -35.65 6.51 37.14
C GLU F 77 -35.94 7.08 38.53
N ARG F 78 -35.56 6.34 39.57
CA ARG F 78 -35.80 6.77 40.94
C ARG F 78 -34.90 7.93 41.28
N GLY F 79 -33.65 7.82 40.85
CA GLY F 79 -32.66 8.85 41.12
C GLY F 79 -33.03 10.19 40.51
N LEU F 80 -33.59 10.16 39.31
CA LEU F 80 -33.97 11.40 38.65
C LEU F 80 -35.12 12.08 39.37
N GLU F 81 -36.00 11.29 39.99
CA GLU F 81 -37.11 11.85 40.75
C GLU F 81 -36.60 12.56 42.01
N ILE F 82 -35.74 11.88 42.76
CA ILE F 82 -35.18 12.45 43.98
C ILE F 82 -34.41 13.74 43.69
N GLY F 83 -33.54 13.72 42.67
CA GLY F 83 -32.77 14.90 42.30
C GLY F 83 -33.62 16.13 42.08
N LYS F 84 -34.57 16.04 41.16
CA LYS F 84 -35.47 17.14 40.83
C LYS F 84 -36.22 17.65 42.06
N ALA F 85 -36.54 16.75 42.97
CA ALA F 85 -37.38 17.09 44.11
C ALA F 85 -36.62 17.90 45.16
N VAL F 86 -35.31 17.74 45.19
CA VAL F 86 -34.49 18.28 46.28
C VAL F 86 -33.74 19.55 45.85
N LEU F 87 -33.55 19.71 44.54
CA LEU F 87 -32.89 20.88 44.00
C LEU F 87 -33.89 21.91 43.49
N ASP F 88 -33.63 23.19 43.77
CA ASP F 88 -34.28 24.26 43.03
C ASP F 88 -33.37 24.58 41.86
N SER F 89 -33.94 24.68 40.66
CA SER F 89 -33.16 24.84 39.43
C SER F 89 -32.22 23.67 39.22
N TYR F 90 -32.72 22.61 38.61
CA TYR F 90 -31.92 21.42 38.31
C TYR F 90 -31.54 21.35 36.84
N GLU F 91 -30.83 20.28 36.48
CA GLU F 91 -30.36 20.08 35.12
C GLU F 91 -29.81 18.66 35.02
N ILE F 92 -30.12 17.97 33.94
CA ILE F 92 -29.70 16.58 33.76
C ILE F 92 -28.38 16.47 33.00
N ARG F 93 -27.43 15.72 33.57
CA ARG F 93 -26.12 15.51 32.95
C ARG F 93 -25.84 14.02 32.80
N TYR F 94 -24.76 13.68 32.11
CA TYR F 94 -24.46 12.28 31.75
C TYR F 94 -23.01 11.84 31.99
N ALA F 95 -22.85 10.58 32.38
CA ALA F 95 -21.54 9.92 32.53
C ALA F 95 -21.76 8.56 33.20
N GLU F 96 -21.59 7.48 32.44
CA GLU F 96 -21.92 6.13 32.93
C GLU F 96 -23.40 6.00 33.31
N HIS F 97 -23.84 6.80 34.29
CA HIS F 97 -25.25 6.95 34.61
C HIS F 97 -25.63 8.41 34.39
N PRO F 98 -26.86 8.66 33.95
CA PRO F 98 -27.33 10.04 34.01
C PRO F 98 -27.55 10.45 35.47
N TYR F 99 -27.28 11.71 35.79
CA TYR F 99 -27.51 12.22 37.13
C TYR F 99 -28.06 13.64 37.06
N VAL F 100 -28.35 14.22 38.22
CA VAL F 100 -28.93 15.55 38.27
C VAL F 100 -27.95 16.53 38.88
N HIS F 101 -27.81 17.68 38.22
CA HIS F 101 -26.98 18.76 38.72
C HIS F 101 -27.87 19.98 38.92
N GLY F 102 -27.69 20.69 40.02
CA GLY F 102 -28.53 21.85 40.30
C GLY F 102 -28.00 22.71 41.43
N VAL F 103 -28.90 23.51 42.02
CA VAL F 103 -28.52 24.46 43.05
C VAL F 103 -29.40 24.27 44.27
N VAL F 104 -28.84 24.53 45.44
CA VAL F 104 -29.59 24.62 46.68
C VAL F 104 -29.05 25.80 47.47
N LYS F 105 -29.83 26.87 47.55
CA LYS F 105 -29.43 28.09 48.24
C LYS F 105 -28.08 28.59 47.75
N GLY F 106 -27.94 28.71 46.42
CA GLY F 106 -26.76 29.30 45.82
C GLY F 106 -25.58 28.37 45.62
N VAL F 107 -25.69 27.14 46.12
CA VAL F 107 -24.58 26.19 46.06
C VAL F 107 -24.81 25.10 45.02
N GLU F 108 -23.82 24.88 44.16
CA GLU F 108 -23.87 23.82 43.15
C GLU F 108 -23.92 22.42 43.78
N VAL F 109 -24.79 21.56 43.27
CA VAL F 109 -24.97 20.21 43.82
C VAL F 109 -25.11 19.13 42.75
N ASP F 110 -24.44 18.01 42.98
CA ASP F 110 -24.63 16.80 42.18
C ASP F 110 -25.39 15.75 43.00
N VAL F 111 -26.48 15.24 42.43
CA VAL F 111 -27.22 14.12 43.00
C VAL F 111 -27.05 12.93 42.08
N VAL F 112 -26.31 11.93 42.55
CA VAL F 112 -25.92 10.80 41.72
C VAL F 112 -26.50 9.50 42.25
N PRO F 113 -27.28 8.78 41.43
CA PRO F 113 -27.77 7.48 41.93
C PRO F 113 -26.69 6.40 41.86
N CYS F 114 -26.73 5.44 42.76
CA CYS F 114 -25.83 4.29 42.71
C CYS F 114 -26.34 3.17 43.60
N TYR F 115 -25.63 2.05 43.57
CA TYR F 115 -26.05 0.87 44.31
C TYR F 115 -25.42 0.87 45.69
N LYS F 116 -26.19 0.42 46.67
CA LYS F 116 -25.67 0.24 48.02
C LYS F 116 -25.03 -1.14 48.07
N LEU F 117 -23.71 -1.20 48.11
CA LEU F 117 -23.01 -2.48 48.11
C LEU F 117 -22.40 -2.79 49.47
N LYS F 118 -22.25 -4.08 49.77
CA LYS F 118 -21.69 -4.50 51.06
C LYS F 118 -20.18 -4.58 50.96
N GLU F 119 -19.69 -5.29 49.95
CA GLU F 119 -18.25 -5.41 49.69
C GLU F 119 -17.89 -4.78 48.34
N PRO F 120 -16.65 -4.30 48.20
CA PRO F 120 -16.25 -3.58 46.98
C PRO F 120 -16.04 -4.47 45.75
N LYS F 121 -16.17 -5.80 45.90
CA LYS F 121 -15.99 -6.70 44.76
C LYS F 121 -17.23 -6.77 43.87
N ASN F 122 -18.33 -6.18 44.35
CA ASN F 122 -19.56 -6.07 43.58
C ASN F 122 -19.60 -4.77 42.78
N ILE F 123 -18.49 -4.05 42.76
CA ILE F 123 -18.39 -2.78 42.05
C ILE F 123 -18.17 -3.01 40.57
N LYS F 124 -19.21 -2.76 39.78
CA LYS F 124 -19.12 -2.88 38.32
C LYS F 124 -19.14 -1.50 37.67
N SER F 125 -19.58 -0.50 38.41
CA SER F 125 -19.64 0.88 37.92
C SER F 125 -18.68 1.76 38.71
N ALA F 126 -18.27 2.88 38.10
CA ALA F 126 -17.39 3.83 38.78
C ALA F 126 -18.12 4.60 39.89
N VAL F 127 -19.38 4.93 39.66
CA VAL F 127 -20.15 5.64 40.68
C VAL F 127 -20.33 4.75 41.89
N ASP F 128 -20.34 3.44 41.67
CA ASP F 128 -20.48 2.50 42.78
C ASP F 128 -19.22 2.49 43.64
N ARG F 129 -18.11 2.96 43.10
CA ARG F 129 -16.84 2.93 43.81
C ARG F 129 -16.63 4.17 44.69
N THR F 130 -17.49 5.17 44.54
CA THR F 130 -17.26 6.46 45.17
C THR F 130 -17.65 6.46 46.66
N PRO F 131 -18.75 5.79 47.02
CA PRO F 131 -18.99 5.72 48.46
C PRO F 131 -17.88 4.98 49.20
N PHE F 132 -17.30 3.97 48.59
CA PHE F 132 -16.22 3.21 49.21
C PHE F 132 -14.96 4.04 49.35
N HIS F 133 -14.70 4.86 48.33
CA HIS F 133 -13.58 5.77 48.41
C HIS F 133 -13.76 6.72 49.58
N HIS F 134 -14.97 7.24 49.72
CA HIS F 134 -15.25 8.16 50.81
C HIS F 134 -15.07 7.46 52.15
N LYS F 135 -15.70 6.31 52.30
CA LYS F 135 -15.58 5.51 53.52
C LYS F 135 -14.11 5.25 53.89
N TRP F 136 -13.25 5.09 52.89
CA TRP F 136 -11.86 4.78 53.16
C TRP F 136 -11.08 6.02 53.59
N LEU F 137 -11.50 7.20 53.13
CA LEU F 137 -10.79 8.44 53.42
C LEU F 137 -11.34 9.21 54.63
N GLU F 138 -12.65 9.12 54.88
CA GLU F 138 -13.30 9.98 55.88
C GLU F 138 -12.55 10.03 57.21
N GLY F 139 -11.96 8.91 57.60
CA GLY F 139 -11.31 8.80 58.90
C GLY F 139 -9.79 8.90 58.86
N ARG F 140 -9.22 8.67 57.68
CA ARG F 140 -7.77 8.71 57.53
C ARG F 140 -7.25 10.10 57.16
N ILE F 141 -8.15 10.97 56.73
CA ILE F 141 -7.78 12.29 56.24
C ILE F 141 -8.01 13.38 57.28
N LYS F 142 -8.76 13.07 58.34
CA LYS F 142 -9.00 14.04 59.42
C LYS F 142 -7.70 14.57 60.00
N GLY F 143 -7.58 15.90 60.06
CA GLY F 143 -6.36 16.55 60.52
C GLY F 143 -5.40 16.83 59.39
N LYS F 144 -5.63 16.23 58.23
CA LYS F 144 -4.75 16.41 57.08
C LYS F 144 -5.43 17.23 56.00
N GLU F 145 -6.56 17.86 56.32
CA GLU F 145 -7.35 18.58 55.33
C GLU F 145 -6.55 19.69 54.65
N ASN F 146 -5.86 20.51 55.43
CA ASN F 146 -5.09 21.63 54.86
C ASN F 146 -3.90 21.15 54.04
N GLU F 147 -3.39 19.96 54.38
CA GLU F 147 -2.32 19.36 53.60
C GLU F 147 -2.84 19.04 52.20
N VAL F 148 -4.04 18.43 52.15
CA VAL F 148 -4.69 18.14 50.88
C VAL F 148 -4.89 19.44 50.11
N ARG F 149 -5.33 20.46 50.82
CA ARG F 149 -5.62 21.74 50.20
C ARG F 149 -4.35 22.35 49.60
N LEU F 150 -3.23 22.22 50.31
CA LEU F 150 -1.95 22.72 49.82
C LEU F 150 -1.54 22.02 48.53
N LEU F 151 -1.51 20.69 48.56
CA LEU F 151 -1.11 19.92 47.39
C LEU F 151 -1.97 20.27 46.17
N LYS F 152 -3.28 20.41 46.39
CA LYS F 152 -4.19 20.78 45.31
C LYS F 152 -3.87 22.16 44.75
N GLY F 153 -3.63 23.13 45.64
CA GLY F 153 -3.35 24.49 45.23
C GLY F 153 -2.07 24.58 44.42
N PHE F 154 -1.06 23.83 44.86
CA PHE F 154 0.20 23.68 44.15
C PHE F 154 -0.04 23.19 42.71
N LEU F 155 -0.79 22.09 42.60
CA LEU F 155 -1.07 21.48 41.29
C LEU F 155 -1.93 22.40 40.43
N LYS F 156 -2.92 23.02 41.04
CA LYS F 156 -3.82 23.90 40.30
C LYS F 156 -3.04 25.05 39.62
N ALA F 157 -2.20 25.73 40.38
CA ALA F 157 -1.49 26.90 39.88
C ALA F 157 -0.51 26.52 38.77
N ASN F 158 -0.13 25.25 38.74
CA ASN F 158 0.78 24.75 37.73
C ASN F 158 0.08 23.94 36.64
N GLY F 159 -1.24 24.02 36.62
CA GLY F 159 -2.03 23.53 35.50
C GLY F 159 -2.06 22.02 35.36
N ILE F 160 -1.86 21.30 36.47
CA ILE F 160 -1.90 19.85 36.45
C ILE F 160 -2.78 19.25 37.56
N TYR F 161 -3.78 20.02 37.99
CA TYR F 161 -4.82 19.50 38.87
C TYR F 161 -6.07 19.18 38.06
N GLY F 162 -6.55 17.96 38.19
CA GLY F 162 -7.70 17.46 37.43
C GLY F 162 -7.28 16.25 36.59
N ALA F 163 -8.13 15.23 36.53
CA ALA F 163 -7.81 14.05 35.73
C ALA F 163 -8.57 14.01 34.41
N GLU F 164 -9.42 15.00 34.17
CA GLU F 164 -10.13 15.09 32.89
C GLU F 164 -9.12 15.27 31.75
N TYR F 165 -9.51 14.89 30.54
CA TYR F 165 -8.59 14.90 29.38
C TYR F 165 -8.05 16.28 29.01
N LYS F 166 -8.70 17.34 29.47
CA LYS F 166 -8.25 18.70 29.19
C LYS F 166 -6.94 18.98 29.93
N VAL F 167 -6.73 18.25 31.02
CA VAL F 167 -5.58 18.47 31.89
C VAL F 167 -4.63 17.28 31.89
N ARG F 168 -5.19 16.08 31.90
CA ARG F 168 -4.43 14.84 32.07
C ARG F 168 -3.48 14.93 33.27
N GLY F 169 -4.04 15.38 34.39
CA GLY F 169 -3.26 15.58 35.61
C GLY F 169 -3.67 14.74 36.80
N PHE F 170 -3.65 15.35 37.98
CA PHE F 170 -3.87 14.64 39.23
C PHE F 170 -5.29 14.86 39.66
N SER F 171 -5.95 13.81 40.14
CA SER F 171 -7.29 13.94 40.69
C SER F 171 -7.20 14.26 42.18
N GLY F 172 -8.21 14.92 42.73
CA GLY F 172 -8.26 15.17 44.16
C GLY F 172 -8.17 13.89 44.96
N TYR F 173 -8.82 12.83 44.48
CA TYR F 173 -8.82 11.57 45.21
C TYR F 173 -7.40 11.04 45.24
N LEU F 174 -6.68 11.21 44.14
CA LEU F 174 -5.25 10.89 44.14
C LEU F 174 -4.49 11.76 45.14
N CYS F 175 -4.83 13.05 45.22
CA CYS F 175 -4.18 13.96 46.15
C CYS F 175 -4.40 13.50 47.59
N GLU F 176 -5.66 13.25 47.95
CA GLU F 176 -5.97 12.76 49.29
C GLU F 176 -5.24 11.46 49.58
N LEU F 177 -5.22 10.52 48.64
CA LEU F 177 -4.48 9.28 48.82
C LEU F 177 -3.01 9.53 49.11
N LEU F 178 -2.42 10.54 48.48
CA LEU F 178 -0.98 10.79 48.64
C LEU F 178 -0.71 11.36 50.03
N ILE F 179 -1.62 12.19 50.52
CA ILE F 179 -1.44 12.80 51.83
C ILE F 179 -1.54 11.72 52.89
N VAL F 180 -2.50 10.82 52.74
CA VAL F 180 -2.65 9.73 53.69
C VAL F 180 -1.40 8.89 53.70
N PHE F 181 -0.74 8.82 52.55
CA PHE F 181 0.42 7.97 52.39
C PHE F 181 1.64 8.64 53.02
N TYR F 182 1.90 9.87 52.61
CA TYR F 182 3.11 10.57 53.01
C TYR F 182 2.96 11.37 54.31
N GLY F 183 1.73 11.74 54.64
CA GLY F 183 1.44 12.39 55.91
C GLY F 183 1.26 13.88 55.79
N SER F 184 1.85 14.49 54.76
CA SER F 184 1.76 15.93 54.58
C SER F 184 2.16 16.37 53.18
N PHE F 185 1.86 17.61 52.83
CA PHE F 185 2.18 18.13 51.50
C PHE F 185 3.68 18.15 51.27
N LEU F 186 4.41 18.57 52.29
CA LEU F 186 5.86 18.72 52.19
C LEU F 186 6.53 17.37 51.98
N GLU F 187 6.11 16.36 52.74
CA GLU F 187 6.68 15.03 52.58
C GLU F 187 6.38 14.45 51.19
N THR F 188 5.25 14.84 50.62
CA THR F 188 4.90 14.39 49.28
C THR F 188 5.86 14.98 48.27
N VAL F 189 6.07 16.29 48.38
CA VAL F 189 7.01 16.99 47.51
C VAL F 189 8.41 16.39 47.63
N LYS F 190 8.85 16.13 48.86
CA LYS F 190 10.18 15.58 49.08
C LYS F 190 10.37 14.24 48.37
N ASN F 191 9.44 13.32 48.57
CA ASN F 191 9.56 11.98 47.99
C ASN F 191 9.29 11.95 46.47
N ALA F 192 8.43 12.85 46.00
CA ALA F 192 8.09 12.90 44.58
C ALA F 192 9.31 13.20 43.71
N ARG F 193 10.32 13.84 44.30
CA ARG F 193 11.55 14.16 43.56
C ARG F 193 12.22 12.89 43.04
N ARG F 194 11.93 11.77 43.69
CA ARG F 194 12.52 10.48 43.34
C ARG F 194 11.53 9.54 42.64
N TRP F 195 10.34 10.03 42.31
CA TRP F 195 9.42 9.25 41.50
C TRP F 195 10.01 9.00 40.11
N THR F 196 9.60 7.89 39.51
CA THR F 196 9.97 7.55 38.14
C THR F 196 8.71 7.11 37.44
N ARG F 197 8.84 6.84 36.14
CA ARG F 197 7.72 6.40 35.32
C ARG F 197 7.33 4.96 35.62
N ARG F 198 8.06 4.31 36.53
CA ARG F 198 7.76 2.95 36.91
C ARG F 198 7.41 2.80 38.40
N THR F 199 7.27 3.94 39.09
CA THR F 199 6.93 3.94 40.50
C THR F 199 5.51 3.47 40.74
N VAL F 200 5.36 2.58 41.72
CA VAL F 200 4.06 2.06 42.12
C VAL F 200 3.88 2.41 43.58
N ILE F 201 2.78 3.08 43.90
CA ILE F 201 2.45 3.44 45.28
C ILE F 201 1.21 2.67 45.70
N ASP F 202 1.29 2.01 46.85
CA ASP F 202 0.23 1.15 47.33
C ASP F 202 -0.06 1.53 48.77
N VAL F 203 -1.05 2.41 48.96
CA VAL F 203 -1.35 2.96 50.29
C VAL F 203 -1.84 1.87 51.22
N ALA F 204 -2.68 0.98 50.68
CA ALA F 204 -3.28 -0.10 51.46
C ALA F 204 -2.24 -1.06 52.04
N LYS F 205 -1.23 -1.40 51.26
CA LYS F 205 -0.15 -2.28 51.72
C LYS F 205 1.00 -1.50 52.34
N GLY F 206 0.95 -0.18 52.22
CA GLY F 206 1.94 0.69 52.82
C GLY F 206 3.33 0.52 52.27
N GLU F 207 3.45 0.31 50.95
CA GLU F 207 4.75 0.11 50.34
C GLU F 207 4.86 0.81 49.00
N VAL F 208 6.12 1.04 48.60
CA VAL F 208 6.44 1.52 47.27
C VAL F 208 7.24 0.45 46.54
N ARG F 209 6.77 0.05 45.37
CA ARG F 209 7.51 -0.91 44.55
C ARG F 209 7.69 -0.37 43.14
N LYS F 210 8.15 -1.24 42.25
CA LYS F 210 8.41 -0.86 40.87
C LYS F 210 7.52 -1.71 39.97
N GLY F 211 6.97 -1.08 38.93
CA GLY F 211 6.06 -1.75 38.03
C GLY F 211 6.35 -1.42 36.58
N GLU F 212 5.34 -1.55 35.73
CA GLU F 212 5.52 -1.34 34.30
C GLU F 212 5.16 0.09 33.93
N GLU F 213 4.31 0.72 34.74
CA GLU F 213 3.95 2.13 34.54
C GLU F 213 3.73 2.78 35.89
N PHE F 214 3.67 4.11 35.91
CA PHE F 214 3.39 4.83 37.14
C PHE F 214 1.98 4.52 37.61
N PHE F 215 1.87 3.96 38.81
CA PHE F 215 0.65 3.32 39.28
C PHE F 215 0.42 3.68 40.75
N VAL F 216 -0.76 4.21 41.05
CA VAL F 216 -1.18 4.43 42.42
C VAL F 216 -2.36 3.48 42.70
N VAL F 217 -2.08 2.42 43.45
CA VAL F 217 -3.05 1.37 43.68
C VAL F 217 -4.21 1.90 44.52
N ASP F 218 -5.43 1.69 44.05
CA ASP F 218 -6.64 2.10 44.78
C ASP F 218 -6.86 1.17 45.98
N PRO F 219 -6.89 1.72 47.21
CA PRO F 219 -7.09 0.84 48.36
C PRO F 219 -8.44 0.11 48.37
N VAL F 220 -9.34 0.54 47.49
CA VAL F 220 -10.66 -0.04 47.36
C VAL F 220 -10.67 -1.11 46.26
N ASP F 221 -9.70 -1.03 45.36
CA ASP F 221 -9.60 -1.99 44.25
C ASP F 221 -8.16 -2.03 43.73
N GLU F 222 -7.42 -3.08 44.11
CA GLU F 222 -5.99 -3.15 43.80
C GLU F 222 -5.69 -3.21 42.30
N LYS F 223 -6.70 -3.53 41.49
CA LYS F 223 -6.52 -3.62 40.05
C LYS F 223 -6.62 -2.24 39.41
N ARG F 224 -7.22 -1.29 40.12
CA ARG F 224 -7.43 0.06 39.58
C ARG F 224 -6.24 0.98 39.86
N ASN F 225 -5.84 1.74 38.84
CA ASN F 225 -4.80 2.76 38.97
C ASN F 225 -5.42 4.14 39.07
N VAL F 226 -5.33 4.75 40.25
CA VAL F 226 -5.96 6.05 40.48
C VAL F 226 -5.36 7.15 39.60
N ALA F 227 -4.10 7.00 39.22
CA ALA F 227 -3.41 7.97 38.40
C ALA F 227 -3.44 7.59 36.92
N ALA F 228 -4.38 6.72 36.54
CA ALA F 228 -4.45 6.19 35.18
C ALA F 228 -4.35 7.25 34.07
N ASN F 229 -4.98 8.40 34.27
CA ASN F 229 -5.03 9.44 33.24
C ASN F 229 -4.07 10.58 33.51
N LEU F 230 -3.16 10.40 34.46
CA LEU F 230 -2.03 11.31 34.63
C LEU F 230 -1.03 11.06 33.50
N SER F 231 -0.78 12.06 32.66
CA SER F 231 0.11 11.87 31.52
C SER F 231 1.55 11.76 32.00
N LEU F 232 2.39 11.14 31.19
CA LEU F 232 3.80 10.98 31.50
C LEU F 232 4.51 12.34 31.62
N ASP F 233 4.18 13.27 30.73
CA ASP F 233 4.80 14.59 30.72
C ASP F 233 4.35 15.41 31.92
N ASN F 234 3.11 15.24 32.34
CA ASN F 234 2.68 15.90 33.57
C ASN F 234 3.29 15.27 34.81
N LEU F 235 3.55 13.97 34.77
CA LEU F 235 4.29 13.32 35.85
C LEU F 235 5.68 13.94 35.90
N ALA F 236 6.31 14.02 34.73
CA ALA F 236 7.64 14.61 34.60
C ALA F 236 7.66 16.04 35.14
N ARG F 237 6.61 16.80 34.83
CA ARG F 237 6.54 18.19 35.25
C ARG F 237 6.42 18.31 36.76
N PHE F 238 5.61 17.45 37.36
CA PHE F 238 5.41 17.49 38.80
C PHE F 238 6.72 17.18 39.53
N VAL F 239 7.38 16.09 39.14
CA VAL F 239 8.67 15.72 39.70
C VAL F 239 9.66 16.87 39.59
N HIS F 240 9.68 17.53 38.44
CA HIS F 240 10.58 18.67 38.28
C HIS F 240 10.21 19.85 39.18
N LEU F 241 8.92 20.13 39.35
CA LEU F 241 8.49 21.22 40.22
C LEU F 241 8.93 20.97 41.65
N CYS F 242 8.73 19.74 42.10
CA CYS F 242 9.08 19.38 43.47
C CYS F 242 10.56 19.62 43.74
N ARG F 243 11.41 19.23 42.79
CA ARG F 243 12.83 19.46 42.91
C ARG F 243 13.10 20.94 43.02
N GLU F 244 12.44 21.71 42.15
CA GLU F 244 12.62 23.16 42.14
C GLU F 244 12.16 23.77 43.45
N PHE F 245 11.07 23.25 44.00
CA PHE F 245 10.49 23.80 45.23
C PHE F 245 11.38 23.60 46.45
N MET F 246 12.00 22.42 46.58
CA MET F 246 12.86 22.15 47.73
C MET F 246 14.20 22.88 47.55
N GLU F 247 14.54 23.15 46.30
CA GLU F 247 15.79 23.86 45.98
C GLU F 247 15.66 25.32 46.39
N ALA F 248 14.58 25.96 45.97
CA ALA F 248 14.34 27.37 46.24
C ALA F 248 12.83 27.61 46.39
N PRO F 249 12.28 27.31 47.58
CA PRO F 249 10.83 27.45 47.79
C PRO F 249 10.34 28.88 47.72
N SER F 250 9.12 29.04 47.22
CA SER F 250 8.52 30.35 47.02
C SER F 250 7.00 30.23 47.03
N LEU F 251 6.33 31.30 47.41
CA LEU F 251 4.87 31.37 47.37
C LEU F 251 4.37 31.40 45.93
N GLY F 252 5.27 31.73 45.01
CA GLY F 252 4.95 31.85 43.59
C GLY F 252 4.54 30.53 42.97
N PHE F 253 4.97 29.44 43.58
CA PHE F 253 4.59 28.12 43.13
C PHE F 253 3.10 27.85 43.35
N PHE F 254 2.49 28.64 44.22
CA PHE F 254 1.07 28.47 44.55
C PHE F 254 0.19 29.50 43.85
N LYS F 255 0.82 30.37 43.07
CA LYS F 255 0.11 31.43 42.36
C LYS F 255 0.03 31.12 40.87
N PRO F 256 -1.17 31.19 40.28
CA PRO F 256 -1.28 30.91 38.84
C PRO F 256 -0.57 31.98 38.02
N LYS F 257 0.29 31.56 37.10
CA LYS F 257 1.04 32.50 36.28
C LYS F 257 0.14 33.09 35.19
N HIS F 258 0.35 34.36 34.89
CA HIS F 258 -0.45 35.05 33.89
C HIS F 258 0.03 34.71 32.49
N PRO F 259 -0.90 34.44 31.55
CA PRO F 259 -0.51 34.16 30.17
C PRO F 259 0.38 35.26 29.58
N LEU F 260 1.25 34.87 28.66
CA LEU F 260 2.20 35.81 28.06
C LEU F 260 1.60 36.47 26.83
N GLU F 261 0.89 37.58 27.03
CA GLU F 261 0.31 38.34 25.93
C GLU F 261 1.38 39.19 25.26
N ILE F 262 1.83 38.74 24.10
CA ILE F 262 2.92 39.38 23.38
C ILE F 262 2.37 40.27 22.26
N GLU F 263 3.11 41.33 21.93
CA GLU F 263 2.74 42.21 20.84
C GLU F 263 2.97 41.54 19.47
N PRO F 264 2.04 41.73 18.52
CA PRO F 264 2.15 41.05 17.22
C PRO F 264 3.47 41.32 16.50
N GLU F 265 4.11 42.44 16.80
CA GLU F 265 5.34 42.80 16.13
C GLU F 265 6.54 42.03 16.69
N ARG F 266 6.63 41.94 18.03
CA ARG F 266 7.70 41.19 18.66
C ARG F 266 7.59 39.71 18.26
N LEU F 267 6.36 39.22 18.24
CA LEU F 267 6.10 37.85 17.88
C LEU F 267 6.55 37.58 16.43
N ARG F 268 6.28 38.52 15.52
CA ARG F 268 6.75 38.43 14.15
C ARG F 268 8.28 38.44 14.07
N LYS F 269 8.91 39.18 14.97
CA LYS F 269 10.36 39.30 14.96
C LYS F 269 10.98 38.02 15.54
N ILE F 270 10.27 37.36 16.44
CA ILE F 270 10.76 36.09 16.98
C ILE F 270 10.75 35.02 15.87
N VAL F 271 9.59 34.83 15.25
CA VAL F 271 9.44 33.82 14.20
C VAL F 271 10.45 34.06 13.08
N GLU F 272 10.72 35.34 12.80
CA GLU F 272 11.68 35.69 11.75
C GLU F 272 13.07 35.17 12.14
N GLU F 273 13.44 35.39 13.40
CA GLU F 273 14.74 34.97 13.91
C GLU F 273 14.87 33.45 14.03
N ARG F 274 13.76 32.76 14.27
CA ARG F 274 13.77 31.30 14.34
C ARG F 274 13.87 30.68 12.92
N GLY F 275 13.36 31.41 11.93
CA GLY F 275 13.44 30.98 10.55
C GLY F 275 12.48 29.87 10.18
N THR F 276 11.49 29.63 11.02
CA THR F 276 10.57 28.52 10.82
C THR F 276 9.27 28.91 10.08
N ALA F 277 8.48 27.90 9.72
CA ALA F 277 7.14 28.10 9.17
C ALA F 277 6.13 27.89 10.27
N VAL F 278 5.35 28.92 10.57
CA VAL F 278 4.36 28.86 11.63
C VAL F 278 2.99 29.11 11.05
N PHE F 279 2.10 28.14 11.21
CA PHE F 279 0.76 28.24 10.65
C PHE F 279 -0.22 27.46 11.51
N ALA F 280 -1.50 27.70 11.26
CA ALA F 280 -2.56 27.09 12.05
C ALA F 280 -3.66 26.58 11.13
N VAL F 281 -4.39 25.60 11.63
CA VAL F 281 -5.59 25.09 10.98
C VAL F 281 -6.77 25.53 11.82
N LYS F 282 -7.52 26.50 11.31
CA LYS F 282 -8.70 27.00 12.00
C LYS F 282 -9.94 26.28 11.48
N PHE F 283 -10.79 25.86 12.40
CA PHE F 283 -12.08 25.25 12.05
C PHE F 283 -13.06 25.47 13.19
N ARG F 284 -14.34 25.21 12.95
CA ARG F 284 -15.37 25.45 13.95
C ARG F 284 -15.42 24.32 14.98
N LYS F 285 -15.42 24.71 16.25
CA LYS F 285 -15.47 23.75 17.35
C LYS F 285 -16.74 22.90 17.27
N PRO F 286 -16.60 21.57 17.20
CA PRO F 286 -17.80 20.74 17.27
C PRO F 286 -18.44 20.83 18.65
N ASP F 287 -19.77 20.78 18.70
CA ASP F 287 -20.49 20.92 19.95
C ASP F 287 -20.47 19.61 20.77
N ILE F 288 -19.36 19.38 21.48
CA ILE F 288 -19.18 18.20 22.31
C ILE F 288 -18.45 18.56 23.59
N VAL F 289 -18.52 17.69 24.59
CA VAL F 289 -17.86 17.93 25.87
C VAL F 289 -16.34 17.91 25.72
N ASP F 290 -15.65 18.62 26.61
CA ASP F 290 -14.20 18.73 26.55
C ASP F 290 -13.54 17.35 26.50
N ASP F 291 -14.14 16.37 27.17
CA ASP F 291 -13.53 15.04 27.27
C ASP F 291 -13.63 14.23 25.98
N ASN F 292 -14.42 14.73 25.03
CA ASN F 292 -14.45 14.17 23.70
C ASN F 292 -13.65 15.04 22.71
N LEU F 293 -13.66 16.35 22.94
CA LEU F 293 -12.98 17.27 22.03
C LEU F 293 -11.45 17.21 22.15
N TYR F 294 -10.93 17.26 23.37
CA TYR F 294 -9.48 17.38 23.54
C TYR F 294 -8.69 16.16 23.09
N PRO F 295 -9.19 14.95 23.37
CA PRO F 295 -8.50 13.79 22.80
C PRO F 295 -8.52 13.80 21.28
N GLN F 296 -9.52 14.44 20.66
CA GLN F 296 -9.60 14.51 19.21
C GLN F 296 -8.68 15.59 18.64
N LEU F 297 -8.61 16.73 19.31
CA LEU F 297 -7.64 17.74 18.97
C LEU F 297 -6.22 17.15 19.04
N GLU F 298 -5.96 16.33 20.06
CA GLU F 298 -4.67 15.66 20.18
C GLU F 298 -4.42 14.71 19.00
N ARG F 299 -5.43 13.93 18.63
CA ARG F 299 -5.31 13.02 17.50
C ARG F 299 -5.08 13.77 16.19
N ALA F 300 -5.89 14.80 15.95
CA ALA F 300 -5.79 15.61 14.75
C ALA F 300 -4.40 16.21 14.60
N SER F 301 -3.86 16.74 15.69
CA SER F 301 -2.52 17.34 15.69
C SER F 301 -1.49 16.30 15.35
N ARG F 302 -1.64 15.12 15.95
CA ARG F 302 -0.63 14.09 15.78
C ARG F 302 -0.60 13.64 14.33
N LYS F 303 -1.78 13.42 13.75
CA LYS F 303 -1.88 12.98 12.36
C LYS F 303 -1.24 13.99 11.41
N ILE F 304 -1.57 15.27 11.58
CA ILE F 304 -0.98 16.32 10.75
C ILE F 304 0.54 16.42 10.96
N PHE F 305 0.98 16.29 12.20
CA PHE F 305 2.42 16.25 12.53
C PHE F 305 3.12 15.06 11.85
N GLU F 306 2.48 13.90 11.91
CA GLU F 306 3.04 12.71 11.28
C GLU F 306 3.12 12.93 9.78
N PHE F 307 2.11 13.60 9.22
CA PHE F 307 2.10 13.94 7.80
C PHE F 307 3.24 14.89 7.46
N LEU F 308 3.44 15.90 8.30
CA LEU F 308 4.51 16.85 8.08
C LEU F 308 5.89 16.17 8.15
N GLU F 309 6.08 15.23 9.10
CA GLU F 309 7.35 14.51 9.22
C GLU F 309 7.59 13.71 7.93
N ARG F 310 6.54 13.03 7.49
CA ARG F 310 6.63 12.07 6.41
C ARG F 310 6.91 12.77 5.09
N GLU F 311 6.35 13.96 4.92
CA GLU F 311 6.54 14.77 3.71
C GLU F 311 7.77 15.69 3.81
N ASN F 312 8.60 15.44 4.81
CA ASN F 312 9.91 16.10 4.91
C ASN F 312 9.88 17.60 5.19
N PHE F 313 8.82 18.09 5.82
CA PHE F 313 8.80 19.48 6.25
C PHE F 313 9.39 19.67 7.66
N MET F 314 9.76 18.56 8.31
CA MET F 314 10.45 18.57 9.60
C MET F 314 9.81 19.43 10.68
N PRO F 315 8.64 19.01 11.17
CA PRO F 315 7.93 19.78 12.19
C PRO F 315 8.67 19.81 13.52
N LEU F 316 8.55 20.90 14.27
CA LEU F 316 9.25 21.03 15.55
C LEU F 316 8.35 20.61 16.71
N ARG F 317 7.22 21.30 16.84
CA ARG F 317 6.22 20.96 17.86
C ARG F 317 4.88 21.31 17.29
N SER F 318 3.83 20.73 17.86
CA SER F 318 2.47 21.13 17.54
C SER F 318 1.78 21.54 18.83
N ALA F 319 0.74 22.33 18.72
CA ALA F 319 -0.08 22.67 19.86
C ALA F 319 -1.48 22.91 19.37
N PHE F 320 -2.43 23.10 20.29
CA PHE F 320 -3.79 23.44 19.89
C PHE F 320 -4.49 24.33 20.92
N LYS F 321 -5.51 25.03 20.47
CA LYS F 321 -6.37 25.83 21.34
C LYS F 321 -7.83 25.73 20.92
N ALA F 322 -8.71 25.63 21.90
CA ALA F 322 -10.14 25.56 21.65
C ALA F 322 -10.82 26.80 22.23
N SER F 323 -11.30 27.68 21.37
CA SER F 323 -12.07 28.83 21.83
C SER F 323 -13.54 28.44 21.92
N GLU F 324 -14.41 29.43 22.04
CA GLU F 324 -15.84 29.18 22.16
C GLU F 324 -16.43 28.77 20.82
N GLU F 325 -15.93 29.38 19.75
CA GLU F 325 -16.48 29.16 18.41
C GLU F 325 -15.55 28.34 17.52
N PHE F 326 -14.25 28.63 17.59
CA PHE F 326 -13.26 28.02 16.70
C PHE F 326 -12.19 27.21 17.43
N CYS F 327 -11.74 26.13 16.79
CA CYS F 327 -10.59 25.37 17.27
C CYS F 327 -9.38 25.65 16.38
N TYR F 328 -8.18 25.52 16.96
CA TYR F 328 -6.95 25.79 16.22
C TYR F 328 -5.93 24.68 16.42
N LEU F 329 -5.36 24.20 15.33
CA LEU F 329 -4.23 23.29 15.38
C LEU F 329 -2.97 24.03 14.93
N LEU F 330 -2.05 24.26 15.86
CA LEU F 330 -0.84 25.04 15.59
C LEU F 330 0.35 24.16 15.24
N PHE F 331 1.17 24.60 14.30
CA PHE F 331 2.38 23.88 13.92
C PHE F 331 3.56 24.82 13.65
N GLU F 332 4.76 24.35 13.94
CA GLU F 332 6.00 25.05 13.57
C GLU F 332 6.91 24.10 12.80
N CYS F 333 7.39 24.53 11.63
CA CYS F 333 8.21 23.67 10.76
C CYS F 333 9.57 24.26 10.40
N GLN F 334 10.59 23.42 10.39
CA GLN F 334 11.94 23.85 10.10
C GLN F 334 12.11 24.15 8.62
N ILE F 335 11.26 23.53 7.79
CA ILE F 335 11.32 23.74 6.34
C ILE F 335 10.17 24.63 5.87
N LYS F 336 10.51 25.83 5.40
CA LYS F 336 9.51 26.74 4.83
C LYS F 336 9.16 26.38 3.39
N GLU F 337 10.07 25.69 2.71
CA GLU F 337 9.90 25.36 1.29
C GLU F 337 10.81 24.22 0.86
N ILE F 338 10.28 23.31 0.05
CA ILE F 338 11.06 22.19 -0.43
C ILE F 338 11.04 22.20 -1.96
N SER F 339 12.09 21.66 -2.56
CA SER F 339 12.23 21.63 -4.00
C SER F 339 11.01 20.98 -4.63
N ARG F 340 10.68 21.38 -5.85
CA ARG F 340 9.55 20.78 -6.54
C ARG F 340 9.88 19.35 -6.96
N VAL F 341 11.12 19.14 -7.39
CA VAL F 341 11.54 17.83 -7.86
C VAL F 341 11.87 16.94 -6.67
N PHE F 342 11.58 15.65 -6.80
CA PHE F 342 11.97 14.67 -5.80
C PHE F 342 12.33 13.36 -6.48
N ARG F 343 12.84 12.41 -5.71
CA ARG F 343 13.18 11.09 -6.23
C ARG F 343 12.01 10.13 -6.06
N ARG F 344 11.64 9.47 -7.15
CA ARG F 344 10.59 8.46 -7.17
C ARG F 344 11.21 7.09 -7.44
N MET F 345 11.04 6.15 -6.51
CA MET F 345 11.65 4.83 -6.63
C MET F 345 10.97 3.97 -7.69
N GLY F 346 11.80 3.35 -8.52
CA GLY F 346 11.35 2.38 -9.50
C GLY F 346 11.87 1.00 -9.14
N PRO F 347 11.70 0.03 -10.07
CA PRO F 347 12.10 -1.36 -9.84
C PRO F 347 13.57 -1.62 -10.13
N GLN F 348 14.03 -2.83 -9.84
CA GLN F 348 15.42 -3.22 -10.09
C GLN F 348 15.65 -3.50 -11.57
N PHE F 349 16.88 -3.30 -12.02
CA PHE F 349 17.21 -3.41 -13.44
C PHE F 349 16.88 -4.79 -13.99
N GLU F 350 16.84 -5.80 -13.12
CA GLU F 350 16.55 -7.15 -13.57
C GLU F 350 15.12 -7.30 -14.08
N ASP F 351 14.22 -6.47 -13.57
CA ASP F 351 12.79 -6.62 -13.83
C ASP F 351 12.40 -5.99 -15.15
N GLU F 352 12.66 -6.70 -16.24
CA GLU F 352 12.45 -6.17 -17.57
C GLU F 352 11.05 -5.60 -17.74
N ARG F 353 10.05 -6.35 -17.30
CA ARG F 353 8.66 -5.98 -17.50
C ARG F 353 8.33 -4.67 -16.78
N ASN F 354 8.66 -4.58 -15.50
CA ASN F 354 8.30 -3.41 -14.71
C ASN F 354 9.19 -2.21 -14.95
N VAL F 355 10.41 -2.46 -15.41
CA VAL F 355 11.27 -1.37 -15.83
C VAL F 355 10.66 -0.68 -17.05
N LYS F 356 10.17 -1.47 -17.99
CA LYS F 356 9.61 -0.93 -19.22
C LYS F 356 8.41 -0.05 -18.91
N LYS F 357 7.57 -0.48 -17.97
CA LYS F 357 6.44 0.32 -17.54
C LYS F 357 6.93 1.63 -16.92
N PHE F 358 7.92 1.52 -16.05
CA PHE F 358 8.46 2.66 -15.33
C PHE F 358 9.01 3.72 -16.29
N LEU F 359 9.65 3.28 -17.37
CA LEU F 359 10.28 4.20 -18.31
C LEU F 359 9.31 4.70 -19.38
N SER F 360 8.17 4.04 -19.52
CA SER F 360 7.21 4.41 -20.56
C SER F 360 6.53 5.73 -20.21
N ARG F 361 6.35 5.99 -18.93
CA ARG F 361 5.72 7.21 -18.47
C ARG F 361 6.52 8.44 -18.91
N ASN F 362 5.83 9.48 -19.42
CA ASN F 362 6.50 10.71 -19.83
C ASN F 362 6.86 11.62 -18.65
N ARG F 363 8.13 11.99 -18.56
CA ARG F 363 8.63 12.85 -17.49
C ARG F 363 9.53 13.95 -18.08
N ALA F 364 9.65 15.05 -17.36
CA ALA F 364 10.46 16.17 -17.81
C ALA F 364 11.96 15.84 -17.89
N PHE F 365 12.43 14.94 -17.03
CA PHE F 365 13.85 14.57 -16.95
C PHE F 365 14.07 13.05 -17.05
N ARG F 366 15.25 12.64 -17.49
CA ARG F 366 15.55 11.23 -17.74
C ARG F 366 15.70 10.44 -16.44
N PRO F 367 15.05 9.27 -16.34
CA PRO F 367 15.33 8.40 -15.20
C PRO F 367 16.77 7.94 -15.15
N PHE F 368 17.20 7.39 -14.02
CA PHE F 368 18.59 6.97 -13.84
C PHE F 368 18.70 5.74 -12.93
N ILE F 369 19.83 5.05 -13.03
CA ILE F 369 20.09 3.88 -12.22
C ILE F 369 20.98 4.29 -11.07
N GLU F 370 20.69 3.77 -9.88
CA GLU F 370 21.53 4.00 -8.71
C GLU F 370 21.44 2.76 -7.82
N ASN F 371 22.59 2.20 -7.49
CA ASN F 371 22.67 0.94 -6.74
C ASN F 371 21.76 -0.14 -7.32
N GLY F 372 21.79 -0.25 -8.65
CA GLY F 372 21.13 -1.34 -9.34
C GLY F 372 19.62 -1.24 -9.34
N ARG F 373 19.12 -0.05 -9.07
CA ARG F 373 17.69 0.19 -9.05
C ARG F 373 17.36 1.45 -9.85
N TRP F 374 16.21 1.43 -10.51
CA TRP F 374 15.77 2.57 -11.27
C TRP F 374 15.12 3.63 -10.40
N TRP F 375 15.49 4.87 -10.63
CA TRP F 375 14.90 6.02 -9.95
C TRP F 375 14.45 7.02 -11.00
N ALA F 376 13.49 7.86 -10.65
CA ALA F 376 13.03 8.91 -11.57
C ALA F 376 12.79 10.21 -10.83
N PHE F 377 13.12 11.31 -11.50
CA PHE F 377 12.79 12.63 -10.99
C PHE F 377 11.35 12.94 -11.38
N GLU F 378 10.52 13.19 -10.37
CA GLU F 378 9.14 13.62 -10.59
C GLU F 378 8.90 14.91 -9.82
N MET F 379 7.67 15.41 -9.83
CA MET F 379 7.35 16.73 -9.26
C MET F 379 6.32 16.65 -8.14
N ARG F 380 6.66 17.24 -7.00
CA ARG F 380 5.79 17.28 -5.83
C ARG F 380 4.48 17.97 -6.11
N LYS F 381 3.43 17.61 -5.37
CA LYS F 381 2.14 18.28 -5.50
C LYS F 381 2.13 19.64 -4.79
N PHE F 382 2.86 19.72 -3.68
CA PHE F 382 2.96 20.95 -2.88
C PHE F 382 4.40 21.11 -2.42
N THR F 383 4.84 22.35 -2.23
CA THR F 383 6.23 22.63 -1.87
C THR F 383 6.38 23.34 -0.53
N THR F 384 5.26 23.72 0.08
CA THR F 384 5.30 24.34 1.41
C THR F 384 4.42 23.59 2.38
N PRO F 385 4.76 23.66 3.68
CA PRO F 385 3.97 22.99 4.72
C PRO F 385 2.51 23.38 4.68
N GLU F 386 2.24 24.68 4.53
CA GLU F 386 0.88 25.20 4.49
C GLU F 386 0.04 24.54 3.39
N GLU F 387 0.59 24.40 2.20
CA GLU F 387 -0.17 23.81 1.11
C GLU F 387 -0.28 22.31 1.29
N GLY F 388 0.75 21.70 1.86
CA GLY F 388 0.71 20.27 2.15
C GLY F 388 -0.41 19.94 3.11
N VAL F 389 -0.50 20.70 4.21
CA VAL F 389 -1.55 20.47 5.20
C VAL F 389 -2.94 20.75 4.62
N ARG F 390 -3.04 21.73 3.72
CA ARG F 390 -4.31 22.04 3.09
C ARG F 390 -4.76 20.84 2.28
N SER F 391 -3.80 20.21 1.61
CA SER F 391 -4.06 19.02 0.80
C SER F 391 -4.48 17.86 1.69
N TYR F 392 -3.75 17.66 2.79
CA TYR F 392 -3.99 16.54 3.68
C TYR F 392 -5.34 16.66 4.39
N ALA F 393 -5.64 17.86 4.89
CA ALA F 393 -6.84 18.07 5.68
C ALA F 393 -8.11 17.89 4.85
N SER F 394 -8.02 18.20 3.57
CA SER F 394 -9.18 18.12 2.68
C SER F 394 -9.46 16.66 2.32
N THR F 395 -8.40 15.89 2.09
CA THR F 395 -8.56 14.52 1.62
C THR F 395 -8.59 13.47 2.74
N HIS F 396 -7.87 13.73 3.84
CA HIS F 396 -7.82 12.78 4.96
C HIS F 396 -8.58 13.26 6.20
N TRP F 397 -9.59 14.10 6.00
CA TRP F 397 -10.39 14.63 7.11
C TRP F 397 -10.91 13.53 8.03
N HIS F 398 -11.17 12.35 7.47
CA HIS F 398 -11.80 11.26 8.20
C HIS F 398 -10.96 10.74 9.35
N THR F 399 -9.65 10.95 9.26
CA THR F 399 -8.74 10.37 10.23
C THR F 399 -8.30 11.38 11.30
N LEU F 400 -8.91 12.56 11.30
CA LEU F 400 -8.56 13.61 12.25
C LEU F 400 -9.51 13.66 13.46
N GLY F 401 -10.07 12.52 13.80
CA GLY F 401 -11.05 12.44 14.89
C GLY F 401 -12.47 12.54 14.36
N LYS F 402 -13.39 11.79 14.99
CA LYS F 402 -14.75 11.65 14.51
C LYS F 402 -15.44 13.00 14.29
N ASN F 403 -15.43 13.84 15.31
CA ASN F 403 -16.16 15.11 15.26
C ASN F 403 -15.29 16.24 14.71
N VAL F 404 -14.03 16.27 15.10
CA VAL F 404 -13.08 17.26 14.59
C VAL F 404 -12.92 17.08 13.08
N GLY F 405 -12.85 15.83 12.64
CA GLY F 405 -12.69 15.50 11.23
C GLY F 405 -13.88 15.87 10.38
N GLU F 406 -15.09 15.66 10.91
CA GLU F 406 -16.29 16.01 10.17
C GLU F 406 -16.48 17.51 10.07
N SER F 407 -15.99 18.24 11.08
CA SER F 407 -16.08 19.69 11.08
C SER F 407 -15.09 20.24 10.07
N ILE F 408 -13.93 19.61 9.98
CA ILE F 408 -12.90 20.06 9.06
C ILE F 408 -13.34 19.83 7.62
N ARG F 409 -14.10 18.78 7.40
CA ARG F 409 -14.65 18.48 6.07
C ARG F 409 -15.60 19.60 5.62
N GLU F 410 -16.44 20.08 6.52
CA GLU F 410 -17.36 21.15 6.20
C GLU F 410 -16.60 22.45 5.93
N TYR F 411 -15.58 22.74 6.74
CA TYR F 411 -14.85 23.99 6.63
C TYR F 411 -13.55 24.03 7.42
N PHE F 412 -12.51 24.60 6.80
CA PHE F 412 -11.27 24.89 7.49
C PHE F 412 -10.45 25.86 6.68
N GLU F 413 -9.39 26.38 7.28
CA GLU F 413 -8.47 27.22 6.53
C GLU F 413 -7.10 27.28 7.20
N ILE F 414 -6.07 27.47 6.39
CA ILE F 414 -4.73 27.66 6.89
C ILE F 414 -4.49 29.14 7.10
N ILE F 415 -4.08 29.50 8.31
CA ILE F 415 -3.68 30.87 8.63
C ILE F 415 -2.20 30.85 8.99
N SER F 416 -1.43 31.68 8.29
CA SER F 416 0.00 31.78 8.53
C SER F 416 0.44 33.23 8.43
N GLY F 417 1.75 33.44 8.49
CA GLY F 417 2.29 34.79 8.41
C GLY F 417 1.80 35.64 9.57
N GLU F 418 1.67 36.93 9.32
CA GLU F 418 1.31 37.89 10.36
C GLU F 418 -0.19 37.86 10.66
N LYS F 419 -0.97 37.25 9.77
CA LYS F 419 -2.41 37.14 9.97
C LYS F 419 -2.75 36.17 11.10
N LEU F 420 -1.82 35.25 11.38
CA LEU F 420 -2.00 34.26 12.43
C LEU F 420 -1.87 34.91 13.81
N PHE F 421 -1.06 35.96 13.89
CA PHE F 421 -0.84 36.67 15.14
C PHE F 421 -2.06 37.50 15.52
N LYS F 422 -2.94 37.75 14.56
CA LYS F 422 -4.18 38.46 14.81
C LYS F 422 -5.22 37.53 15.45
N GLU F 423 -5.02 36.22 15.29
CA GLU F 423 -5.90 35.21 15.90
C GLU F 423 -5.57 35.03 17.40
N PRO F 424 -6.54 34.53 18.18
CA PRO F 424 -6.35 34.40 19.63
C PRO F 424 -5.58 33.15 20.02
N VAL F 425 -4.30 33.10 19.64
CA VAL F 425 -3.48 31.92 19.87
C VAL F 425 -2.05 32.27 20.24
N THR F 426 -1.82 33.54 20.61
CA THR F 426 -0.46 33.98 20.88
C THR F 426 0.14 33.26 22.10
N ALA F 427 -0.68 33.03 23.11
CA ALA F 427 -0.22 32.35 24.32
C ALA F 427 0.28 30.94 23.99
N GLU F 428 -0.50 30.19 23.23
CA GLU F 428 -0.12 28.84 22.83
C GLU F 428 1.14 28.87 21.94
N LEU F 429 1.22 29.86 21.05
CA LEU F 429 2.40 30.04 20.21
C LEU F 429 3.64 30.29 21.04
N CYS F 430 3.52 31.18 22.02
CA CYS F 430 4.68 31.51 22.84
C CYS F 430 5.09 30.27 23.63
N GLU F 431 4.11 29.56 24.18
CA GLU F 431 4.40 28.35 24.96
C GLU F 431 5.09 27.33 24.06
N MET F 432 4.54 27.17 22.87
CA MET F 432 5.03 26.21 21.90
C MET F 432 6.47 26.48 21.55
N MET F 433 6.84 27.74 21.34
CA MET F 433 8.18 28.09 20.87
C MET F 433 9.16 28.28 22.03
N GLY F 434 8.66 28.22 23.26
CA GLY F 434 9.49 28.41 24.42
C GLY F 434 9.95 29.85 24.57
N VAL F 435 9.04 30.80 24.35
CA VAL F 435 9.38 32.21 24.47
C VAL F 435 9.51 32.65 25.93
N LYS F 436 10.67 33.23 26.27
CA LYS F 436 10.89 33.82 27.59
C LYS F 436 10.25 35.20 27.68
N ASP F 437 9.88 35.62 28.88
CA ASP F 437 9.33 36.96 29.07
C ASP F 437 10.46 37.96 29.33
PG APC I . -8.65 -4.13 -46.92
O1G APC I . -7.65 -5.09 -47.53
O2G APC I . -8.48 -4.13 -45.43
O3G APC I . -8.37 -2.74 -47.45
PB APC I . -10.67 -6.02 -47.54
O1B APC I . -9.54 -6.95 -47.90
O2B APC I . -11.67 -6.02 -48.67
O3B APC I . -10.15 -4.57 -47.27
PA APC I . -11.56 -8.47 -45.96
O1A APC I . -10.23 -9.05 -46.36
O2A APC I . -11.86 -8.87 -44.52
C3A APC I . -11.52 -6.61 -46.02
O5' APC I . -12.69 -9.01 -46.93
C5' APC I . -12.36 -9.27 -48.31
C4' APC I . -13.57 -9.32 -49.16
O4' APC I . -14.72 -9.98 -48.44
C3' APC I . -14.03 -7.95 -49.49
O3' APC I . -13.38 -7.47 -50.70
C2' APC I . -15.45 -8.08 -49.74
O2' APC I . -15.65 -8.47 -51.12
C1' APC I . -15.92 -9.14 -48.84
N9 APC I . -16.50 -8.57 -47.73
C8 APC I . -15.86 -8.33 -46.56
N7 APC I . -16.71 -7.79 -45.69
C5 APC I . -17.89 -7.65 -46.26
C6 APC I . -19.12 -7.15 -45.83
N6 APC I . -19.27 -6.64 -44.52
N1 APC I . -20.16 -7.15 -46.64
C2 APC I . -20.06 -7.63 -47.90
N3 APC I . -18.88 -8.13 -48.36
C4 APC I . -17.79 -8.15 -47.57
H3A1 APC I . -11.00 -6.30 -45.24
H3A2 APC I . -12.44 -6.24 -45.97
H5'1 APC I . -11.89 -10.11 -48.38
H5'2 APC I . -11.78 -8.54 -48.65
H4' APC I . -13.37 -9.81 -49.98
H3' APC I . -13.87 -7.35 -48.75
HO3' APC I . -13.52 -6.59 -50.77
H2' APC I . -15.90 -7.24 -49.55
HO2' APC I . -16.31 -7.97 -51.47
H1' APC I . -16.58 -9.70 -49.31
H8 APC I . -14.94 -8.54 -46.38
HN61 APC I . -18.56 -6.67 -43.94
HN62 APC I . -20.08 -6.30 -44.25
H2 APC I . -20.83 -7.61 -48.49
C1 GOL J . -34.70 -0.55 -3.86
O1 GOL J . -35.43 -1.10 -4.93
C2 GOL J . -33.30 -0.22 -4.33
O2 GOL J . -33.32 0.26 -5.66
C3 GOL J . -32.67 0.85 -3.43
O3 GOL J . -31.27 0.72 -3.51
H11 GOL J . -34.65 -1.27 -3.03
H12 GOL J . -35.19 0.35 -3.49
HO1 GOL J . -36.32 -1.38 -4.61
H2 GOL J . -32.68 -1.12 -4.27
HO2 GOL J . -33.85 1.08 -5.70
H31 GOL J . -33.01 0.72 -2.40
H32 GOL J . -32.97 1.84 -3.77
HO3 GOL J . -30.97 0.92 -4.42
C1 GOL K . -55.69 -2.34 7.05
O1 GOL K . -55.92 -1.08 6.44
C2 GOL K . -55.20 -2.15 8.48
O2 GOL K . -56.07 -2.78 9.40
C3 GOL K . -53.79 -2.70 8.64
O3 GOL K . -53.35 -2.49 9.96
H11 GOL K . -54.94 -2.89 6.48
H12 GOL K . -56.60 -2.93 7.05
HO1 GOL K . -56.17 -1.22 5.50
H2 GOL K . -55.18 -1.08 8.70
HO2 GOL K . -56.06 -3.75 9.24
H31 GOL K . -53.11 -2.18 7.95
H32 GOL K . -53.77 -3.75 8.40
HO3 GOL K . -52.46 -2.88 10.07
C1 GOL L . -74.87 23.94 10.99
O1 GOL L . -74.40 22.83 11.72
C2 GOL L . -73.64 24.63 10.42
O2 GOL L . -72.50 24.18 11.12
C3 GOL L . -73.50 24.32 8.93
O3 GOL L . -74.14 25.33 8.19
H11 GOL L . -75.42 24.62 11.64
H12 GOL L . -75.53 23.61 10.20
HO1 GOL L . -75.15 22.39 12.17
H2 GOL L . -73.75 25.71 10.55
HO2 GOL L . -72.40 23.20 10.99
H31 GOL L . -73.96 23.36 8.70
H32 GOL L . -72.45 24.27 8.65
HO3 GOL L . -73.90 25.25 7.24
C1 PEG M . 23.79 19.72 14.33
O1 PEG M . 23.32 18.45 14.39
C2 PEG M . 22.88 20.53 13.46
O2 PEG M . 23.53 21.71 13.03
C3 PEG M . 23.81 22.69 14.06
C4 PEG M . 24.81 23.71 13.56
O4 PEG M . 26.11 23.20 13.63
H11 PEG M . 24.70 19.71 13.93
H12 PEG M . 23.83 20.12 15.26
HO1 PEG M . 23.86 17.98 14.86
H21 PEG M . 22.04 20.77 13.97
H22 PEG M . 22.63 19.97 12.65
H31 PEG M . 22.97 23.14 14.33
H32 PEG M . 24.20 22.20 14.86
H41 PEG M . 24.74 24.52 14.14
H42 PEG M . 24.59 23.95 12.62
HO4 PEG M . 26.70 23.88 13.65
C1 GOL N . -34.94 -6.94 0.85
O1 GOL N . -35.92 -6.44 1.73
C2 GOL N . -34.49 -8.36 1.26
O2 GOL N . -35.61 -9.21 1.40
C3 GOL N . -33.58 -8.95 0.21
O3 GOL N . -33.14 -10.22 0.64
H11 GOL N . -34.07 -6.29 0.85
H12 GOL N . -35.33 -6.98 -0.16
HO1 GOL N . -36.13 -5.52 1.48
H2 GOL N . -33.95 -8.30 2.21
HO2 GOL N . -36.07 -9.29 0.54
H31 GOL N . -32.72 -8.30 0.05
H32 GOL N . -34.12 -9.05 -0.74
HO3 GOL N . -33.89 -10.68 1.10
C1 PEG O . -37.15 -5.22 8.34
O1 PEG O . -36.48 -6.30 7.86
C2 PEG O . -36.32 -3.97 8.21
O2 PEG O . -35.66 -3.62 9.43
C3 PEG O . -36.33 -2.57 10.17
C4 PEG O . -35.92 -2.49 11.62
O4 PEG O . -34.97 -1.45 11.86
H11 PEG O . -37.37 -5.38 9.29
H12 PEG O . -38.01 -5.09 7.83
HO1 PEG O . -37.02 -6.96 7.81
H21 PEG O . -36.91 -3.20 7.93
H22 PEG O . -35.61 -4.12 7.49
H31 PEG O . -37.31 -2.75 10.14
H32 PEG O . -36.16 -1.68 9.72
H41 PEG O . -36.72 -2.31 12.18
H42 PEG O . -35.52 -3.36 11.89
HO4 PEG O . -34.81 -1.39 12.76
PG APC P . -10.92 14.94 38.37
O1G APC P . -11.31 15.62 37.09
O2G APC P . -11.38 13.50 38.35
O3G APC P . -9.42 14.97 38.55
PB APC P . -11.37 15.54 41.03
O1B APC P . -9.89 15.32 41.15
O2B APC P . -11.76 16.75 41.84
O3B APC P . -11.66 15.74 39.52
PA APC P . -11.72 13.29 43.01
O1A APC P . -11.83 11.78 42.89
O2A APC P . -10.27 13.62 43.07
C3A APC P . -12.34 14.03 41.43
O5' APC P . -12.48 13.79 44.30
C5' APC P . -13.90 14.02 44.28
C4' APC P . -14.71 12.79 44.36
O4' APC P . -14.54 11.90 43.13
C3' APC P . -14.37 11.97 45.54
O3' APC P . -15.52 11.84 46.41
C2' APC P . -14.09 10.64 45.08
O2' APC P . -14.67 9.71 46.02
C1' APC P . -14.72 10.54 43.75
N9 APC P . -14.14 9.51 43.05
C8 APC P . -14.19 8.24 43.45
N7 APC P . -13.56 7.47 42.59
C5 APC P . -13.09 8.20 41.60
C6 APC P . -12.37 7.91 40.44
N6 APC P . -12.01 6.58 40.18
N1 APC P . -12.04 8.88 39.60
C2 APC P . -12.39 10.17 39.86
N3 APC P . -13.10 10.49 40.97
C4 APC P . -13.46 9.54 41.86
H3A1 APC P . -12.20 13.38 40.71
H3A2 APC P . -13.30 14.25 41.51
H5'1 APC P . -14.13 14.58 45.04
H5'2 APC P . -14.13 14.51 43.46
H4' APC P . -15.66 13.04 44.41
H3' APC P . -13.62 12.35 46.03
HO3' APC P . -15.31 12.12 47.23
H2' APC P . -13.12 10.51 45.01
HO2' APC P . -14.07 9.50 46.65
H1' APC P . -15.69 10.37 43.86
H8 APC P . -14.61 7.93 44.26
HN61 APC P . -12.22 5.92 40.78
HN62 APC P . -11.54 6.38 39.40
H2 APC P . -12.13 10.87 39.24
C1 GOL Q . -41.80 -3.74 -5.77
O1 GOL Q . -40.98 -4.31 -6.77
C2 GOL Q . -41.40 -2.30 -5.51
O2 GOL Q . -42.10 -1.83 -4.38
C3 GOL Q . -39.89 -2.23 -5.29
O3 GOL Q . -39.21 -2.89 -6.33
H11 GOL Q . -41.70 -4.32 -4.85
H12 GOL Q . -42.84 -3.78 -6.09
HO1 GOL Q . -41.21 -5.26 -6.88
H2 GOL Q . -41.66 -1.70 -6.39
HO2 GOL Q . -41.86 -2.38 -3.60
H31 GOL Q . -39.65 -2.70 -4.33
H32 GOL Q . -39.58 -1.19 -5.24
HO3 GOL Q . -38.25 -2.86 -6.17
#